data_6IP1
#
_entry.id   6IP1
#
_cell.length_a   1
_cell.length_b   1
_cell.length_c   1
_cell.angle_alpha   90
_cell.angle_beta   90
_cell.angle_gamma   90
#
_symmetry.space_group_name_H-M   'P 1'
#
loop_
_entity.id
_entity.type
_entity.pdbx_description
1 polymer 'Vesicle-associated membrane protein 2'
2 polymer Syntaxin-1A
3 polymer 'Synaptosomal-associated protein 25'
4 polymer 'Synaptosomal-associated protein 25'
5 polymer 'Alpha-soluble NSF attachment protein'
#
loop_
_entity_poly.entity_id
_entity_poly.type
_entity_poly.pdbx_seq_one_letter_code
_entity_poly.pdbx_strand_id
1 'polypeptide(L)'
;GSHMSATAATVPPAAPAGEGGPPAPPPNLTSNRRLQQTQAQVDEVVDIMRVNVDKVLERDQKLSELDDRADALQAGASQF
ETSAAKLKRKYWWKNLK
;
A
2 'polypeptide(L)'
;GSKDRTQELRTAKDSDDDDDVTVTVDRDRFMDEFFEQVEEIRGFIDKIAENVEEVKRKHSAILASPNPDEKTKEELEELM
SDIKKTANKVRSKLKSIEQSIEQEEGLNRSSADLRIRKTQHSTLSRKFVEVMSEYNATQSDYRERCKGRIQRQLEITGRT
TTSEELEDMLESGNPAIFASGIIMDSSISKQALSEIETRHSEIIKLENSIRELHDMFMDMAMLVESQGEMIDRIEYNVEH
AVDYVERAVSDTKK
;
B
3 'polypeptide(L)'
;GSMAEDADMRNELEEMQRRADQLADESLESTRRMLQLVEESKDAGIRTLVMLDEQGEQLERIEEGMDQINKDMKEAEKNL
TDLGKFCGLCVCPCNKLKSSDA
;
C
4 'polypeptide(L)'
;GSQMAISGGFIRRVTNDARENEMDENLEQVSGIIGNLRHMALDMGNEIDTQNRQIDRIMEKADSNKTRIDEANQRATKML
GSG
;
D
5 'polypeptide(L)'
;GSMRGSHHHHHHGSMDNSGKEAEAMALLAEAERKVKNSQSFFSGLFGGSSKIEEACEIYARAANMFKMAKNWSAAGSAFC
QAAQLHLQLQSKHDAATCFVDAGNAFKKADPQEAINCLMRAIEIYTDMGRFTIAAKHHISIAEIYETELVDIEKAIAHYE
QSADYYKGEESNSSANKCLLKVAGYAAQLEQYQKAIDIYEQVGTNAMDSPLLKYSAKDYFFKAALCHFCIDMLNAKLAVQ
KYEELFPAFSDSRECKLMKKLLEAHEEQNVDSYTEAVKEYDSISRLDQWLTTMLLRIKKTIQGDEEDLR
;
E,F,G,H
#
# COMPACT_ATOMS: atom_id res chain seq x y z
N THR A 30 -21.36 13.99 29.30
CA THR A 30 -21.77 14.23 30.67
C THR A 30 -23.29 14.17 30.79
N SER A 31 -23.96 14.17 29.64
CA SER A 31 -25.41 14.07 29.55
C SER A 31 -25.75 13.58 28.16
N ASN A 32 -27.02 13.74 27.76
CA ASN A 32 -27.44 13.35 26.42
C ASN A 32 -26.77 14.20 25.35
N ARG A 33 -26.56 15.49 25.63
CA ARG A 33 -26.03 16.40 24.63
C ARG A 33 -24.56 16.12 24.33
N ARG A 34 -23.76 15.87 25.36
CA ARG A 34 -22.36 15.54 25.13
C ARG A 34 -22.17 14.11 24.66
N LEU A 35 -23.20 13.26 24.79
CA LEU A 35 -23.16 11.98 24.08
C LEU A 35 -23.36 12.20 22.59
N GLN A 36 -24.30 13.06 22.22
CA GLN A 36 -24.60 13.31 20.81
C GLN A 36 -23.51 14.08 20.10
N GLN A 37 -22.52 14.62 20.82
CA GLN A 37 -21.25 14.94 20.18
C GLN A 37 -20.62 13.67 19.65
N THR A 38 -20.40 12.69 20.53
CA THR A 38 -19.73 11.44 20.16
C THR A 38 -20.58 10.63 19.20
N GLN A 39 -21.90 10.66 19.39
CA GLN A 39 -22.81 9.92 18.51
C GLN A 39 -22.74 10.42 17.08
N ALA A 40 -22.59 11.72 16.89
CA ALA A 40 -22.32 12.23 15.56
C ALA A 40 -20.87 12.04 15.17
N GLN A 41 -19.97 11.93 16.15
CA GLN A 41 -18.56 11.88 15.83
C GLN A 41 -18.15 10.51 15.31
N VAL A 42 -18.68 9.45 15.92
CA VAL A 42 -18.41 8.10 15.44
C VAL A 42 -19.11 7.90 14.09
N ASP A 43 -20.19 8.64 13.83
CA ASP A 43 -20.81 8.61 12.50
C ASP A 43 -19.89 9.21 11.44
N GLU A 44 -19.02 10.15 11.84
CA GLU A 44 -18.05 10.68 10.89
C GLU A 44 -16.93 9.68 10.66
N VAL A 45 -16.51 8.97 11.71
CA VAL A 45 -15.38 8.03 11.61
C VAL A 45 -15.72 6.89 10.68
N VAL A 46 -16.97 6.40 10.73
CA VAL A 46 -17.41 5.38 9.79
C VAL A 46 -17.41 5.92 8.37
N ASP A 47 -17.97 7.09 8.20
CA ASP A 47 -17.99 7.66 6.88
C ASP A 47 -16.55 7.78 6.44
N ILE A 48 -15.76 8.53 7.17
CA ILE A 48 -14.36 8.68 6.75
C ILE A 48 -13.81 7.32 6.36
N MET A 49 -14.09 6.31 7.16
CA MET A 49 -13.60 4.99 6.82
C MET A 49 -14.41 4.37 5.68
N ARG A 50 -15.61 4.86 5.43
CA ARG A 50 -16.37 4.41 4.25
C ARG A 50 -15.70 4.87 2.96
N VAL A 51 -14.90 5.94 3.02
CA VAL A 51 -14.01 6.28 1.93
C VAL A 51 -12.77 5.40 1.97
N ASN A 52 -12.29 5.10 3.18
CA ASN A 52 -10.97 4.52 3.34
C ASN A 52 -10.90 3.07 2.91
N VAL A 53 -12.02 2.35 2.98
CA VAL A 53 -11.99 0.96 2.57
C VAL A 53 -11.91 0.85 1.05
N ASP A 54 -12.42 1.87 0.34
CA ASP A 54 -12.31 1.88 -1.11
C ASP A 54 -10.88 2.08 -1.57
N LYS A 55 -10.15 3.02 -0.96
CA LYS A 55 -8.80 3.30 -1.41
C LYS A 55 -7.85 2.16 -1.05
N VAL A 56 -8.07 1.52 0.08
CA VAL A 56 -7.19 0.44 0.48
C VAL A 56 -7.51 -0.83 -0.30
N LEU A 57 -8.68 -0.89 -0.93
CA LEU A 57 -9.02 -2.08 -1.71
C LEU A 57 -8.38 -2.05 -3.09
N GLU A 58 -8.49 -0.90 -3.76
CA GLU A 58 -7.95 -0.72 -5.10
C GLU A 58 -6.47 -1.01 -5.20
N ARG A 59 -5.72 -0.61 -4.18
CA ARG A 59 -4.28 -0.83 -4.19
C ARG A 59 -3.91 -2.28 -3.98
N ASP A 60 -4.89 -3.04 -3.52
CA ASP A 60 -4.72 -4.46 -3.34
C ASP A 60 -4.59 -5.06 -4.73
N GLN A 61 -5.60 -4.83 -5.56
CA GLN A 61 -5.63 -5.34 -6.93
C GLN A 61 -4.64 -4.63 -7.83
N LYS A 62 -4.18 -3.45 -7.44
CA LYS A 62 -3.11 -2.82 -8.20
C LYS A 62 -1.79 -3.52 -7.96
N LEU A 63 -1.54 -3.96 -6.72
CA LEU A 63 -0.30 -4.69 -6.48
C LEU A 63 -0.37 -6.13 -6.96
N SER A 64 -1.53 -6.79 -6.79
CA SER A 64 -1.64 -8.18 -7.18
C SER A 64 -1.53 -8.37 -8.69
N GLU A 65 -1.82 -7.33 -9.45
CA GLU A 65 -1.51 -7.32 -10.87
C GLU A 65 -0.10 -6.79 -11.13
N LEU A 66 0.44 -5.98 -10.21
CA LEU A 66 1.84 -5.58 -10.32
C LEU A 66 2.77 -6.73 -9.97
N ASP A 67 2.26 -7.72 -9.24
CA ASP A 67 2.99 -8.97 -9.05
C ASP A 67 3.32 -9.62 -10.40
N ASP A 68 2.32 -9.73 -11.27
CA ASP A 68 2.52 -10.39 -12.54
C ASP A 68 3.31 -9.53 -13.52
N ARG A 69 3.26 -8.21 -13.36
CA ARG A 69 4.09 -7.36 -14.20
C ARG A 69 5.55 -7.49 -13.79
N ALA A 70 5.84 -7.26 -12.51
CA ALA A 70 7.22 -7.20 -12.03
C ALA A 70 7.85 -8.58 -11.85
N ASP A 71 7.12 -9.66 -12.11
CA ASP A 71 7.75 -10.97 -12.14
C ASP A 71 7.92 -11.51 -13.55
N ALA A 72 7.04 -11.12 -14.47
CA ALA A 72 7.35 -11.26 -15.87
C ALA A 72 8.46 -10.31 -16.29
N LEU A 73 8.68 -9.24 -15.53
CA LEU A 73 9.82 -8.38 -15.77
C LEU A 73 11.12 -9.11 -15.49
N GLN A 74 11.13 -9.97 -14.47
CA GLN A 74 12.31 -10.79 -14.20
C GLN A 74 12.54 -11.79 -15.30
N ALA A 75 11.52 -12.57 -15.63
CA ALA A 75 11.64 -13.58 -16.68
C ALA A 75 11.73 -12.96 -18.06
N GLY A 76 11.37 -11.69 -18.22
CA GLY A 76 11.76 -10.97 -19.41
C GLY A 76 13.22 -10.57 -19.39
N ALA A 77 13.73 -10.18 -18.22
CA ALA A 77 15.11 -9.77 -18.11
C ALA A 77 16.05 -10.96 -17.94
N SER A 78 15.61 -12.01 -17.25
CA SER A 78 16.46 -13.19 -17.12
C SER A 78 16.62 -13.90 -18.45
N GLN A 79 15.56 -13.92 -19.27
CA GLN A 79 15.68 -14.44 -20.62
C GLN A 79 16.54 -13.54 -21.49
N PHE A 80 16.60 -12.25 -21.16
CA PHE A 80 17.29 -11.29 -22.00
C PHE A 80 18.80 -11.50 -21.97
N GLU A 81 19.38 -11.33 -20.78
CA GLU A 81 20.81 -11.49 -20.58
C GLU A 81 21.21 -12.86 -21.10
N THR A 82 20.49 -13.89 -20.66
CA THR A 82 20.79 -15.25 -21.11
C THR A 82 21.00 -15.29 -22.62
N SER A 83 20.13 -14.60 -23.38
CA SER A 83 20.32 -14.49 -24.81
C SER A 83 21.48 -13.56 -25.16
N ALA A 84 21.93 -12.72 -24.22
CA ALA A 84 23.14 -11.94 -24.41
C ALA A 84 24.35 -12.59 -23.80
N ALA A 85 24.16 -13.59 -22.93
CA ALA A 85 25.20 -14.59 -22.73
C ALA A 85 25.33 -15.49 -23.94
N LYS A 86 24.27 -15.59 -24.73
CA LYS A 86 24.31 -16.41 -25.94
C LYS A 86 24.79 -15.59 -27.13
N LEU A 87 24.87 -14.28 -26.96
CA LEU A 87 25.29 -13.39 -28.04
C LEU A 87 26.79 -13.06 -28.03
N LYS A 88 27.52 -13.56 -27.04
CA LYS A 88 28.95 -13.30 -26.96
C LYS A 88 29.76 -14.26 -27.83
N ARG A 89 29.66 -14.08 -29.14
CA ARG A 89 30.39 -14.93 -30.08
C ARG A 89 31.37 -14.12 -30.93
N LYS A 90 32.49 -14.74 -31.27
CA LYS A 90 33.51 -14.07 -32.07
C LYS A 90 34.08 -12.86 -31.34
N TYR A 91 34.06 -12.92 -30.02
CA TYR A 91 34.58 -11.83 -29.20
C TYR A 91 36.07 -11.62 -29.43
N TRP A 92 36.81 -12.72 -29.55
CA TRP A 92 38.24 -12.66 -29.77
C TRP A 92 38.58 -11.74 -30.94
N LEU B 193 -37.58 6.31 35.38
CA LEU B 193 -37.58 5.22 34.42
C LEU B 193 -37.26 5.77 33.04
N SER B 194 -38.17 6.60 32.54
CA SER B 194 -38.11 7.11 31.16
C SER B 194 -36.94 8.05 30.91
N GLU B 195 -36.30 8.55 31.95
CA GLU B 195 -35.19 9.47 31.78
C GLU B 195 -33.90 8.77 31.41
N ILE B 196 -33.79 7.47 31.66
CA ILE B 196 -32.65 6.69 31.22
C ILE B 196 -33.04 5.59 30.24
N GLU B 197 -34.29 5.11 30.26
CA GLU B 197 -34.77 4.17 29.25
C GLU B 197 -34.77 4.80 27.86
N THR B 198 -35.08 6.09 27.78
CA THR B 198 -34.84 6.83 26.55
C THR B 198 -33.34 6.93 26.27
N ARG B 199 -32.55 7.14 27.32
CA ARG B 199 -31.12 7.39 27.18
C ARG B 199 -30.34 6.12 26.89
N HIS B 200 -30.53 5.07 27.71
CA HIS B 200 -29.72 3.86 27.59
C HIS B 200 -30.04 3.07 26.33
N SER B 201 -31.31 3.08 25.89
CA SER B 201 -31.66 2.44 24.63
C SER B 201 -31.06 3.16 23.43
N GLU B 202 -30.64 4.41 23.61
CA GLU B 202 -29.85 5.11 22.62
C GLU B 202 -28.34 4.89 22.81
N ILE B 203 -27.90 4.55 24.02
CA ILE B 203 -26.50 4.16 24.22
C ILE B 203 -26.21 2.85 23.51
N ILE B 204 -27.20 1.96 23.45
CA ILE B 204 -27.03 0.69 22.74
C ILE B 204 -26.88 0.93 21.24
N LYS B 205 -27.52 1.98 20.72
CA LYS B 205 -27.30 2.38 19.33
C LYS B 205 -25.86 2.85 19.11
N LEU B 206 -25.23 3.41 20.14
CA LEU B 206 -23.84 3.82 20.00
C LEU B 206 -22.91 2.62 20.00
N GLU B 207 -23.19 1.62 20.83
CA GLU B 207 -22.38 0.41 20.82
C GLU B 207 -22.69 -0.47 19.62
N ASN B 208 -23.90 -0.38 19.09
CA ASN B 208 -24.18 -1.02 17.81
C ASN B 208 -23.52 -0.28 16.67
N SER B 209 -23.19 1.00 16.85
CA SER B 209 -22.46 1.73 15.83
C SER B 209 -20.98 1.36 15.84
N ILE B 210 -20.38 1.25 17.03
CA ILE B 210 -18.94 1.01 17.10
C ILE B 210 -18.62 -0.43 16.73
N ARG B 211 -19.56 -1.34 16.93
CA ARG B 211 -19.38 -2.71 16.47
C ARG B 211 -19.30 -2.79 14.95
N GLU B 212 -20.03 -1.92 14.25
CA GLU B 212 -19.85 -1.77 12.81
C GLU B 212 -18.49 -1.14 12.51
N LEU B 213 -18.04 -0.24 13.38
CA LEU B 213 -16.76 0.43 13.19
C LEU B 213 -15.59 -0.50 13.53
N HIS B 214 -15.77 -1.36 14.54
CA HIS B 214 -14.67 -2.18 15.03
C HIS B 214 -14.31 -3.28 14.04
N ASP B 215 -15.31 -3.90 13.41
CA ASP B 215 -15.02 -4.96 12.45
C ASP B 215 -14.41 -4.42 11.17
N MET B 216 -14.55 -3.13 10.93
CA MET B 216 -14.01 -2.56 9.71
C MET B 216 -12.52 -2.31 9.84
N PHE B 217 -12.06 -1.92 11.03
CA PHE B 217 -10.61 -1.72 11.21
C PHE B 217 -9.88 -3.05 11.19
N MET B 218 -10.42 -4.07 11.86
CA MET B 218 -9.74 -5.36 11.91
C MET B 218 -9.71 -6.03 10.55
N ASP B 219 -10.70 -5.75 9.70
CA ASP B 219 -10.63 -6.21 8.33
C ASP B 219 -9.62 -5.37 7.54
N MET B 220 -9.53 -4.08 7.86
CA MET B 220 -8.56 -3.22 7.21
C MET B 220 -7.15 -3.55 7.67
N ALA B 221 -6.97 -3.69 9.00
CA ALA B 221 -5.65 -4.07 9.52
C ALA B 221 -5.30 -5.51 9.17
N MET B 222 -6.27 -6.34 8.82
CA MET B 222 -5.96 -7.57 8.11
C MET B 222 -5.48 -7.26 6.70
N LEU B 223 -6.18 -6.38 5.99
CA LEU B 223 -5.97 -6.23 4.56
C LEU B 223 -4.67 -5.50 4.24
N VAL B 224 -4.21 -4.63 5.14
CA VAL B 224 -2.94 -3.96 4.90
C VAL B 224 -1.79 -4.95 5.02
N GLU B 225 -1.83 -5.80 6.03
CA GLU B 225 -0.82 -6.87 6.13
C GLU B 225 -1.00 -7.90 5.03
N SER B 226 -2.25 -8.19 4.66
CA SER B 226 -2.53 -9.03 3.50
C SER B 226 -1.96 -8.44 2.23
N GLN B 227 -1.86 -7.11 2.18
CA GLN B 227 -1.10 -6.44 1.14
C GLN B 227 0.37 -6.29 1.54
N GLY B 228 0.68 -6.30 2.83
CA GLY B 228 2.04 -6.12 3.30
C GLY B 228 3.00 -7.24 3.00
N GLU B 229 2.51 -8.35 2.44
CA GLU B 229 3.39 -9.40 1.94
C GLU B 229 3.49 -9.39 0.43
N MET B 230 2.43 -8.97 -0.26
CA MET B 230 2.54 -8.68 -1.68
C MET B 230 3.53 -7.57 -1.96
N ILE B 231 3.70 -6.65 -1.02
CA ILE B 231 4.68 -5.59 -1.20
C ILE B 231 6.09 -6.11 -0.89
N ASP B 232 6.21 -7.25 -0.22
CA ASP B 232 7.52 -7.83 -0.02
C ASP B 232 7.94 -8.60 -1.26
N ARG B 233 7.02 -9.39 -1.81
CA ARG B 233 7.33 -10.21 -2.98
C ARG B 233 7.44 -9.39 -4.25
N ILE B 234 7.21 -8.09 -4.21
CA ILE B 234 7.65 -7.18 -5.25
C ILE B 234 9.07 -6.71 -4.98
N GLU B 235 9.37 -6.45 -3.71
CA GLU B 235 10.58 -5.75 -3.30
C GLU B 235 11.84 -6.50 -3.71
N TYR B 236 12.01 -7.73 -3.19
CA TYR B 236 13.17 -8.49 -3.62
C TYR B 236 13.03 -9.03 -5.04
N ASN B 237 11.80 -9.06 -5.57
CA ASN B 237 11.63 -9.42 -6.97
C ASN B 237 12.13 -8.31 -7.89
N VAL B 238 11.94 -7.05 -7.48
CA VAL B 238 12.59 -5.95 -8.19
C VAL B 238 14.09 -6.04 -8.03
N GLU B 239 14.55 -6.34 -6.81
CA GLU B 239 15.97 -6.46 -6.52
C GLU B 239 16.64 -7.61 -7.27
N HIS B 240 15.87 -8.61 -7.70
CA HIS B 240 16.38 -9.53 -8.71
C HIS B 240 16.60 -8.81 -10.03
N ALA B 241 15.53 -8.27 -10.62
CA ALA B 241 15.56 -7.78 -11.98
C ALA B 241 16.37 -6.50 -12.15
N VAL B 242 16.70 -5.81 -11.07
CA VAL B 242 17.67 -4.74 -11.16
C VAL B 242 19.03 -5.29 -11.56
N ASP B 243 19.42 -6.40 -10.93
CA ASP B 243 20.76 -6.92 -11.17
C ASP B 243 20.87 -7.63 -12.51
N TYR B 244 19.82 -8.33 -12.96
CA TYR B 244 19.83 -8.96 -14.28
C TYR B 244 20.02 -7.93 -15.38
N VAL B 245 19.49 -6.72 -15.19
CA VAL B 245 19.77 -5.63 -16.10
C VAL B 245 21.12 -5.00 -15.75
N GLU B 246 21.51 -4.99 -14.48
CA GLU B 246 22.82 -4.48 -14.12
C GLU B 246 23.92 -5.40 -14.62
N ARG B 247 23.68 -6.71 -14.60
CA ARG B 247 24.57 -7.63 -15.30
C ARG B 247 24.47 -7.45 -16.80
N ALA B 248 23.34 -6.94 -17.29
CA ALA B 248 23.18 -6.74 -18.72
C ALA B 248 23.86 -5.46 -19.19
N VAL B 249 23.78 -4.39 -18.40
CA VAL B 249 24.23 -3.08 -18.87
C VAL B 249 25.75 -3.04 -19.00
N SER B 250 26.48 -3.81 -18.20
CA SER B 250 27.91 -3.85 -18.37
C SER B 250 28.30 -4.69 -19.57
N ASP B 251 27.54 -5.73 -19.85
CA ASP B 251 27.89 -6.64 -20.94
C ASP B 251 27.47 -6.10 -22.30
N THR B 252 26.38 -5.35 -22.35
CA THR B 252 25.80 -4.95 -23.64
C THR B 252 26.65 -3.89 -24.33
N LYS B 253 27.18 -2.93 -23.56
CA LYS B 253 28.01 -1.87 -24.14
C LYS B 253 29.37 -2.36 -24.62
N LYS B 254 29.77 -3.57 -24.26
CA LYS B 254 31.03 -4.16 -24.70
C LYS B 254 31.02 -4.46 -26.20
N ARG C 19 -35.67 -2.83 37.85
CA ARG C 19 -35.56 -2.51 36.43
C ARG C 19 -34.73 -1.25 36.24
N ALA C 20 -35.06 -0.21 37.00
CA ALA C 20 -34.34 1.05 36.89
C ALA C 20 -32.91 0.92 37.37
N ASP C 21 -32.75 0.28 38.52
CA ASP C 21 -31.43 0.05 39.09
C ASP C 21 -30.69 -0.93 38.19
N GLN C 22 -31.44 -1.92 37.70
CA GLN C 22 -30.90 -2.93 36.81
C GLN C 22 -30.42 -2.31 35.50
N LEU C 23 -31.18 -1.34 35.00
CA LEU C 23 -30.82 -0.68 33.76
C LEU C 23 -29.48 0.02 33.96
N ALA C 24 -29.32 0.65 35.12
CA ALA C 24 -28.07 1.32 35.43
C ALA C 24 -26.97 0.28 35.49
N ASP C 25 -27.29 -0.86 36.11
CA ASP C 25 -26.33 -1.95 36.22
C ASP C 25 -26.01 -2.49 34.84
N GLU C 26 -27.05 -2.60 34.01
CA GLU C 26 -26.89 -3.08 32.64
C GLU C 26 -26.01 -2.09 31.89
N SER C 27 -26.25 -0.81 32.16
CA SER C 27 -25.49 0.26 31.52
C SER C 27 -24.04 0.24 31.95
N LEU C 28 -23.76 -0.28 33.15
CA LEU C 28 -22.38 -0.43 33.60
C LEU C 28 -21.62 -1.42 32.72
N GLU C 29 -22.17 -2.62 32.54
CA GLU C 29 -21.54 -3.57 31.65
C GLU C 29 -21.73 -3.20 30.19
N SER C 30 -22.64 -2.28 29.89
CA SER C 30 -22.66 -1.64 28.58
C SER C 30 -21.46 -0.71 28.42
N THR C 31 -21.35 0.29 29.29
CA THR C 31 -20.32 1.31 29.14
C THR C 31 -18.92 0.76 29.39
N ARG C 32 -18.81 -0.35 30.14
CA ARG C 32 -17.52 -1.00 30.31
C ARG C 32 -17.03 -1.57 28.98
N ARG C 33 -17.85 -2.40 28.33
CA ARG C 33 -17.46 -2.97 27.05
C ARG C 33 -17.54 -1.96 25.91
N MET C 34 -18.10 -0.76 26.17
CA MET C 34 -18.17 0.26 25.14
C MET C 34 -16.78 0.82 24.84
N LEU C 35 -16.08 1.29 25.88
CA LEU C 35 -14.68 1.68 25.70
C LEU C 35 -13.81 0.49 25.39
N GLN C 36 -14.14 -0.68 25.94
CA GLN C 36 -13.39 -1.90 25.66
C GLN C 36 -13.64 -2.39 24.24
N LEU C 37 -14.62 -1.82 23.55
CA LEU C 37 -14.64 -1.94 22.11
C LEU C 37 -13.84 -0.83 21.43
N VAL C 38 -13.65 0.31 22.07
CA VAL C 38 -13.15 1.48 21.36
C VAL C 38 -11.81 1.99 21.87
N GLU C 39 -11.35 1.59 23.05
CA GLU C 39 -9.91 1.55 23.28
C GLU C 39 -9.31 0.44 22.44
N GLU C 40 -10.10 -0.59 22.18
CA GLU C 40 -9.70 -1.67 21.31
C GLU C 40 -9.63 -1.24 19.86
N SER C 41 -10.45 -0.28 19.44
CA SER C 41 -10.31 0.20 18.08
C SER C 41 -9.07 1.06 17.89
N LYS C 42 -8.50 1.56 18.98
CA LYS C 42 -7.39 2.49 18.88
C LYS C 42 -6.08 1.79 18.54
N ASP C 43 -5.80 0.63 19.16
CA ASP C 43 -4.49 0.01 18.94
C ASP C 43 -4.41 -0.62 17.57
N ALA C 44 -5.54 -1.01 16.98
CA ALA C 44 -5.53 -1.38 15.57
C ALA C 44 -5.43 -0.14 14.69
N GLY C 45 -5.95 0.99 15.17
CA GLY C 45 -5.78 2.23 14.42
C GLY C 45 -4.34 2.69 14.42
N ILE C 46 -3.62 2.44 15.52
CA ILE C 46 -2.21 2.82 15.53
C ILE C 46 -1.36 1.74 14.89
N ARG C 47 -1.87 0.51 14.73
CA ARG C 47 -1.09 -0.54 14.11
C ARG C 47 -1.00 -0.35 12.61
N THR C 48 -2.11 0.07 12.00
CA THR C 48 -2.11 0.31 10.56
C THR C 48 -1.23 1.48 10.20
N LEU C 49 -1.19 2.50 11.06
CA LEU C 49 -0.38 3.68 10.79
C LEU C 49 1.11 3.38 10.88
N VAL C 50 1.51 2.49 11.78
CA VAL C 50 2.88 2.03 11.76
C VAL C 50 3.13 1.16 10.53
N MET C 51 2.15 0.33 10.18
CA MET C 51 2.34 -0.59 9.07
C MET C 51 2.24 0.11 7.72
N LEU C 52 1.36 1.11 7.58
CA LEU C 52 1.26 1.83 6.32
C LEU C 52 2.50 2.67 6.07
N ASP C 53 3.01 3.33 7.10
CA ASP C 53 4.19 4.15 6.90
C ASP C 53 5.41 3.28 6.66
N GLU C 54 5.42 2.06 7.20
CA GLU C 54 6.50 1.14 6.91
C GLU C 54 6.44 0.66 5.47
N GLN C 55 5.23 0.59 4.89
CA GLN C 55 5.14 0.23 3.47
C GLN C 55 5.55 1.39 2.57
N GLY C 56 5.60 2.61 3.09
CA GLY C 56 6.02 3.74 2.28
C GLY C 56 7.45 3.60 1.81
N GLU C 57 8.34 3.21 2.71
CA GLU C 57 9.71 2.96 2.28
C GLU C 57 9.84 1.61 1.61
N GLN C 58 8.87 0.72 1.77
CA GLN C 58 8.81 -0.39 0.84
C GLN C 58 8.45 0.11 -0.53
N LEU C 59 7.51 1.05 -0.61
CA LEU C 59 7.17 1.66 -1.90
C LEU C 59 8.21 2.65 -2.37
N GLU C 60 9.08 3.11 -1.49
CA GLU C 60 10.10 4.04 -1.95
C GLU C 60 11.21 3.32 -2.68
N ARG C 61 11.58 2.13 -2.19
CA ARG C 61 12.67 1.37 -2.79
C ARG C 61 12.30 0.88 -4.18
N ILE C 62 11.02 0.64 -4.44
CA ILE C 62 10.62 0.17 -5.74
C ILE C 62 10.67 1.30 -6.77
N GLU C 63 10.28 2.51 -6.36
CA GLU C 63 10.30 3.67 -7.26
C GLU C 63 11.72 4.02 -7.66
N GLU C 64 12.61 4.04 -6.67
CA GLU C 64 14.02 4.33 -6.91
C GLU C 64 14.64 3.19 -7.71
N GLY C 65 14.27 1.97 -7.32
CA GLY C 65 14.75 0.76 -7.96
C GLY C 65 14.32 0.62 -9.40
N MET C 66 13.06 0.99 -9.66
CA MET C 66 12.51 0.91 -11.00
C MET C 66 13.29 1.82 -11.94
N ASP C 67 13.66 2.99 -11.43
CA ASP C 67 14.42 3.93 -12.23
C ASP C 67 15.68 3.22 -12.61
N GLN C 68 16.58 3.00 -11.66
CA GLN C 68 17.80 2.24 -11.95
C GLN C 68 17.38 0.94 -12.63
N ILE C 69 16.13 0.55 -12.35
CA ILE C 69 15.50 -0.62 -12.92
C ILE C 69 15.18 -0.35 -14.37
N ASN C 70 15.31 0.90 -14.79
CA ASN C 70 15.03 1.34 -16.14
C ASN C 70 16.23 1.98 -16.78
N LYS C 71 16.83 3.01 -16.14
CA LYS C 71 17.98 3.76 -16.74
C LYS C 71 19.23 2.94 -17.05
N ASP C 72 19.77 2.21 -16.07
CA ASP C 72 20.95 1.40 -16.35
C ASP C 72 20.55 0.40 -17.43
N MET C 73 19.35 -0.13 -17.30
CA MET C 73 18.79 -1.08 -18.26
C MET C 73 18.57 -0.38 -19.61
N LYS C 74 18.17 0.88 -19.54
CA LYS C 74 17.87 1.69 -20.72
C LYS C 74 19.04 1.91 -21.67
N GLU C 75 20.24 2.09 -21.13
CA GLU C 75 21.41 2.33 -21.98
C GLU C 75 21.61 1.15 -22.92
N ALA C 76 21.40 -0.06 -22.39
CA ALA C 76 21.53 -1.28 -23.18
C ALA C 76 20.66 -1.22 -24.42
N GLU C 77 19.51 -0.54 -24.34
CA GLU C 77 18.68 -0.35 -25.52
C GLU C 77 19.32 0.62 -26.50
N LYS C 78 20.02 1.64 -26.00
CA LYS C 78 20.76 2.53 -26.88
C LYS C 78 21.92 1.81 -27.54
N ASN C 79 22.52 0.83 -26.86
CA ASN C 79 23.65 0.08 -27.38
C ASN C 79 23.24 -1.02 -28.35
N LEU C 80 21.95 -1.12 -28.69
CA LEU C 80 21.47 -2.14 -29.61
C LEU C 80 22.00 -1.95 -31.03
N THR C 81 22.38 -0.73 -31.40
CA THR C 81 22.96 -0.50 -32.72
C THR C 81 24.30 -1.22 -32.86
N ASP C 82 25.04 -1.36 -31.75
CA ASP C 82 26.25 -2.17 -31.75
C ASP C 82 25.92 -3.64 -31.99
N LEU C 83 24.81 -4.12 -31.44
CA LEU C 83 24.38 -5.50 -31.60
C LEU C 83 23.94 -5.76 -33.05
N ALA D 18 -21.51 7.83 41.87
CA ALA D 18 -20.47 6.84 41.65
C ALA D 18 -20.87 5.92 40.51
N ARG D 19 -22.16 5.88 40.22
CA ARG D 19 -22.66 5.14 39.06
C ARG D 19 -22.78 6.05 37.85
N GLU D 20 -23.60 7.10 37.95
CA GLU D 20 -23.68 8.11 36.89
C GLU D 20 -22.41 8.95 36.82
N ASN D 21 -21.58 8.91 37.85
CA ASN D 21 -20.26 9.54 37.78
C ASN D 21 -19.38 8.84 36.76
N GLU D 22 -19.22 7.51 36.90
CA GLU D 22 -18.31 6.79 36.02
C GLU D 22 -18.86 6.65 34.61
N MET D 23 -20.18 6.74 34.42
CA MET D 23 -20.74 6.83 33.07
C MET D 23 -20.22 8.08 32.38
N ASP D 24 -20.18 9.19 33.12
CA ASP D 24 -19.51 10.38 32.62
C ASP D 24 -18.02 10.15 32.51
N GLU D 25 -17.40 9.63 33.58
CA GLU D 25 -15.94 9.44 33.62
C GLU D 25 -15.44 8.42 32.62
N ASN D 26 -16.33 7.57 32.09
CA ASN D 26 -15.97 6.80 30.90
C ASN D 26 -16.27 7.57 29.63
N LEU D 27 -17.43 8.19 29.52
CA LEU D 27 -17.71 8.96 28.31
C LEU D 27 -16.94 10.27 28.26
N GLU D 28 -16.30 10.69 29.36
CA GLU D 28 -15.27 11.71 29.22
C GLU D 28 -14.04 11.12 28.54
N GLN D 29 -13.56 9.97 29.01
CA GLN D 29 -12.37 9.40 28.42
C GLN D 29 -12.63 8.67 27.12
N VAL D 30 -13.88 8.31 26.83
CA VAL D 30 -14.19 7.79 25.50
C VAL D 30 -14.10 8.90 24.46
N SER D 31 -14.70 10.05 24.75
CA SER D 31 -14.57 11.19 23.86
C SER D 31 -13.16 11.75 23.85
N GLY D 32 -12.34 11.42 24.84
CA GLY D 32 -10.91 11.64 24.73
C GLY D 32 -10.19 10.66 23.84
N ILE D 33 -10.86 9.59 23.41
CA ILE D 33 -10.26 8.68 22.44
C ILE D 33 -10.71 9.03 21.03
N ILE D 34 -12.00 9.32 20.84
CA ILE D 34 -12.54 9.48 19.49
C ILE D 34 -12.06 10.77 18.85
N GLY D 35 -11.85 11.82 19.64
CA GLY D 35 -11.19 13.01 19.14
C GLY D 35 -9.74 12.76 18.71
N ASN D 36 -9.13 11.69 19.23
CA ASN D 36 -7.85 11.19 18.73
C ASN D 36 -8.03 10.10 17.69
N LEU D 37 -9.09 9.28 17.83
CA LEU D 37 -9.26 8.14 16.94
C LEU D 37 -9.63 8.57 15.53
N ARG D 38 -10.39 9.65 15.39
CA ARG D 38 -10.59 10.21 14.06
C ARG D 38 -9.29 10.79 13.52
N HIS D 39 -8.59 11.48 14.39
CA HIS D 39 -7.34 12.11 14.03
C HIS D 39 -6.42 11.09 13.38
N MET D 40 -6.17 10.00 14.08
CA MET D 40 -5.27 8.99 13.56
C MET D 40 -5.85 8.26 12.35
N ALA D 41 -7.18 8.16 12.25
CA ALA D 41 -7.76 7.56 11.06
C ALA D 41 -7.83 8.53 9.90
N LEU D 42 -7.60 9.82 10.15
CA LEU D 42 -7.65 10.78 9.07
C LEU D 42 -6.36 10.73 8.26
N ASP D 43 -5.22 10.59 8.94
CA ASP D 43 -3.96 10.46 8.23
C ASP D 43 -3.90 9.15 7.47
N MET D 44 -4.50 8.10 8.03
CA MET D 44 -4.61 6.82 7.33
C MET D 44 -5.43 6.95 6.06
N GLY D 45 -6.44 7.82 6.06
CA GLY D 45 -7.14 8.13 4.83
C GLY D 45 -6.36 8.99 3.86
N ASN D 46 -5.25 9.58 4.32
CA ASN D 46 -4.38 10.40 3.49
C ASN D 46 -3.11 9.67 3.08
N GLU D 47 -2.56 8.87 3.99
CA GLU D 47 -1.31 8.16 3.74
C GLU D 47 -1.46 7.14 2.62
N ILE D 48 -2.65 6.58 2.47
CA ILE D 48 -2.90 5.66 1.38
C ILE D 48 -2.98 6.41 0.06
N ASP D 49 -3.53 7.63 0.08
CA ASP D 49 -3.72 8.43 -1.13
C ASP D 49 -2.40 8.80 -1.76
N THR D 50 -1.41 9.12 -0.93
CA THR D 50 -0.05 9.35 -1.41
C THR D 50 0.52 8.10 -2.04
N GLN D 51 0.33 6.95 -1.39
CA GLN D 51 0.84 5.69 -1.91
C GLN D 51 0.13 5.26 -3.19
N ASN D 52 -1.17 5.57 -3.32
CA ASN D 52 -1.89 5.24 -4.55
C ASN D 52 -1.33 6.01 -5.73
N ARG D 53 -0.93 7.26 -5.50
CA ARG D 53 -0.15 7.94 -6.52
C ARG D 53 1.23 7.33 -6.64
N GLN D 54 1.80 6.83 -5.54
CA GLN D 54 3.18 6.37 -5.59
C GLN D 54 3.29 5.03 -6.28
N ILE D 55 2.29 4.15 -6.10
CA ILE D 55 2.27 2.93 -6.90
C ILE D 55 1.99 3.28 -8.36
N ASP D 56 1.26 4.37 -8.60
CA ASP D 56 0.88 4.73 -9.95
C ASP D 56 2.07 5.19 -10.78
N ARG D 57 3.06 5.86 -10.16
CA ARG D 57 4.31 6.10 -10.85
C ARG D 57 5.02 4.80 -11.16
N ILE D 58 4.98 3.86 -10.21
CA ILE D 58 5.62 2.57 -10.44
C ILE D 58 4.82 1.76 -11.44
N MET D 59 3.51 2.02 -11.55
CA MET D 59 2.62 1.16 -12.33
C MET D 59 2.89 1.27 -13.83
N GLU D 60 2.81 2.48 -14.38
CA GLU D 60 3.04 2.62 -15.82
C GLU D 60 4.51 2.47 -16.18
N LYS D 61 5.42 2.72 -15.24
CA LYS D 61 6.84 2.57 -15.55
C LYS D 61 7.23 1.11 -15.60
N ALA D 62 6.72 0.29 -14.67
CA ALA D 62 6.91 -1.15 -14.80
C ALA D 62 6.12 -1.73 -15.95
N ASP D 63 5.10 -1.01 -16.44
CA ASP D 63 4.48 -1.40 -17.70
C ASP D 63 5.36 -1.01 -18.88
N SER D 64 6.06 0.11 -18.80
CA SER D 64 6.97 0.49 -19.88
C SER D 64 8.19 -0.41 -19.90
N ASN D 65 8.77 -0.65 -18.72
CA ASN D 65 9.99 -1.43 -18.60
C ASN D 65 9.81 -2.87 -19.05
N LYS D 66 8.59 -3.40 -18.98
CA LYS D 66 8.34 -4.69 -19.62
C LYS D 66 8.34 -4.54 -21.13
N THR D 67 7.68 -3.50 -21.63
CA THR D 67 7.49 -3.32 -23.07
C THR D 67 8.79 -3.00 -23.78
N ARG D 68 9.68 -2.25 -23.11
CA ARG D 68 10.98 -1.94 -23.68
C ARG D 68 11.82 -3.20 -23.83
N ILE D 69 11.85 -4.03 -22.78
CA ILE D 69 12.65 -5.25 -22.81
C ILE D 69 12.07 -6.24 -23.81
N ASP D 70 10.73 -6.29 -23.90
CA ASP D 70 10.09 -7.17 -24.88
C ASP D 70 10.41 -6.75 -26.32
N GLU D 71 10.61 -5.45 -26.55
CA GLU D 71 11.19 -5.04 -27.81
C GLU D 71 12.63 -5.48 -27.94
N ALA D 72 13.36 -5.49 -26.83
CA ALA D 72 14.79 -5.78 -26.88
C ALA D 72 15.11 -7.27 -26.86
N ASN D 73 14.15 -8.13 -26.49
CA ASN D 73 14.42 -9.56 -26.45
C ASN D 73 14.67 -10.13 -27.84
N GLN D 74 13.79 -9.81 -28.79
CA GLN D 74 13.99 -10.24 -30.16
C GLN D 74 15.17 -9.54 -30.81
N ARG D 75 15.52 -8.36 -30.33
CA ARG D 75 16.75 -7.69 -30.71
C ARG D 75 17.96 -8.27 -30.00
N ALA D 76 17.77 -9.25 -29.13
CA ALA D 76 18.85 -10.10 -28.66
C ALA D 76 18.62 -11.57 -28.98
N THR D 77 17.43 -11.95 -29.45
CA THR D 77 17.18 -13.32 -29.87
C THR D 77 17.69 -13.57 -31.29
N LYS D 78 17.28 -12.71 -32.23
CA LYS D 78 17.78 -12.83 -33.59
C LYS D 78 19.23 -12.38 -33.72
N MET D 79 19.73 -11.64 -32.74
CA MET D 79 21.13 -11.26 -32.72
C MET D 79 21.98 -12.35 -32.08
N SER E 18 -18.67 -1.86 -31.61
CA SER E 18 -18.06 -1.06 -30.55
C SER E 18 -16.70 -0.54 -31.00
N GLY E 19 -16.56 0.78 -31.01
CA GLY E 19 -15.33 1.39 -31.49
C GLY E 19 -15.15 1.22 -32.98
N LYS E 20 -16.00 1.90 -33.75
CA LYS E 20 -15.99 1.91 -35.22
C LYS E 20 -16.22 0.50 -35.79
N GLU E 21 -17.44 0.00 -35.55
CA GLU E 21 -17.99 -1.22 -36.17
C GLU E 21 -17.13 -2.44 -35.85
N ALA E 22 -17.17 -2.79 -34.55
CA ALA E 22 -16.50 -3.98 -34.00
C ALA E 22 -15.00 -3.93 -34.24
N GLU E 23 -14.44 -2.71 -34.18
CA GLU E 23 -13.04 -2.41 -34.48
C GLU E 23 -12.66 -2.92 -35.86
N ALA E 24 -13.31 -2.28 -36.85
CA ALA E 24 -13.22 -2.62 -38.28
C ALA E 24 -13.62 -4.07 -38.53
N MET E 25 -14.69 -4.50 -37.87
CA MET E 25 -15.19 -5.87 -37.87
C MET E 25 -14.08 -6.86 -37.51
N ALA E 26 -13.49 -6.61 -36.33
CA ALA E 26 -12.27 -7.25 -35.87
C ALA E 26 -11.16 -7.13 -36.90
N LEU E 27 -10.94 -5.89 -37.36
CA LEU E 27 -9.85 -5.49 -38.25
C LEU E 27 -9.91 -6.28 -39.57
N LEU E 28 -11.14 -6.56 -40.02
CA LEU E 28 -11.46 -7.49 -41.11
C LEU E 28 -10.78 -8.85 -40.88
N ALA E 29 -11.19 -9.50 -39.79
CA ALA E 29 -10.63 -10.77 -39.30
C ALA E 29 -9.13 -10.67 -39.04
N GLU E 30 -8.67 -9.47 -38.66
CA GLU E 30 -7.32 -9.17 -38.18
C GLU E 30 -6.23 -9.64 -39.17
N ALA E 31 -6.25 -8.97 -40.33
CA ALA E 31 -5.28 -9.18 -41.42
C ALA E 31 -5.29 -10.62 -41.91
N GLU E 32 -6.45 -11.00 -42.46
CA GLU E 32 -6.76 -12.26 -43.14
C GLU E 32 -6.26 -13.52 -42.43
N ARG E 33 -6.36 -13.50 -41.09
CA ARG E 33 -6.08 -14.65 -40.21
C ARG E 33 -4.66 -15.17 -40.36
N LYS E 34 -3.68 -14.26 -40.45
CA LYS E 34 -2.22 -14.47 -40.61
C LYS E 34 -1.87 -15.43 -41.76
N VAL E 35 -2.76 -15.58 -42.74
CA VAL E 35 -2.49 -16.46 -43.88
C VAL E 35 -1.50 -15.73 -44.79
N LYS E 36 -0.93 -16.48 -45.74
CA LYS E 36 0.23 -16.15 -46.56
C LYS E 36 1.41 -15.93 -45.63
N ASN E 37 1.63 -16.84 -44.68
CA ASN E 37 2.78 -16.88 -43.80
C ASN E 37 3.95 -17.61 -44.48
N SER E 38 3.86 -17.77 -45.81
CA SER E 38 4.78 -18.55 -46.64
C SER E 38 4.89 -19.99 -46.11
N GLN E 39 3.73 -20.66 -46.07
CA GLN E 39 3.46 -22.03 -45.59
C GLN E 39 3.54 -22.11 -44.06
N SER E 40 3.98 -21.03 -43.40
CA SER E 40 4.44 -20.94 -42.01
C SER E 40 5.56 -21.93 -41.71
N PHE E 41 6.28 -22.41 -42.73
CA PHE E 41 7.35 -23.38 -42.62
C PHE E 41 8.06 -23.43 -43.96
N PHE E 42 9.38 -23.23 -43.97
CA PHE E 42 10.12 -23.13 -45.23
C PHE E 42 11.59 -23.40 -44.94
N SER E 43 12.19 -24.32 -45.68
CA SER E 43 13.59 -24.71 -45.47
C SER E 43 14.43 -24.57 -46.73
N GLY E 44 13.93 -23.89 -47.76
CA GLY E 44 14.68 -23.73 -48.98
C GLY E 44 15.75 -22.66 -48.89
N LEU E 45 15.33 -21.41 -48.67
CA LEU E 45 16.26 -20.30 -48.61
C LEU E 45 17.00 -20.28 -47.28
N PHE E 46 16.27 -20.20 -46.17
CA PHE E 46 16.86 -20.08 -44.85
C PHE E 46 16.82 -21.40 -44.11
N GLY E 47 17.90 -21.69 -43.39
CA GLY E 47 17.92 -22.82 -42.48
C GLY E 47 18.15 -22.33 -41.07
N GLY E 48 18.49 -21.05 -40.94
CA GLY E 48 18.75 -20.44 -39.65
C GLY E 48 17.96 -19.17 -39.40
N SER E 49 16.72 -19.11 -39.87
CA SER E 49 15.86 -17.96 -39.65
C SER E 49 14.45 -18.45 -39.30
N SER E 50 13.58 -17.50 -38.97
CA SER E 50 12.23 -17.86 -38.52
C SER E 50 11.26 -16.75 -38.88
N LYS E 51 10.27 -17.07 -39.71
CA LYS E 51 9.10 -16.23 -39.85
C LYS E 51 8.07 -16.49 -38.76
N ILE E 52 8.29 -17.51 -37.93
CA ILE E 52 7.41 -17.80 -36.81
C ILE E 52 7.47 -16.67 -35.80
N GLU E 53 8.65 -16.09 -35.60
CA GLU E 53 8.80 -14.95 -34.71
C GLU E 53 8.06 -13.73 -35.24
N GLU E 54 7.99 -13.58 -36.56
CA GLU E 54 7.12 -12.56 -37.14
C GLU E 54 5.66 -12.88 -36.91
N ALA E 55 5.30 -14.16 -36.89
CA ALA E 55 3.92 -14.58 -36.67
C ALA E 55 3.49 -14.45 -35.21
N CYS E 56 4.39 -14.08 -34.31
CA CYS E 56 4.01 -13.87 -32.92
C CYS E 56 3.21 -12.60 -32.74
N GLU E 57 3.81 -11.45 -33.07
CA GLU E 57 3.21 -10.16 -32.75
C GLU E 57 2.00 -9.88 -33.62
N ILE E 58 2.02 -10.32 -34.87
CA ILE E 58 0.91 -10.06 -35.78
C ILE E 58 -0.31 -10.89 -35.41
N TYR E 59 -0.12 -11.94 -34.62
CA TYR E 59 -1.21 -12.79 -34.17
C TYR E 59 -1.52 -12.61 -32.70
N ALA E 60 -0.62 -11.99 -31.95
CA ALA E 60 -0.96 -11.52 -30.61
C ALA E 60 -1.67 -10.19 -30.64
N ARG E 61 -1.33 -9.32 -31.59
CA ARG E 61 -2.14 -8.13 -31.85
C ARG E 61 -3.52 -8.53 -32.36
N ALA E 62 -3.59 -9.64 -33.10
CA ALA E 62 -4.86 -10.11 -33.64
C ALA E 62 -5.83 -10.50 -32.55
N ALA E 63 -5.33 -11.14 -31.49
CA ALA E 63 -6.17 -11.47 -30.36
C ALA E 63 -6.57 -10.21 -29.59
N ASN E 64 -5.73 -9.17 -29.65
CA ASN E 64 -6.00 -7.98 -28.88
C ASN E 64 -7.15 -7.18 -29.45
N MET E 65 -7.40 -7.29 -30.75
CA MET E 65 -8.44 -6.50 -31.39
C MET E 65 -9.83 -6.99 -31.02
N PHE E 66 -9.96 -8.24 -30.58
CA PHE E 66 -11.27 -8.75 -30.18
C PHE E 66 -11.73 -8.12 -28.88
N LYS E 67 -10.79 -7.83 -27.97
CA LYS E 67 -11.17 -7.22 -26.69
C LYS E 67 -11.65 -5.78 -26.87
N MET E 68 -11.22 -5.11 -27.93
CA MET E 68 -11.84 -3.84 -28.28
C MET E 68 -13.26 -4.05 -28.79
N ALA E 69 -13.50 -5.14 -29.51
CA ALA E 69 -14.82 -5.47 -30.01
C ALA E 69 -15.63 -6.30 -29.02
N LYS E 70 -15.05 -6.61 -27.85
CA LYS E 70 -15.68 -7.38 -26.78
C LYS E 70 -16.10 -8.77 -27.23
N ASN E 71 -15.35 -9.37 -28.16
CA ASN E 71 -15.59 -10.75 -28.58
C ASN E 71 -14.56 -11.63 -27.86
N TRP E 72 -14.86 -11.92 -26.60
CA TRP E 72 -13.91 -12.68 -25.78
C TRP E 72 -13.82 -14.14 -26.21
N SER E 73 -14.88 -14.68 -26.83
CA SER E 73 -14.85 -16.06 -27.26
C SER E 73 -13.88 -16.26 -28.42
N ALA E 74 -13.83 -15.31 -29.33
CA ALA E 74 -12.87 -15.35 -30.42
C ALA E 74 -11.53 -14.73 -30.05
N ALA E 75 -11.44 -14.11 -28.87
CA ALA E 75 -10.18 -13.51 -28.44
C ALA E 75 -9.19 -14.58 -28.03
N GLY E 76 -9.55 -15.37 -27.02
CA GLY E 76 -8.62 -16.34 -26.47
C GLY E 76 -8.33 -17.50 -27.38
N SER E 77 -9.19 -17.75 -28.37
CA SER E 77 -8.89 -18.74 -29.40
C SER E 77 -7.66 -18.33 -30.21
N ALA E 78 -7.43 -17.04 -30.34
CA ALA E 78 -6.21 -16.55 -30.97
C ALA E 78 -5.05 -16.42 -30.00
N PHE E 79 -5.31 -16.32 -28.71
CA PHE E 79 -4.19 -16.32 -27.77
C PHE E 79 -3.55 -17.69 -27.67
N CYS E 80 -4.37 -18.76 -27.73
CA CYS E 80 -3.86 -20.09 -27.42
C CYS E 80 -2.93 -20.61 -28.51
N GLN E 81 -3.25 -20.32 -29.77
CA GLN E 81 -2.32 -20.69 -30.84
C GLN E 81 -1.10 -19.79 -30.82
N ALA E 82 -1.28 -18.53 -30.43
CA ALA E 82 -0.13 -17.67 -30.17
C ALA E 82 0.67 -18.18 -28.99
N ALA E 83 -0.02 -18.73 -27.99
CA ALA E 83 0.69 -19.41 -26.91
C ALA E 83 1.30 -20.72 -27.39
N GLN E 84 0.65 -21.38 -28.36
CA GLN E 84 1.24 -22.56 -28.96
C GLN E 84 2.44 -22.18 -29.81
N LEU E 85 2.45 -20.95 -30.33
CA LEU E 85 3.51 -20.50 -31.23
C LEU E 85 4.84 -20.37 -30.50
N HIS E 86 4.83 -19.83 -29.28
CA HIS E 86 6.07 -19.77 -28.51
C HIS E 86 6.46 -21.15 -28.02
N LEU E 87 5.46 -21.99 -27.75
CA LEU E 87 5.74 -23.38 -27.44
C LEU E 87 6.32 -24.09 -28.65
N GLN E 88 5.85 -23.72 -29.85
CA GLN E 88 6.50 -24.19 -31.07
C GLN E 88 7.92 -23.64 -31.19
N LEU E 89 8.15 -22.42 -30.69
CA LEU E 89 9.50 -21.84 -30.74
C LEU E 89 10.33 -22.22 -29.50
N GLN E 90 9.71 -23.01 -28.63
CA GLN E 90 10.23 -23.47 -27.35
C GLN E 90 10.87 -22.37 -26.49
N SER E 91 10.25 -21.19 -26.49
CA SER E 91 10.51 -20.18 -25.48
C SER E 91 9.41 -20.30 -24.43
N LYS E 92 9.80 -20.62 -23.19
CA LYS E 92 8.84 -21.10 -22.20
C LYS E 92 7.98 -19.96 -21.67
N HIS E 93 8.61 -18.95 -21.06
CA HIS E 93 7.85 -17.90 -20.38
C HIS E 93 7.08 -17.03 -21.36
N ASP E 94 7.57 -16.91 -22.59
CA ASP E 94 6.88 -16.09 -23.57
C ASP E 94 5.58 -16.73 -24.04
N ALA E 95 5.40 -18.03 -23.79
CA ALA E 95 4.11 -18.66 -24.03
C ALA E 95 3.18 -18.51 -22.84
N ALA E 96 3.73 -18.50 -21.63
CA ALA E 96 2.89 -18.61 -20.43
C ALA E 96 2.10 -17.34 -20.20
N THR E 97 2.68 -16.19 -20.48
CA THR E 97 2.01 -14.92 -20.20
C THR E 97 0.90 -14.60 -21.18
N CYS E 98 0.69 -15.41 -22.21
CA CYS E 98 -0.45 -15.23 -23.09
C CYS E 98 -1.42 -16.40 -23.07
N PHE E 99 -1.08 -17.51 -22.43
CA PHE E 99 -2.12 -18.44 -21.99
C PHE E 99 -3.06 -17.76 -21.02
N VAL E 100 -2.50 -17.02 -20.05
CA VAL E 100 -3.30 -16.34 -19.05
C VAL E 100 -4.11 -15.20 -19.69
N ASP E 101 -3.61 -14.64 -20.78
CA ASP E 101 -4.38 -13.66 -21.52
C ASP E 101 -5.55 -14.30 -22.24
N ALA E 102 -5.51 -15.61 -22.50
CA ALA E 102 -6.71 -16.33 -22.88
C ALA E 102 -7.53 -16.70 -21.66
N GLY E 103 -6.85 -17.06 -20.57
CA GLY E 103 -7.55 -17.38 -19.34
C GLY E 103 -8.26 -16.18 -18.74
N ASN E 104 -7.68 -15.00 -18.90
CA ASN E 104 -8.42 -13.80 -18.54
C ASN E 104 -9.51 -13.51 -19.56
N ALA E 105 -9.34 -13.98 -20.80
CA ALA E 105 -10.33 -13.70 -21.83
C ALA E 105 -11.57 -14.57 -21.68
N PHE E 106 -11.39 -15.87 -21.46
CA PHE E 106 -12.54 -16.77 -21.44
C PHE E 106 -13.33 -16.75 -20.15
N LYS E 107 -13.04 -15.83 -19.22
CA LYS E 107 -13.86 -15.75 -18.01
C LYS E 107 -15.24 -15.20 -18.33
N LYS E 108 -15.31 -14.24 -19.23
CA LYS E 108 -16.60 -13.76 -19.74
C LYS E 108 -16.97 -14.48 -21.04
N ALA E 109 -16.86 -15.81 -20.97
CA ALA E 109 -17.05 -16.74 -22.07
C ALA E 109 -17.21 -18.11 -21.44
N ASP E 110 -17.06 -19.17 -22.24
CA ASP E 110 -17.06 -20.57 -21.80
C ASP E 110 -16.02 -20.79 -20.72
N PRO E 111 -16.45 -21.10 -19.49
CA PRO E 111 -15.49 -21.19 -18.38
C PRO E 111 -14.70 -22.48 -18.38
N GLN E 112 -15.19 -23.53 -19.03
CA GLN E 112 -14.42 -24.77 -19.12
C GLN E 112 -13.20 -24.58 -20.00
N GLU E 113 -13.30 -23.71 -21.01
CA GLU E 113 -12.12 -23.33 -21.77
C GLU E 113 -11.26 -22.36 -20.98
N ALA E 114 -11.84 -21.64 -20.01
CA ALA E 114 -11.04 -20.75 -19.19
C ALA E 114 -10.14 -21.52 -18.24
N ILE E 115 -10.66 -22.59 -17.63
CA ILE E 115 -9.96 -23.21 -16.52
C ILE E 115 -8.80 -24.07 -17.01
N ASN E 116 -8.96 -24.73 -18.15
CA ASN E 116 -7.90 -25.63 -18.59
C ASN E 116 -6.77 -24.89 -19.28
N CYS E 117 -7.07 -23.74 -19.90
CA CYS E 117 -6.01 -22.91 -20.45
C CYS E 117 -5.18 -22.28 -19.34
N LEU E 118 -5.85 -21.86 -18.26
CA LEU E 118 -5.10 -21.47 -17.07
C LEU E 118 -4.39 -22.65 -16.45
N MET E 119 -4.98 -23.84 -16.53
CA MET E 119 -4.31 -25.03 -16.04
C MET E 119 -3.08 -25.35 -16.87
N ARG E 120 -3.15 -25.16 -18.19
CA ARG E 120 -1.98 -25.30 -19.02
C ARG E 120 -0.95 -24.22 -18.74
N ALA E 121 -1.38 -23.07 -18.24
CA ALA E 121 -0.43 -22.02 -17.89
C ALA E 121 0.32 -22.32 -16.61
N ILE E 122 -0.21 -23.19 -15.75
CA ILE E 122 0.43 -23.43 -14.46
C ILE E 122 1.74 -24.19 -14.63
N GLU E 123 1.71 -25.27 -15.42
CA GLU E 123 2.86 -26.18 -15.50
C GLU E 123 4.09 -25.53 -16.12
N ILE E 124 3.91 -24.44 -16.86
CA ILE E 124 5.06 -23.65 -17.28
C ILE E 124 5.64 -22.91 -16.09
N TYR E 125 4.78 -22.33 -15.25
CA TYR E 125 5.28 -21.61 -14.08
C TYR E 125 5.80 -22.53 -12.99
N THR E 126 5.43 -23.82 -13.02
CA THR E 126 5.92 -24.76 -12.01
C THR E 126 7.42 -24.94 -12.13
N ASP E 127 7.88 -25.40 -13.29
CA ASP E 127 9.30 -25.62 -13.52
C ASP E 127 10.02 -24.35 -13.95
N MET E 128 9.41 -23.18 -13.77
CA MET E 128 10.06 -21.92 -14.07
C MET E 128 10.87 -21.40 -12.88
N GLY E 129 10.33 -21.52 -11.68
CA GLY E 129 11.01 -21.00 -10.51
C GLY E 129 10.12 -20.07 -9.70
N ARG E 130 8.84 -20.01 -10.05
CA ARG E 130 7.91 -19.10 -9.39
C ARG E 130 6.63 -19.87 -9.07
N PHE E 131 6.37 -20.06 -7.78
CA PHE E 131 5.10 -20.62 -7.37
C PHE E 131 4.10 -19.56 -6.95
N THR E 132 4.56 -18.34 -6.69
CA THR E 132 3.66 -17.24 -6.35
C THR E 132 2.69 -16.97 -7.49
N ILE E 133 3.20 -16.94 -8.72
CA ILE E 133 2.35 -16.77 -9.89
C ILE E 133 1.43 -17.97 -10.05
N ALA E 134 1.91 -19.16 -9.69
CA ALA E 134 1.09 -20.36 -9.83
C ALA E 134 -0.01 -20.40 -8.78
N ALA E 135 0.31 -19.99 -7.55
CA ALA E 135 -0.70 -19.99 -6.50
C ALA E 135 -1.72 -18.89 -6.72
N LYS E 136 -1.34 -17.82 -7.42
CA LYS E 136 -2.30 -16.81 -7.79
C LYS E 136 -3.31 -17.35 -8.80
N HIS E 137 -2.89 -18.25 -9.66
CA HIS E 137 -3.83 -18.77 -10.64
C HIS E 137 -4.58 -19.99 -10.14
N HIS E 138 -4.03 -20.72 -9.17
CA HIS E 138 -4.80 -21.78 -8.53
C HIS E 138 -5.98 -21.23 -7.74
N ILE E 139 -5.91 -19.98 -7.28
CA ILE E 139 -7.11 -19.39 -6.71
C ILE E 139 -7.93 -18.67 -7.78
N SER E 140 -7.32 -18.32 -8.91
CA SER E 140 -8.09 -17.74 -10.00
C SER E 140 -8.94 -18.78 -10.68
N ILE E 141 -8.41 -20.00 -10.84
CA ILE E 141 -9.21 -21.10 -11.37
C ILE E 141 -10.29 -21.49 -10.36
N ALA E 142 -10.02 -21.30 -9.07
CA ALA E 142 -10.99 -21.60 -8.05
C ALA E 142 -12.05 -20.52 -7.95
N GLU E 143 -11.75 -19.31 -8.41
CA GLU E 143 -12.76 -18.27 -8.51
C GLU E 143 -13.84 -18.66 -9.52
N ILE E 144 -13.45 -19.37 -10.57
CA ILE E 144 -14.41 -19.79 -11.59
C ILE E 144 -15.29 -20.91 -11.05
N TYR E 145 -14.71 -21.82 -10.25
CA TYR E 145 -15.47 -22.90 -9.65
C TYR E 145 -16.48 -22.41 -8.62
N GLU E 146 -16.30 -21.21 -8.06
CA GLU E 146 -17.25 -20.69 -7.10
C GLU E 146 -18.41 -19.94 -7.74
N THR E 147 -18.19 -19.37 -8.92
CA THR E 147 -19.15 -18.43 -9.49
C THR E 147 -19.96 -19.01 -10.64
N GLU E 148 -19.32 -19.64 -11.61
CA GLU E 148 -20.00 -20.04 -12.83
C GLU E 148 -20.17 -21.55 -12.94
N LEU E 149 -19.07 -22.31 -12.91
CA LEU E 149 -19.15 -23.76 -12.93
C LEU E 149 -19.10 -24.20 -11.47
N VAL E 150 -20.27 -24.24 -10.84
CA VAL E 150 -20.33 -24.43 -9.40
C VAL E 150 -20.02 -25.89 -9.07
N ASP E 151 -18.78 -26.14 -8.66
CA ASP E 151 -18.30 -27.45 -8.26
C ASP E 151 -17.35 -27.20 -7.10
N ILE E 152 -17.86 -27.36 -5.89
CA ILE E 152 -17.16 -26.85 -4.72
C ILE E 152 -15.96 -27.70 -4.37
N GLU E 153 -16.11 -29.03 -4.38
CA GLU E 153 -15.04 -29.91 -3.95
C GLU E 153 -13.87 -29.94 -4.92
N LYS E 154 -14.07 -29.55 -6.18
CA LYS E 154 -12.94 -29.34 -7.06
C LYS E 154 -12.17 -28.08 -6.67
N ALA E 155 -12.90 -27.04 -6.22
CA ALA E 155 -12.24 -25.82 -5.78
C ALA E 155 -11.47 -26.04 -4.49
N ILE E 156 -11.89 -27.02 -3.70
CA ILE E 156 -11.21 -27.38 -2.46
C ILE E 156 -9.78 -27.83 -2.76
N ALA E 157 -9.61 -28.70 -3.75
CA ALA E 157 -8.29 -29.18 -4.09
C ALA E 157 -7.43 -28.11 -4.74
N HIS E 158 -8.03 -27.08 -5.34
CA HIS E 158 -7.21 -26.00 -5.87
C HIS E 158 -6.73 -25.06 -4.77
N TYR E 159 -7.60 -24.73 -3.81
CA TYR E 159 -7.15 -23.90 -2.70
C TYR E 159 -6.14 -24.64 -1.83
N GLU E 160 -6.39 -25.92 -1.57
CA GLU E 160 -5.48 -26.71 -0.74
C GLU E 160 -4.12 -26.88 -1.42
N GLN E 161 -4.11 -26.94 -2.75
CA GLN E 161 -2.82 -26.96 -3.45
C GLN E 161 -2.15 -25.61 -3.41
N SER E 162 -2.94 -24.53 -3.49
CA SER E 162 -2.36 -23.19 -3.56
C SER E 162 -1.74 -22.77 -2.23
N ALA E 163 -2.38 -23.14 -1.13
CA ALA E 163 -1.84 -22.84 0.19
C ALA E 163 -0.53 -23.57 0.44
N ASP E 164 -0.35 -24.72 -0.19
CA ASP E 164 0.93 -25.40 -0.12
C ASP E 164 2.03 -24.60 -0.80
N TYR E 165 1.67 -23.80 -1.82
CA TYR E 165 2.69 -23.00 -2.46
C TYR E 165 3.06 -21.78 -1.62
N TYR E 166 2.07 -21.15 -0.98
CA TYR E 166 2.35 -19.99 -0.14
C TYR E 166 3.16 -20.37 1.08
N LYS E 167 2.87 -21.53 1.68
CA LYS E 167 3.67 -21.99 2.80
C LYS E 167 5.07 -22.37 2.34
N GLY E 168 5.20 -22.85 1.11
CA GLY E 168 6.51 -23.12 0.55
C GLY E 168 7.30 -21.87 0.24
N GLU E 169 6.63 -20.73 0.09
CA GLU E 169 7.29 -19.46 -0.18
C GLU E 169 7.10 -18.47 0.96
N GLU E 170 6.94 -19.00 2.19
CA GLU E 170 7.14 -18.31 3.46
C GLU E 170 6.04 -17.29 3.78
N SER E 171 5.14 -17.03 2.84
CA SER E 171 4.07 -16.04 3.04
C SER E 171 2.99 -16.66 3.90
N ASN E 172 3.24 -16.70 5.22
CA ASN E 172 2.31 -17.33 6.14
C ASN E 172 1.05 -16.48 6.35
N SER E 173 1.14 -15.18 6.09
CA SER E 173 -0.02 -14.32 6.22
C SER E 173 -0.99 -14.51 5.08
N SER E 174 -0.49 -14.42 3.84
CA SER E 174 -1.34 -14.57 2.67
C SER E 174 -1.73 -16.00 2.40
N ALA E 175 -1.09 -16.97 3.07
CA ALA E 175 -1.53 -18.35 2.97
C ALA E 175 -2.91 -18.53 3.60
N ASN E 176 -3.18 -17.79 4.69
CA ASN E 176 -4.39 -18.02 5.46
C ASN E 176 -5.63 -17.57 4.70
N LYS E 177 -5.54 -16.44 3.99
CA LYS E 177 -6.65 -15.94 3.18
C LYS E 177 -7.04 -16.96 2.12
N CYS E 178 -6.07 -17.71 1.61
CA CYS E 178 -6.40 -18.91 0.85
C CYS E 178 -6.92 -20.00 1.76
N LEU E 179 -6.25 -20.24 2.89
CA LEU E 179 -6.52 -21.44 3.67
C LEU E 179 -7.78 -21.34 4.49
N LEU E 180 -8.32 -20.13 4.68
CA LEU E 180 -9.64 -20.01 5.30
C LEU E 180 -10.73 -20.53 4.39
N LYS E 181 -10.65 -20.23 3.10
CA LYS E 181 -11.74 -20.57 2.20
C LYS E 181 -11.81 -22.06 1.94
N VAL E 182 -10.67 -22.75 1.96
CA VAL E 182 -10.70 -24.19 1.85
C VAL E 182 -11.26 -24.80 3.13
N ALA E 183 -11.12 -24.12 4.27
CA ALA E 183 -11.83 -24.55 5.46
C ALA E 183 -13.26 -24.04 5.47
N GLY E 184 -13.50 -22.91 4.81
CA GLY E 184 -14.84 -22.35 4.79
C GLY E 184 -15.81 -23.21 3.99
N TYR E 185 -15.43 -23.56 2.76
CA TYR E 185 -16.31 -24.38 1.94
C TYR E 185 -16.37 -25.82 2.41
N ALA E 186 -15.35 -26.29 3.13
CA ALA E 186 -15.40 -27.65 3.63
C ALA E 186 -16.37 -27.80 4.80
N ALA E 187 -16.79 -26.69 5.39
CA ALA E 187 -17.69 -26.75 6.54
C ALA E 187 -19.08 -27.22 6.14
N GLN E 188 -19.66 -26.59 5.12
CA GLN E 188 -20.97 -27.04 4.66
C GLN E 188 -20.90 -28.31 3.82
N LEU E 189 -19.71 -28.75 3.43
CA LEU E 189 -19.55 -30.01 2.74
C LEU E 189 -19.32 -31.17 3.70
N GLU E 190 -19.56 -30.95 5.00
CA GLU E 190 -19.48 -31.96 6.05
C GLU E 190 -18.10 -32.62 6.09
N GLN E 191 -17.08 -31.77 6.09
CA GLN E 191 -15.68 -32.19 6.21
C GLN E 191 -15.06 -31.48 7.40
N TYR E 192 -15.75 -31.58 8.53
CA TYR E 192 -15.46 -30.76 9.70
C TYR E 192 -14.08 -31.06 10.27
N GLN E 193 -13.78 -32.34 10.48
CA GLN E 193 -12.56 -32.74 11.18
C GLN E 193 -11.31 -32.37 10.38
N LYS E 194 -11.42 -32.28 9.05
CA LYS E 194 -10.43 -31.54 8.29
C LYS E 194 -10.42 -30.08 8.69
N ALA E 195 -11.54 -29.38 8.47
CA ALA E 195 -11.62 -27.93 8.62
C ALA E 195 -11.43 -27.47 10.06
N ILE E 196 -11.65 -28.36 11.03
CA ILE E 196 -11.50 -27.97 12.42
C ILE E 196 -10.02 -27.82 12.79
N ASP E 197 -9.13 -28.36 11.97
CA ASP E 197 -7.70 -28.23 12.22
C ASP E 197 -7.13 -26.97 11.62
N ILE E 198 -7.73 -26.50 10.52
CA ILE E 198 -7.26 -25.29 9.87
C ILE E 198 -7.54 -24.08 10.74
N TYR E 199 -8.79 -23.97 11.24
CA TYR E 199 -9.12 -22.87 12.15
C TYR E 199 -8.33 -22.95 13.43
N GLU E 200 -7.97 -24.15 13.87
CA GLU E 200 -7.10 -24.28 15.04
C GLU E 200 -5.69 -23.82 14.71
N GLN E 201 -5.13 -24.28 13.58
CA GLN E 201 -3.76 -23.92 13.27
C GLN E 201 -3.63 -22.49 12.79
N VAL E 202 -4.71 -21.87 12.31
CA VAL E 202 -4.69 -20.44 12.08
C VAL E 202 -4.68 -19.70 13.41
N GLY E 203 -5.63 -20.03 14.29
CA GLY E 203 -5.79 -19.29 15.52
C GLY E 203 -4.65 -19.49 16.50
N THR E 204 -4.05 -20.68 16.51
CA THR E 204 -2.86 -20.88 17.33
C THR E 204 -1.70 -20.05 16.79
N ASN E 205 -1.62 -19.92 15.46
CA ASN E 205 -0.62 -19.07 14.84
C ASN E 205 -1.11 -17.64 14.67
N ALA E 206 -2.25 -17.29 15.25
CA ALA E 206 -2.73 -15.92 15.23
C ALA E 206 -2.53 -15.21 16.57
N MET E 207 -2.70 -15.93 17.68
CA MET E 207 -2.54 -15.33 19.01
C MET E 207 -1.10 -14.93 19.30
N ASP E 208 -0.13 -15.53 18.60
CA ASP E 208 1.27 -15.26 18.91
C ASP E 208 1.77 -13.96 18.30
N SER E 209 0.96 -13.28 17.49
CA SER E 209 1.41 -12.09 16.80
C SER E 209 0.64 -10.86 17.27
N PRO E 210 1.25 -9.67 17.23
CA PRO E 210 0.49 -8.46 17.58
C PRO E 210 -0.57 -8.12 16.56
N LEU E 211 -0.24 -8.28 15.28
CA LEU E 211 -1.24 -8.37 14.24
C LEU E 211 -2.07 -9.64 14.44
N LEU E 212 -3.31 -9.61 13.93
CA LEU E 212 -4.25 -10.73 13.92
C LEU E 212 -4.68 -11.21 15.30
N LYS E 213 -4.26 -10.53 16.37
CA LYS E 213 -4.56 -11.01 17.71
C LYS E 213 -6.02 -10.80 18.05
N TYR E 214 -6.56 -9.65 17.70
CA TYR E 214 -7.98 -9.39 17.95
C TYR E 214 -8.86 -9.97 16.87
N SER E 215 -8.27 -10.44 15.78
CA SER E 215 -8.98 -11.24 14.79
C SER E 215 -9.06 -12.70 15.18
N ALA E 216 -8.23 -13.13 16.14
CA ALA E 216 -8.11 -14.55 16.43
C ALA E 216 -9.34 -15.11 17.11
N LYS E 217 -10.07 -14.28 17.85
CA LYS E 217 -11.29 -14.73 18.51
C LYS E 217 -12.39 -15.07 17.52
N ASP E 218 -12.31 -14.50 16.31
CA ASP E 218 -13.29 -14.83 15.28
C ASP E 218 -13.06 -16.24 14.76
N TYR E 219 -11.82 -16.71 14.80
CA TYR E 219 -11.54 -18.03 14.24
C TYR E 219 -11.96 -19.15 15.19
N PHE E 220 -11.66 -19.00 16.48
CA PHE E 220 -11.98 -20.06 17.44
C PHE E 220 -13.46 -20.22 17.62
N PHE E 221 -14.23 -19.14 17.44
CA PHE E 221 -15.68 -19.25 17.43
C PHE E 221 -16.15 -20.07 16.24
N LYS E 222 -15.49 -19.94 15.10
CA LYS E 222 -15.78 -20.84 14.00
C LYS E 222 -15.25 -22.24 14.29
N ALA E 223 -14.14 -22.34 15.03
CA ALA E 223 -13.54 -23.63 15.30
C ALA E 223 -14.39 -24.43 16.27
N ALA E 224 -14.87 -23.78 17.32
CA ALA E 224 -15.78 -24.46 18.25
C ALA E 224 -17.10 -24.78 17.57
N LEU E 225 -17.50 -23.96 16.62
CA LEU E 225 -18.69 -24.24 15.82
C LEU E 225 -18.52 -25.47 14.96
N CYS E 226 -17.28 -25.79 14.58
CA CYS E 226 -17.03 -27.01 13.82
C CYS E 226 -17.02 -28.26 14.68
N HIS E 227 -17.24 -28.14 15.99
CA HIS E 227 -17.34 -29.30 16.87
C HIS E 227 -18.76 -29.82 16.99
N PHE E 228 -19.57 -29.66 15.95
CA PHE E 228 -20.98 -29.99 15.97
C PHE E 228 -21.30 -30.90 14.80
N CYS E 229 -20.50 -31.95 14.62
CA CYS E 229 -20.72 -32.89 13.53
C CYS E 229 -22.03 -33.64 13.70
N ILE E 230 -22.03 -34.60 14.62
CA ILE E 230 -23.20 -35.12 15.31
C ILE E 230 -22.71 -35.20 16.75
N ASP E 231 -21.39 -35.15 16.90
CA ASP E 231 -20.69 -35.46 18.13
C ASP E 231 -20.12 -34.19 18.73
N MET E 232 -19.75 -34.27 20.00
CA MET E 232 -18.93 -33.34 20.77
C MET E 232 -19.66 -32.03 21.03
N LEU E 233 -20.96 -31.95 20.68
CA LEU E 233 -21.81 -30.95 21.30
C LEU E 233 -22.12 -31.34 22.73
N ASN E 234 -22.09 -32.64 23.03
CA ASN E 234 -22.14 -33.08 24.41
C ASN E 234 -20.82 -32.80 25.11
N ALA E 235 -19.71 -32.98 24.39
CA ALA E 235 -18.39 -32.62 24.90
C ALA E 235 -17.98 -31.23 24.48
N LYS E 236 -18.96 -30.33 24.28
CA LYS E 236 -18.70 -28.91 24.08
C LYS E 236 -17.93 -28.31 25.25
N LEU E 237 -18.18 -28.81 26.46
CA LEU E 237 -17.38 -28.41 27.61
C LEU E 237 -15.92 -28.83 27.44
N ALA E 238 -15.71 -30.04 26.91
CA ALA E 238 -14.35 -30.46 26.57
C ALA E 238 -13.78 -29.68 25.40
N VAL E 239 -14.64 -29.12 24.54
CA VAL E 239 -14.16 -28.21 23.51
C VAL E 239 -13.66 -26.92 24.14
N GLN E 240 -14.52 -26.28 24.93
CA GLN E 240 -14.25 -24.92 25.35
C GLN E 240 -13.22 -24.86 26.46
N LYS E 241 -13.10 -25.90 27.28
CA LYS E 241 -11.97 -26.00 28.20
C LYS E 241 -10.66 -26.16 27.43
N TYR E 242 -10.70 -26.87 26.31
CA TYR E 242 -9.54 -26.88 25.42
C TYR E 242 -9.37 -25.53 24.73
N GLU E 243 -10.47 -24.79 24.57
CA GLU E 243 -10.39 -23.43 24.06
C GLU E 243 -10.10 -22.42 25.14
N GLU E 244 -10.39 -22.77 26.40
CA GLU E 244 -9.87 -22.00 27.53
C GLU E 244 -8.36 -21.99 27.54
N LEU E 245 -7.75 -23.12 27.18
CA LEU E 245 -6.38 -23.47 27.52
C LEU E 245 -5.34 -22.47 27.08
N PHE E 246 -5.17 -22.27 25.79
CA PHE E 246 -4.14 -21.30 25.42
C PHE E 246 -4.60 -19.85 25.54
N PRO E 247 -5.61 -19.35 24.76
CA PRO E 247 -5.62 -17.90 24.53
C PRO E 247 -6.39 -17.10 25.57
N ALA E 248 -6.41 -17.55 26.82
CA ALA E 248 -7.12 -16.91 27.94
C ALA E 248 -8.55 -16.47 27.58
N PHE E 249 -9.37 -17.44 27.15
CA PHE E 249 -10.74 -17.23 26.62
C PHE E 249 -10.80 -16.25 25.44
N SER E 250 -9.70 -16.09 24.70
CA SER E 250 -9.51 -15.03 23.72
C SER E 250 -9.89 -13.68 24.31
N ASP E 251 -9.29 -13.42 25.49
CA ASP E 251 -9.59 -12.30 26.43
C ASP E 251 -11.09 -12.15 26.72
N SER E 252 -11.82 -13.28 26.68
CA SER E 252 -13.23 -13.41 27.10
C SER E 252 -14.16 -12.46 26.34
N ARG E 253 -14.17 -12.61 25.03
CA ARG E 253 -15.16 -11.92 24.21
C ARG E 253 -16.52 -12.57 24.42
N GLU E 254 -17.57 -11.75 24.37
CA GLU E 254 -18.94 -12.24 24.49
C GLU E 254 -19.36 -13.15 23.34
N CYS E 255 -18.60 -13.16 22.24
CA CYS E 255 -18.82 -14.12 21.18
C CYS E 255 -18.58 -15.55 21.67
N LYS E 256 -17.61 -15.73 22.57
CA LYS E 256 -17.47 -17.04 23.22
C LYS E 256 -18.45 -17.22 24.36
N LEU E 257 -18.90 -16.13 24.98
CA LEU E 257 -19.95 -16.23 25.98
C LEU E 257 -21.27 -16.62 25.36
N MET E 258 -21.45 -16.31 24.07
CA MET E 258 -22.55 -16.86 23.29
C MET E 258 -22.54 -18.38 23.30
N LYS E 259 -21.35 -18.97 23.15
CA LYS E 259 -21.23 -20.42 23.22
C LYS E 259 -21.39 -20.93 24.64
N LYS E 260 -21.08 -20.10 25.64
CA LYS E 260 -21.12 -20.55 27.02
C LYS E 260 -22.55 -20.77 27.50
N LEU E 261 -23.44 -19.82 27.20
CA LEU E 261 -24.85 -20.02 27.44
C LEU E 261 -25.45 -21.06 26.49
N LEU E 262 -24.81 -21.28 25.36
CA LEU E 262 -25.28 -22.29 24.42
C LEU E 262 -25.02 -23.69 24.92
N GLU E 263 -24.06 -23.86 25.83
CA GLU E 263 -23.74 -25.17 26.39
C GLU E 263 -24.88 -25.72 27.21
N ALA E 264 -25.35 -24.95 28.20
CA ALA E 264 -26.51 -25.35 28.99
C ALA E 264 -27.78 -25.34 28.16
N HIS E 265 -27.80 -24.56 27.08
CA HIS E 265 -28.92 -24.59 26.14
C HIS E 265 -29.06 -25.94 25.45
N GLU E 266 -27.95 -26.66 25.26
CA GLU E 266 -27.94 -27.85 24.42
C GLU E 266 -28.80 -28.98 25.00
N GLU E 267 -29.14 -28.91 26.28
CA GLU E 267 -30.00 -29.94 26.87
C GLU E 267 -31.47 -29.60 26.69
N GLN E 268 -31.92 -28.47 27.21
CA GLN E 268 -33.33 -28.14 27.26
C GLN E 268 -33.57 -26.73 26.73
N ASN E 269 -34.86 -26.37 26.62
CA ASN E 269 -35.34 -25.03 26.25
C ASN E 269 -34.84 -24.61 24.87
N VAL E 270 -35.21 -25.42 23.87
CA VAL E 270 -34.67 -25.26 22.53
C VAL E 270 -35.21 -24.02 21.83
N ASP E 271 -36.29 -23.43 22.32
CA ASP E 271 -36.79 -22.17 21.78
C ASP E 271 -35.84 -21.02 22.06
N SER E 272 -35.03 -21.12 23.12
CA SER E 272 -34.06 -20.08 23.47
C SER E 272 -32.87 -20.02 22.52
N TYR E 273 -32.79 -20.93 21.56
CA TYR E 273 -31.73 -20.88 20.56
C TYR E 273 -31.84 -19.64 19.70
N THR E 274 -33.04 -19.41 19.18
CA THR E 274 -33.31 -18.19 18.43
C THR E 274 -33.26 -16.98 19.34
N GLU E 275 -33.59 -17.15 20.62
CA GLU E 275 -33.46 -16.06 21.57
C GLU E 275 -31.99 -15.76 21.84
N ALA E 276 -31.13 -16.77 21.82
CA ALA E 276 -29.71 -16.56 22.05
C ALA E 276 -29.07 -15.81 20.90
N VAL E 277 -29.56 -16.02 19.68
CA VAL E 277 -29.00 -15.27 18.56
C VAL E 277 -29.74 -13.97 18.33
N LYS E 278 -30.95 -13.80 18.90
CA LYS E 278 -31.67 -12.54 18.82
C LYS E 278 -30.91 -11.44 19.55
N GLU E 279 -30.28 -11.79 20.67
CA GLU E 279 -29.40 -10.85 21.34
C GLU E 279 -28.00 -10.81 20.74
N TYR E 280 -27.73 -11.63 19.72
CA TYR E 280 -26.45 -11.58 19.04
C TYR E 280 -26.53 -11.04 17.62
N ASP E 281 -27.60 -11.34 16.89
CA ASP E 281 -27.72 -10.79 15.54
C ASP E 281 -27.98 -9.30 15.57
N SER E 282 -28.63 -8.82 16.64
CA SER E 282 -28.84 -7.40 16.82
C SER E 282 -27.53 -6.67 17.05
N ILE E 283 -26.70 -7.17 17.95
CA ILE E 283 -25.43 -6.52 18.25
C ILE E 283 -24.41 -6.74 17.14
N SER E 284 -24.58 -7.78 16.32
CA SER E 284 -23.63 -8.06 15.24
C SER E 284 -24.37 -8.86 14.18
N ARG E 285 -24.56 -8.25 13.01
CA ARG E 285 -25.33 -8.87 11.94
C ARG E 285 -24.56 -10.06 11.38
N LEU E 286 -25.05 -11.25 11.67
CA LEU E 286 -24.42 -12.48 11.21
C LEU E 286 -24.57 -12.63 9.70
N ASP E 287 -23.64 -13.36 9.10
CA ASP E 287 -23.63 -13.57 7.66
C ASP E 287 -24.30 -14.89 7.31
N GLN E 288 -24.41 -15.15 6.00
CA GLN E 288 -25.11 -16.33 5.52
C GLN E 288 -24.34 -17.62 5.77
N TRP E 289 -23.02 -17.54 6.00
CA TRP E 289 -22.28 -18.72 6.42
C TRP E 289 -22.66 -19.09 7.84
N LEU E 290 -22.53 -18.14 8.75
CA LEU E 290 -22.77 -18.35 10.17
C LEU E 290 -24.25 -18.61 10.45
N THR E 291 -25.14 -18.15 9.57
CA THR E 291 -26.56 -18.43 9.73
C THR E 291 -26.86 -19.91 9.54
N THR E 292 -26.34 -20.49 8.46
CA THR E 292 -26.62 -21.89 8.14
C THR E 292 -25.97 -22.83 9.14
N MET E 293 -24.78 -22.49 9.64
CA MET E 293 -24.10 -23.37 10.57
C MET E 293 -24.84 -23.44 11.91
N LEU E 294 -25.41 -22.33 12.33
CA LEU E 294 -26.28 -22.38 13.51
C LEU E 294 -27.58 -23.09 13.20
N LEU E 295 -28.10 -22.92 11.97
CA LEU E 295 -29.38 -23.52 11.62
C LEU E 295 -29.27 -25.02 11.50
N ARG E 296 -28.12 -25.53 11.05
CA ARG E 296 -27.93 -26.98 11.01
C ARG E 296 -27.74 -27.54 12.40
N ILE E 297 -27.21 -26.75 13.33
CA ILE E 297 -27.25 -27.13 14.74
C ILE E 297 -28.68 -27.09 15.26
N LYS E 298 -29.44 -26.09 14.81
CA LYS E 298 -30.83 -25.93 15.23
C LYS E 298 -31.70 -27.09 14.78
N LYS E 299 -31.33 -27.72 13.66
CA LYS E 299 -31.98 -28.97 13.27
C LYS E 299 -31.61 -30.09 14.22
N THR E 300 -30.33 -30.21 14.56
CA THR E 300 -29.88 -31.30 15.43
C THR E 300 -30.32 -31.11 16.86
N ILE E 301 -30.53 -29.86 17.29
CA ILE E 301 -30.98 -29.65 18.65
C ILE E 301 -32.45 -29.99 18.80
N GLN E 302 -33.20 -30.06 17.70
CA GLN E 302 -34.58 -30.53 17.77
C GLN E 302 -34.65 -32.04 17.93
N GLY E 303 -33.55 -32.76 17.65
CA GLY E 303 -33.48 -34.15 18.03
C GLY E 303 -33.50 -34.35 19.53
N ASP E 304 -32.96 -33.38 20.27
CA ASP E 304 -33.11 -33.37 21.72
C ASP E 304 -34.53 -32.98 22.11
N GLU E 305 -35.22 -32.23 21.25
CA GLU E 305 -36.61 -31.87 21.55
C GLU E 305 -37.54 -33.06 21.38
N GLU E 306 -37.36 -33.85 20.31
CA GLU E 306 -38.19 -35.03 20.12
C GLU E 306 -37.81 -36.16 21.07
N ASP E 307 -36.60 -36.13 21.64
CA ASP E 307 -36.26 -37.08 22.69
C ASP E 307 -37.02 -36.74 23.97
N LEU E 308 -37.24 -35.45 24.23
CA LEU E 308 -38.02 -35.04 25.38
C LEU E 308 -39.51 -35.29 25.16
N ARG E 309 -39.97 -35.18 23.90
CA ARG E 309 -41.35 -35.43 23.45
C ARG E 309 -42.39 -34.58 24.18
N SER F 18 3.11 -37.15 -3.73
CA SER F 18 2.37 -35.92 -3.96
C SER F 18 2.58 -35.44 -5.39
N GLY F 19 1.49 -35.34 -6.14
CA GLY F 19 1.57 -34.95 -7.53
C GLY F 19 2.20 -36.04 -8.38
N LYS F 20 1.47 -37.15 -8.55
CA LYS F 20 1.88 -38.32 -9.34
C LYS F 20 3.17 -38.95 -8.81
N GLU F 21 3.07 -39.50 -7.59
CA GLU F 21 4.08 -40.36 -6.96
C GLU F 21 5.41 -39.61 -6.78
N ALA F 22 5.35 -38.61 -5.90
CA ALA F 22 6.49 -37.79 -5.49
C ALA F 22 7.12 -37.07 -6.68
N GLU F 23 6.26 -36.67 -7.62
CA GLU F 23 6.63 -36.04 -8.89
C GLU F 23 7.61 -36.93 -9.66
N ALA F 24 7.07 -38.10 -10.05
CA ALA F 24 7.79 -39.18 -10.71
C ALA F 24 8.97 -39.66 -9.87
N MET F 25 8.73 -39.80 -8.56
CA MET F 25 9.74 -40.13 -7.55
C MET F 25 10.95 -39.20 -7.64
N ALA F 26 10.63 -37.90 -7.54
CA ALA F 26 11.56 -36.80 -7.83
C ALA F 26 12.18 -36.96 -9.21
N LEU F 27 11.30 -37.16 -10.21
CA LEU F 27 11.64 -37.20 -11.63
C LEU F 27 12.67 -38.31 -11.93
N LEU F 28 12.55 -39.42 -11.18
CA LEU F 28 13.53 -40.49 -11.09
C LEU F 28 14.92 -39.93 -10.79
N ALA F 29 15.04 -39.34 -9.59
CA ALA F 29 16.23 -38.63 -9.11
C ALA F 29 16.68 -37.52 -10.05
N GLU F 30 15.71 -36.92 -10.75
CA GLU F 30 15.84 -35.71 -11.56
C GLU F 30 16.96 -35.85 -12.61
N ALA F 31 16.69 -36.75 -13.56
CA ALA F 31 17.55 -37.04 -14.70
C ALA F 31 18.96 -37.48 -14.27
N GLU F 32 18.97 -38.62 -13.58
CA GLU F 32 20.14 -39.39 -13.12
C GLU F 32 21.24 -38.54 -12.48
N ARG F 33 20.82 -37.54 -11.69
CA ARG F 33 21.69 -36.71 -10.87
C ARG F 33 22.76 -35.98 -11.67
N LYS F 34 22.36 -35.42 -12.84
CA LYS F 34 23.18 -34.68 -13.82
C LYS F 34 24.48 -35.40 -14.23
N VAL F 35 24.53 -36.74 -14.07
CA VAL F 35 25.71 -37.49 -14.44
C VAL F 35 25.73 -37.61 -15.96
N LYS F 36 26.86 -38.04 -16.50
CA LYS F 36 27.26 -37.98 -17.91
C LYS F 36 27.28 -36.52 -18.33
N ASN F 37 27.92 -35.66 -17.53
CA ASN F 37 28.17 -34.26 -17.84
C ASN F 37 29.45 -34.11 -18.66
N SER F 38 29.92 -35.23 -19.23
CA SER F 38 31.21 -35.36 -19.92
C SER F 38 32.35 -34.90 -19.03
N GLN F 39 32.47 -35.58 -17.87
CA GLN F 39 33.43 -35.39 -16.77
C GLN F 39 33.11 -34.13 -15.96
N SER F 40 32.16 -33.31 -16.43
CA SER F 40 31.89 -31.93 -16.05
C SER F 40 33.11 -31.02 -16.18
N PHE F 41 34.10 -31.43 -17.00
CA PHE F 41 35.35 -30.71 -17.20
C PHE F 41 36.04 -31.34 -18.39
N PHE F 42 36.39 -30.55 -19.40
CA PHE F 42 36.95 -31.11 -20.64
C PHE F 42 37.69 -30.00 -21.38
N SER F 43 38.94 -30.25 -21.74
CA SER F 43 39.77 -29.24 -22.40
C SER F 43 40.34 -29.74 -23.73
N GLY F 44 39.82 -30.84 -24.26
CA GLY F 44 40.32 -31.35 -25.52
C GLY F 44 39.78 -30.61 -26.72
N LEU F 45 38.47 -30.67 -26.92
CA LEU F 45 37.84 -30.02 -28.07
C LEU F 45 37.76 -28.52 -27.87
N PHE F 46 37.10 -28.08 -26.81
CA PHE F 46 36.85 -26.66 -26.58
C PHE F 46 37.79 -26.12 -25.50
N GLY F 47 38.27 -24.91 -25.72
CA GLY F 47 39.01 -24.20 -24.70
C GLY F 47 38.29 -22.92 -24.33
N GLY F 48 37.27 -22.59 -25.12
CA GLY F 48 36.49 -21.39 -24.89
C GLY F 48 34.99 -21.64 -24.84
N SER F 49 34.58 -22.76 -24.25
CA SER F 49 33.17 -23.08 -24.10
C SER F 49 32.95 -23.65 -22.70
N SER F 50 31.67 -23.89 -22.37
CA SER F 50 31.32 -24.36 -21.04
C SER F 50 30.06 -25.21 -21.10
N LYS F 51 30.18 -26.47 -20.70
CA LYS F 51 29.02 -27.28 -20.38
C LYS F 51 28.54 -27.04 -18.96
N ILE F 52 29.28 -26.26 -18.17
CA ILE F 52 28.88 -25.91 -16.82
C ILE F 52 27.63 -25.05 -16.86
N GLU F 53 27.55 -24.16 -17.84
CA GLU F 53 26.36 -23.33 -18.02
C GLU F 53 25.15 -24.17 -18.38
N GLU F 54 25.36 -25.26 -19.12
CA GLU F 54 24.27 -26.22 -19.33
C GLU F 54 23.91 -26.93 -18.04
N ALA F 55 24.88 -27.16 -17.17
CA ALA F 55 24.64 -27.82 -15.89
C ALA F 55 23.94 -26.93 -14.87
N CYS F 56 23.73 -25.65 -15.19
CA CYS F 56 23.02 -24.78 -14.27
C CYS F 56 21.53 -25.09 -14.24
N GLU F 57 20.86 -24.95 -15.40
CA GLU F 57 19.41 -25.04 -15.43
C GLU F 57 18.91 -26.45 -15.19
N ILE F 58 19.65 -27.45 -15.67
CA ILE F 58 19.23 -28.83 -15.51
C ILE F 58 19.37 -29.30 -14.07
N TYR F 59 20.15 -28.57 -13.27
CA TYR F 59 20.34 -28.91 -11.87
C TYR F 59 19.65 -27.92 -10.95
N ALA F 60 19.26 -26.76 -11.46
CA ALA F 60 18.34 -25.88 -10.74
C ALA F 60 16.90 -26.31 -10.91
N ARG F 61 16.54 -26.84 -12.08
CA ARG F 61 15.26 -27.50 -12.23
C ARG F 61 15.19 -28.75 -11.36
N ALA F 62 16.33 -29.41 -11.17
CA ALA F 62 16.40 -30.62 -10.36
C ALA F 62 16.05 -30.34 -8.91
N ALA F 63 16.52 -29.22 -8.38
CA ALA F 63 16.15 -28.82 -7.03
C ALA F 63 14.69 -28.43 -6.96
N ASN F 64 14.13 -27.95 -8.06
CA ASN F 64 12.77 -27.46 -8.05
C ASN F 64 11.77 -28.60 -7.94
N MET F 65 12.13 -29.79 -8.42
CA MET F 65 11.19 -30.90 -8.43
C MET F 65 10.96 -31.47 -7.03
N PHE F 66 11.89 -31.23 -6.10
CA PHE F 66 11.70 -31.70 -4.74
C PHE F 66 10.61 -30.93 -4.01
N LYS F 67 10.47 -29.63 -4.32
CA LYS F 67 9.43 -28.83 -3.66
C LYS F 67 8.04 -29.22 -4.13
N MET F 68 7.91 -29.80 -5.32
CA MET F 68 6.65 -30.42 -5.69
C MET F 68 6.41 -31.68 -4.88
N ALA F 69 7.47 -32.42 -4.59
CA ALA F 69 7.36 -33.63 -3.78
C ALA F 69 7.50 -33.36 -2.29
N LYS F 70 7.68 -32.08 -1.91
CA LYS F 70 7.81 -31.63 -0.51
C LYS F 70 8.99 -32.28 0.20
N ASN F 71 10.06 -32.57 -0.52
CA ASN F 71 11.29 -33.09 0.07
C ASN F 71 12.27 -31.92 0.18
N TRP F 72 12.06 -31.10 1.21
CA TRP F 72 12.88 -29.90 1.36
C TRP F 72 14.30 -30.21 1.77
N SER F 73 14.52 -31.35 2.43
CA SER F 73 15.87 -31.72 2.84
C SER F 73 16.74 -32.05 1.65
N ALA F 74 16.19 -32.74 0.66
CA ALA F 74 16.90 -33.02 -0.56
C ALA F 74 16.79 -31.90 -1.58
N ALA F 75 15.96 -30.89 -1.32
CA ALA F 75 15.82 -29.78 -2.25
C ALA F 75 17.04 -28.87 -2.19
N GLY F 76 17.30 -28.30 -1.02
CA GLY F 76 18.37 -27.33 -0.88
C GLY F 76 19.76 -27.90 -1.03
N SER F 77 19.91 -29.22 -0.84
CA SER F 77 21.17 -29.88 -1.12
C SER F 77 21.52 -29.78 -2.60
N ALA F 78 20.52 -29.70 -3.47
CA ALA F 78 20.76 -29.47 -4.87
C ALA F 78 20.84 -28.00 -5.22
N PHE F 79 20.29 -27.10 -4.39
CA PHE F 79 20.47 -25.68 -4.66
C PHE F 79 21.91 -25.26 -4.38
N CYS F 80 22.52 -25.82 -3.34
CA CYS F 80 23.81 -25.30 -2.86
C CYS F 80 24.93 -25.62 -3.85
N GLN F 81 24.91 -26.80 -4.45
CA GLN F 81 25.89 -27.11 -5.48
C GLN F 81 25.59 -26.34 -6.75
N ALA F 82 24.31 -26.10 -7.03
CA ALA F 82 23.94 -25.18 -8.10
C ALA F 82 24.38 -23.77 -7.77
N ALA F 83 24.31 -23.40 -6.50
CA ALA F 83 24.88 -22.13 -6.08
C ALA F 83 26.40 -22.17 -6.11
N GLN F 84 26.99 -23.35 -5.86
CA GLN F 84 28.43 -23.50 -6.04
C GLN F 84 28.81 -23.45 -7.51
N LEU F 85 27.87 -23.82 -8.39
CA LEU F 85 28.14 -23.89 -9.81
C LEU F 85 28.36 -22.49 -10.41
N HIS F 86 27.55 -21.53 -10.00
CA HIS F 86 27.78 -20.16 -10.48
C HIS F 86 29.00 -19.56 -9.81
N LEU F 87 29.27 -19.98 -8.58
CA LEU F 87 30.51 -19.60 -7.91
C LEU F 87 31.70 -20.22 -8.62
N GLN F 88 31.53 -21.45 -9.13
CA GLN F 88 32.52 -22.05 -10.01
C GLN F 88 32.63 -21.27 -11.31
N LEU F 89 31.53 -20.70 -11.81
CA LEU F 89 31.58 -19.92 -13.04
C LEU F 89 31.90 -18.43 -12.76
N GLN F 90 32.09 -18.14 -11.49
CA GLN F 90 32.36 -16.81 -10.93
C GLN F 90 31.42 -15.72 -11.44
N SER F 91 30.13 -16.06 -11.58
CA SER F 91 29.07 -15.07 -11.70
C SER F 91 28.45 -14.90 -10.32
N LYS F 92 28.55 -13.69 -9.78
CA LYS F 92 28.31 -13.49 -8.36
C LYS F 92 26.82 -13.56 -8.01
N HIS F 93 26.05 -12.64 -8.57
CA HIS F 93 24.62 -12.53 -8.30
C HIS F 93 23.80 -13.75 -8.68
N ASP F 94 24.25 -14.47 -9.70
CA ASP F 94 23.53 -15.65 -10.16
C ASP F 94 23.69 -16.82 -9.20
N ALA F 95 24.69 -16.77 -8.31
CA ALA F 95 24.79 -17.74 -7.24
C ALA F 95 23.97 -17.36 -6.03
N ALA F 96 23.85 -16.07 -5.77
CA ALA F 96 23.28 -15.61 -4.49
C ALA F 96 21.78 -15.88 -4.43
N THR F 97 21.09 -15.73 -5.54
CA THR F 97 19.63 -15.88 -5.55
C THR F 97 19.18 -17.33 -5.46
N CYS F 98 20.09 -18.29 -5.47
CA CYS F 98 19.72 -19.67 -5.25
C CYS F 98 20.35 -20.27 -4.01
N PHE F 99 21.29 -19.58 -3.35
CA PHE F 99 21.56 -19.88 -1.94
C PHE F 99 20.32 -19.66 -1.11
N VAL F 100 19.63 -18.54 -1.33
CA VAL F 100 18.44 -18.22 -0.56
C VAL F 100 17.31 -19.17 -0.91
N ASP F 101 17.31 -19.73 -2.12
CA ASP F 101 16.34 -20.76 -2.44
C ASP F 101 16.64 -22.07 -1.72
N ALA F 102 17.88 -22.26 -1.26
CA ALA F 102 18.13 -23.32 -0.28
C ALA F 102 17.79 -22.85 1.12
N GLY F 103 18.08 -21.58 1.41
CA GLY F 103 17.74 -21.04 2.71
C GLY F 103 16.25 -20.96 2.94
N ASN F 104 15.49 -20.71 1.89
CA ASN F 104 14.05 -20.83 2.01
C ASN F 104 13.63 -22.29 2.07
N ALA F 105 14.45 -23.19 1.51
CA ALA F 105 14.10 -24.61 1.51
C ALA F 105 14.32 -25.24 2.87
N PHE F 106 15.47 -25.00 3.49
CA PHE F 106 15.81 -25.70 4.72
C PHE F 106 15.10 -25.15 5.95
N LYS F 107 14.17 -24.22 5.82
CA LYS F 107 13.45 -23.74 6.99
C LYS F 107 12.50 -24.82 7.51
N LYS F 108 11.86 -25.56 6.61
CA LYS F 108 11.09 -26.73 6.99
C LYS F 108 11.93 -28.00 6.88
N ALA F 109 13.10 -27.92 7.50
CA ALA F 109 14.15 -28.93 7.49
C ALA F 109 15.11 -28.56 8.61
N ASP F 110 16.32 -29.12 8.58
CA ASP F 110 17.42 -28.82 9.49
C ASP F 110 17.74 -27.32 9.47
N PRO F 111 17.49 -26.61 10.57
CA PRO F 111 17.66 -25.16 10.55
C PRO F 111 19.10 -24.71 10.62
N GLN F 112 20.00 -25.55 11.12
CA GLN F 112 21.41 -25.18 11.14
C GLN F 112 21.97 -25.15 9.73
N GLU F 113 21.46 -25.99 8.84
CA GLU F 113 21.80 -25.87 7.43
C GLU F 113 21.06 -24.69 6.79
N ALA F 114 19.95 -24.26 7.37
CA ALA F 114 19.26 -23.10 6.83
C ALA F 114 20.03 -21.82 7.09
N ILE F 115 20.58 -21.68 8.29
CA ILE F 115 21.11 -20.38 8.70
C ILE F 115 22.45 -20.09 8.06
N ASN F 116 23.28 -21.11 7.88
CA ASN F 116 24.62 -20.84 7.35
C ASN F 116 24.60 -20.70 5.84
N CYS F 117 23.66 -21.34 5.15
CA CYS F 117 23.50 -21.11 3.72
C CYS F 117 22.97 -19.71 3.45
N LEU F 118 22.04 -19.24 4.28
CA LEU F 118 21.66 -17.84 4.22
C LEU F 118 22.82 -16.94 4.63
N MET F 119 23.64 -17.39 5.57
CA MET F 119 24.82 -16.63 5.96
C MET F 119 25.81 -16.55 4.81
N ARG F 120 25.98 -17.64 4.06
CA ARG F 120 26.80 -17.59 2.86
C ARG F 120 26.19 -16.73 1.79
N ALA F 121 24.87 -16.55 1.80
CA ALA F 121 24.22 -15.68 0.82
C ALA F 121 24.44 -14.21 1.13
N ILE F 122 24.76 -13.87 2.38
CA ILE F 122 24.87 -12.47 2.75
C ILE F 122 26.10 -11.83 2.13
N GLU F 123 27.26 -12.50 2.24
CA GLU F 123 28.53 -11.89 1.84
C GLU F 123 28.62 -11.64 0.34
N ILE F 124 27.79 -12.30 -0.45
CA ILE F 124 27.68 -11.92 -1.84
C ILE F 124 26.92 -10.61 -1.96
N TYR F 125 25.84 -10.43 -1.21
CA TYR F 125 25.09 -9.19 -1.26
C TYR F 125 25.82 -8.03 -0.59
N THR F 126 26.80 -8.31 0.26
CA THR F 126 27.53 -7.23 0.93
C THR F 126 28.33 -6.43 -0.08
N ASP F 127 29.24 -7.08 -0.81
CA ASP F 127 30.05 -6.41 -1.80
C ASP F 127 29.35 -6.28 -3.15
N MET F 128 28.03 -6.48 -3.19
CA MET F 128 27.27 -6.30 -4.41
C MET F 128 26.81 -4.86 -4.58
N GLY F 129 26.37 -4.22 -3.50
CA GLY F 129 25.86 -2.87 -3.59
C GLY F 129 24.47 -2.73 -3.00
N ARG F 130 24.01 -3.78 -2.33
CA ARG F 130 22.66 -3.82 -1.77
C ARG F 130 22.72 -4.34 -0.35
N PHE F 131 22.44 -3.48 0.62
CA PHE F 131 22.31 -3.94 2.00
C PHE F 131 20.87 -4.18 2.39
N THR F 132 19.91 -3.65 1.62
CA THR F 132 18.50 -3.90 1.89
C THR F 132 18.19 -5.39 1.82
N ILE F 133 18.74 -6.06 0.82
CA ILE F 133 18.53 -7.48 0.71
C ILE F 133 19.24 -8.18 1.86
N ALA F 134 20.40 -7.66 2.24
CA ALA F 134 21.17 -8.30 3.31
C ALA F 134 20.47 -8.13 4.65
N ALA F 135 19.91 -6.96 4.89
CA ALA F 135 19.21 -6.72 6.15
C ALA F 135 17.90 -7.49 6.21
N LYS F 136 17.32 -7.79 5.06
CA LYS F 136 16.14 -8.64 5.02
C LYS F 136 16.50 -10.07 5.44
N HIS F 137 17.69 -10.53 5.12
CA HIS F 137 18.04 -11.89 5.50
C HIS F 137 18.68 -11.97 6.88
N HIS F 138 19.27 -10.88 7.37
CA HIS F 138 19.70 -10.86 8.75
C HIS F 138 18.54 -10.93 9.73
N ILE F 139 17.34 -10.50 9.33
CA ILE F 139 16.19 -10.76 10.17
C ILE F 139 15.53 -12.08 9.82
N SER F 140 15.78 -12.60 8.62
CA SER F 140 15.26 -13.93 8.28
C SER F 140 16.03 -15.01 9.01
N ILE F 141 17.35 -14.85 9.15
CA ILE F 141 18.13 -15.77 9.95
C ILE F 141 17.78 -15.63 11.42
N ALA F 142 17.35 -14.44 11.83
CA ALA F 142 16.95 -14.23 13.21
C ALA F 142 15.55 -14.75 13.47
N GLU F 143 14.74 -14.92 12.43
CA GLU F 143 13.46 -15.58 12.57
C GLU F 143 13.65 -17.04 12.95
N ILE F 144 14.72 -17.66 12.47
CA ILE F 144 14.99 -19.06 12.79
C ILE F 144 15.47 -19.19 14.22
N TYR F 145 16.27 -18.22 14.68
CA TYR F 145 16.74 -18.23 16.06
C TYR F 145 15.62 -18.01 17.08
N GLU F 146 14.50 -17.43 16.67
CA GLU F 146 13.40 -17.23 17.60
C GLU F 146 12.46 -18.41 17.69
N THR F 147 12.37 -19.21 16.63
CA THR F 147 11.33 -20.22 16.52
C THR F 147 11.82 -21.64 16.74
N GLU F 148 12.90 -22.05 16.08
CA GLU F 148 13.31 -23.44 16.09
C GLU F 148 14.61 -23.66 16.88
N LEU F 149 15.68 -22.98 16.51
CA LEU F 149 16.94 -23.08 17.25
C LEU F 149 16.95 -21.91 18.22
N VAL F 150 16.34 -22.10 19.38
CA VAL F 150 16.08 -21.00 20.29
C VAL F 150 17.39 -20.58 20.96
N ASP F 151 17.99 -19.52 20.43
CA ASP F 151 19.22 -18.95 20.97
C ASP F 151 19.06 -17.44 20.80
N ILE F 152 18.67 -16.78 21.89
CA ILE F 152 18.17 -15.42 21.80
C ILE F 152 19.30 -14.43 21.56
N GLU F 153 20.40 -14.58 22.30
CA GLU F 153 21.48 -13.60 22.22
C GLU F 153 22.23 -13.66 20.90
N LYS F 154 22.17 -14.78 20.19
CA LYS F 154 22.67 -14.78 18.82
C LYS F 154 21.77 -13.99 17.90
N ALA F 155 20.45 -14.04 18.13
CA ALA F 155 19.52 -13.26 17.33
C ALA F 155 19.66 -11.77 17.60
N ILE F 156 20.13 -11.42 18.79
CA ILE F 156 20.39 -10.03 19.15
C ILE F 156 21.42 -9.42 18.23
N ALA F 157 22.52 -10.13 18.00
CA ALA F 157 23.57 -9.62 17.13
C ALA F 157 23.15 -9.59 15.67
N HIS F 158 22.18 -10.40 15.27
CA HIS F 158 21.70 -10.29 13.89
C HIS F 158 20.77 -9.12 13.70
N TYR F 159 19.87 -8.86 14.65
CA TYR F 159 19.02 -7.68 14.55
C TYR F 159 19.83 -6.41 14.67
N GLU F 160 20.77 -6.38 15.60
CA GLU F 160 21.60 -5.19 15.80
C GLU F 160 22.47 -4.92 14.58
N GLN F 161 22.90 -5.96 13.88
CA GLN F 161 23.63 -5.75 12.63
C GLN F 161 22.70 -5.27 11.53
N SER F 162 21.47 -5.79 11.51
CA SER F 162 20.54 -5.46 10.43
C SER F 162 20.05 -4.02 10.52
N ALA F 163 19.82 -3.54 11.73
CA ALA F 163 19.40 -2.16 11.92
C ALA F 163 20.49 -1.18 11.51
N ASP F 164 21.75 -1.60 11.60
CA ASP F 164 22.84 -0.79 11.08
C ASP F 164 22.76 -0.66 9.57
N TYR F 165 22.20 -1.66 8.88
CA TYR F 165 22.07 -1.53 7.44
C TYR F 165 20.92 -0.61 7.05
N TYR F 166 19.81 -0.69 7.78
CA TYR F 166 18.67 0.17 7.48
C TYR F 166 18.99 1.64 7.76
N LYS F 167 19.72 1.91 8.84
CA LYS F 167 20.14 3.27 9.10
C LYS F 167 21.16 3.74 8.08
N GLY F 168 21.98 2.83 7.56
CA GLY F 168 22.87 3.17 6.48
C GLY F 168 22.18 3.43 5.17
N GLU F 169 20.95 2.93 5.01
CA GLU F 169 20.19 3.14 3.79
C GLU F 169 18.93 3.97 4.06
N GLU F 170 18.99 4.83 5.08
CA GLU F 170 18.11 5.98 5.28
C GLU F 170 16.69 5.60 5.73
N SER F 171 16.36 4.31 5.72
CA SER F 171 15.02 3.85 6.09
C SER F 171 14.90 3.86 7.60
N ASN F 172 14.67 5.06 8.15
CA ASN F 172 14.59 5.22 9.60
C ASN F 172 13.30 4.65 10.16
N SER F 173 12.27 4.52 9.33
CA SER F 173 11.01 3.96 9.79
C SER F 173 11.11 2.45 9.93
N SER F 174 11.57 1.77 8.88
CA SER F 174 11.68 0.32 8.91
C SER F 174 12.86 -0.16 9.73
N ALA F 175 13.77 0.73 10.12
CA ALA F 175 14.83 0.35 11.04
C ALA F 175 14.27 0.02 12.41
N ASN F 176 13.22 0.74 12.82
CA ASN F 176 12.71 0.61 14.18
C ASN F 176 12.04 -0.72 14.41
N LYS F 177 11.28 -1.21 13.42
CA LYS F 177 10.64 -2.51 13.51
C LYS F 177 11.65 -3.62 13.70
N CYS F 178 12.84 -3.46 13.12
CA CYS F 178 13.96 -4.29 13.52
C CYS F 178 14.47 -3.91 14.90
N LEU F 179 14.64 -2.62 15.16
CA LEU F 179 15.36 -2.17 16.34
C LEU F 179 14.55 -2.28 17.62
N LEU F 180 13.22 -2.43 17.50
CA LEU F 180 12.42 -2.72 18.68
C LEU F 180 12.68 -4.13 19.21
N LYS F 181 12.82 -5.10 18.30
CA LYS F 181 12.91 -6.48 18.74
C LYS F 181 14.27 -6.77 19.37
N VAL F 182 15.33 -6.07 18.92
CA VAL F 182 16.60 -6.21 19.59
C VAL F 182 16.56 -5.54 20.95
N ALA F 183 15.71 -4.55 21.14
CA ALA F 183 15.48 -4.04 22.48
C ALA F 183 14.46 -4.88 23.22
N GLY F 184 13.56 -5.52 22.49
CA GLY F 184 12.54 -6.34 23.12
C GLY F 184 13.12 -7.58 23.79
N TYR F 185 13.91 -8.34 23.03
CA TYR F 185 14.50 -9.54 23.59
C TYR F 185 15.62 -9.24 24.58
N ALA F 186 16.24 -8.06 24.49
CA ALA F 186 17.28 -7.72 25.46
C ALA F 186 16.70 -7.38 26.82
N ALA F 187 15.39 -7.14 26.91
CA ALA F 187 14.77 -6.77 28.16
C ALA F 187 14.74 -7.94 29.13
N GLN F 188 14.24 -9.09 28.69
CA GLN F 188 14.23 -10.26 29.56
C GLN F 188 15.60 -10.92 29.67
N LEU F 189 16.57 -10.51 28.86
CA LEU F 189 17.93 -10.99 28.98
C LEU F 189 18.77 -10.13 29.90
N GLU F 190 18.13 -9.23 30.67
CA GLU F 190 18.76 -8.36 31.67
C GLU F 190 19.86 -7.52 31.04
N GLN F 191 19.52 -6.87 29.93
CA GLN F 191 20.41 -5.95 29.23
C GLN F 191 19.71 -4.61 29.10
N TYR F 192 19.20 -4.13 30.24
CA TYR F 192 18.29 -3.00 30.27
C TYR F 192 18.95 -1.73 29.77
N GLN F 193 20.13 -1.40 30.30
CA GLN F 193 20.78 -0.13 30.02
C GLN F 193 21.17 0.01 28.55
N LYS F 194 21.40 -1.11 27.88
CA LYS F 194 21.37 -1.11 26.42
C LYS F 194 19.98 -0.75 25.91
N ALA F 195 18.99 -1.58 26.23
CA ALA F 195 17.65 -1.47 25.67
C ALA F 195 16.92 -0.20 26.10
N ILE F 196 17.34 0.41 27.19
CA ILE F 196 16.69 1.64 27.65
C ILE F 196 17.03 2.81 26.76
N ASP F 197 18.08 2.69 25.96
CA ASP F 197 18.48 3.76 25.05
C ASP F 197 17.76 3.64 23.72
N ILE F 198 17.42 2.42 23.32
CA ILE F 198 16.72 2.22 22.05
C ILE F 198 15.31 2.78 22.14
N TYR F 199 14.58 2.42 23.20
CA TYR F 199 13.24 2.96 23.40
C TYR F 199 13.26 4.47 23.58
N GLU F 200 14.34 5.02 24.15
CA GLU F 200 14.48 6.46 24.23
C GLU F 200 14.73 7.06 22.86
N GLN F 201 15.66 6.49 22.10
CA GLN F 201 15.98 7.07 20.80
C GLN F 201 14.91 6.80 19.76
N VAL F 202 14.08 5.78 19.96
CA VAL F 202 12.89 5.64 19.13
C VAL F 202 11.88 6.72 19.47
N GLY F 203 11.55 6.84 20.77
CA GLY F 203 10.50 7.75 21.18
C GLY F 203 10.86 9.22 21.03
N THR F 204 12.13 9.56 21.19
CA THR F 204 12.55 10.93 20.90
C THR F 204 12.45 11.21 19.41
N ASN F 205 12.73 10.21 18.58
CA ASN F 205 12.55 10.34 17.14
C ASN F 205 11.16 9.94 16.69
N ALA F 206 10.24 9.71 17.62
CA ALA F 206 8.85 9.45 17.28
C ALA F 206 7.95 10.65 17.52
N MET F 207 8.19 11.42 18.58
CA MET F 207 7.37 12.58 18.89
C MET F 207 7.51 13.69 17.86
N ASP F 208 8.60 13.72 17.11
CA ASP F 208 8.85 14.81 16.19
C ASP F 208 8.08 14.66 14.89
N SER F 209 7.40 13.55 14.68
CA SER F 209 6.72 13.29 13.42
C SER F 209 5.20 13.23 13.61
N PRO F 210 4.41 13.60 12.59
CA PRO F 210 2.96 13.44 12.72
C PRO F 210 2.52 12.00 12.73
N LEU F 211 3.29 11.18 12.02
CA LEU F 211 3.14 9.73 12.01
C LEU F 211 3.98 9.20 13.20
N LEU F 212 3.43 8.24 13.93
CA LEU F 212 4.10 7.65 15.09
C LEU F 212 4.06 8.53 16.33
N LYS F 213 3.20 9.56 16.35
CA LYS F 213 3.15 10.43 17.51
C LYS F 213 2.28 9.83 18.60
N TYR F 214 1.15 9.25 18.23
CA TYR F 214 0.30 8.60 19.21
C TYR F 214 0.76 7.20 19.52
N SER F 215 1.70 6.67 18.75
CA SER F 215 2.39 5.44 19.10
C SER F 215 3.53 5.67 20.07
N ALA F 216 3.96 6.91 20.22
CA ALA F 216 5.19 7.19 20.98
C ALA F 216 4.99 6.97 22.47
N LYS F 217 3.76 7.14 22.97
CA LYS F 217 3.50 6.92 24.38
C LYS F 217 3.63 5.46 24.76
N ASP F 218 3.49 4.55 23.79
CA ASP F 218 3.68 3.14 24.07
C ASP F 218 5.15 2.82 24.33
N TYR F 219 6.05 3.59 23.71
CA TYR F 219 7.47 3.29 23.85
C TYR F 219 8.01 3.76 25.19
N PHE F 220 7.65 4.98 25.61
CA PHE F 220 8.18 5.52 26.85
C PHE F 220 7.67 4.75 28.06
N PHE F 221 6.48 4.17 27.96
CA PHE F 221 6.01 3.29 29.01
C PHE F 221 6.86 2.04 29.10
N LYS F 222 7.33 1.54 27.96
CA LYS F 222 8.30 0.47 28.01
C LYS F 222 9.65 0.98 28.47
N ALA F 223 9.98 2.23 28.15
CA ALA F 223 11.28 2.79 28.50
C ALA F 223 11.37 3.03 30.01
N ALA F 224 10.32 3.59 30.60
CA ALA F 224 10.30 3.76 32.04
C ALA F 224 10.24 2.42 32.75
N LEU F 225 9.63 1.43 32.12
CA LEU F 225 9.61 0.08 32.63
C LEU F 225 11.00 -0.54 32.65
N CYS F 226 11.87 -0.10 31.76
CA CYS F 226 13.25 -0.58 31.75
C CYS F 226 14.11 0.08 32.82
N HIS F 227 13.56 0.99 33.61
CA HIS F 227 14.29 1.61 34.72
C HIS F 227 14.14 0.84 36.01
N PHE F 228 13.97 -0.47 35.93
CA PHE F 228 13.70 -1.33 37.07
C PHE F 228 14.69 -2.47 37.11
N CYS F 229 15.98 -2.16 36.97
CA CYS F 229 17.00 -3.18 36.99
C CYS F 229 17.08 -3.86 38.36
N ILE F 230 17.68 -3.14 39.32
CA ILE F 230 17.49 -3.31 40.74
C ILE F 230 17.35 -1.88 41.22
N ASP F 231 17.79 -0.96 40.36
CA ASP F 231 18.01 0.44 40.70
C ASP F 231 16.94 1.29 40.00
N MET F 232 16.82 2.53 40.48
CA MET F 232 16.11 3.65 39.87
C MET F 232 14.60 3.45 39.88
N LEU F 233 14.12 2.40 40.54
CA LEU F 233 12.73 2.39 40.99
C LEU F 233 12.55 3.34 42.16
N ASN F 234 13.62 3.56 42.93
CA ASN F 234 13.61 4.63 43.92
C ASN F 234 13.69 5.98 43.25
N ALA F 235 14.49 6.08 42.19
CA ALA F 235 14.57 7.28 41.37
C ALA F 235 13.63 7.23 40.18
N LYS F 236 12.51 6.50 40.33
CA LYS F 236 11.42 6.53 39.35
C LYS F 236 10.89 7.94 39.16
N LEU F 237 10.87 8.75 40.22
CA LEU F 237 10.54 10.17 40.10
C LEU F 237 11.52 10.88 39.21
N ALA F 238 12.82 10.58 39.35
CA ALA F 238 13.82 11.11 38.44
C ALA F 238 13.68 10.54 37.04
N VAL F 239 13.10 9.35 36.89
CA VAL F 239 12.78 8.85 35.57
C VAL F 239 11.67 9.67 34.95
N GLN F 240 10.55 9.80 35.66
CA GLN F 240 9.34 10.33 35.03
C GLN F 240 9.40 11.85 34.89
N LYS F 241 10.13 12.54 35.76
CA LYS F 241 10.41 13.95 35.51
C LYS F 241 11.29 14.12 34.28
N TYR F 242 12.21 13.19 34.04
CA TYR F 242 12.93 13.19 32.77
C TYR F 242 12.00 12.77 31.63
N GLU F 243 10.96 12.00 31.94
CA GLU F 243 9.94 11.67 30.94
C GLU F 243 8.87 12.74 30.86
N GLU F 244 8.71 13.56 31.90
CA GLU F 244 7.94 14.78 31.78
C GLU F 244 8.52 15.71 30.72
N LEU F 245 9.86 15.76 30.66
CA LEU F 245 10.62 16.85 30.07
C LEU F 245 10.26 17.16 28.62
N PHE F 246 10.52 16.22 27.72
CA PHE F 246 10.18 16.58 26.35
C PHE F 246 8.69 16.43 26.03
N PRO F 247 8.08 15.22 26.05
CA PRO F 247 6.87 15.06 25.25
C PRO F 247 5.57 15.43 25.94
N ALA F 248 5.62 16.42 26.85
CA ALA F 248 4.47 16.89 27.63
C ALA F 248 3.61 15.75 28.21
N PHE F 249 4.25 14.89 29.02
CA PHE F 249 3.67 13.65 29.57
C PHE F 249 3.12 12.70 28.51
N SER F 250 3.62 12.78 27.27
CA SER F 250 3.03 12.13 26.10
C SER F 250 1.54 12.42 26.03
N ASP F 251 1.21 13.71 26.12
CA ASP F 251 -0.14 14.30 26.30
C ASP F 251 -0.95 13.63 27.42
N SER F 252 -0.24 13.14 28.44
CA SER F 252 -0.80 12.62 29.70
C SER F 252 -1.78 11.48 29.48
N ARG F 253 -1.29 10.42 28.85
CA ARG F 253 -2.06 9.18 28.77
C ARG F 253 -2.10 8.52 30.13
N GLU F 254 -3.23 7.86 30.43
CA GLU F 254 -3.38 7.12 31.68
C GLU F 254 -2.43 5.92 31.78
N CYS F 255 -1.82 5.51 30.67
CA CYS F 255 -0.76 4.51 30.72
C CYS F 255 0.44 5.01 31.51
N LYS F 256 0.74 6.31 31.41
CA LYS F 256 1.76 6.88 32.29
C LYS F 256 1.22 7.18 33.68
N LEU F 257 -0.09 7.44 33.79
CA LEU F 257 -0.70 7.60 35.10
C LEU F 257 -0.72 6.29 35.87
N MET F 258 -0.70 5.17 35.15
CA MET F 258 -0.44 3.86 35.76
C MET F 258 0.90 3.85 36.49
N LYS F 259 1.93 4.44 35.87
CA LYS F 259 3.22 4.53 36.52
C LYS F 259 3.21 5.54 37.66
N LYS F 260 2.33 6.55 37.57
CA LYS F 260 2.33 7.62 38.56
C LYS F 260 1.82 7.12 39.91
N LEU F 261 0.71 6.38 39.90
CA LEU F 261 0.27 5.71 41.11
C LEU F 261 1.19 4.57 41.51
N LEU F 262 1.96 4.05 40.56
CA LEU F 262 2.91 2.98 40.87
C LEU F 262 4.11 3.52 41.64
N GLU F 263 4.38 4.82 41.55
CA GLU F 263 5.50 5.42 42.26
C GLU F 263 5.30 5.38 43.77
N ALA F 264 4.17 5.90 44.24
CA ALA F 264 3.85 5.82 45.66
C ALA F 264 3.55 4.38 46.09
N HIS F 265 3.16 3.53 45.14
CA HIS F 265 3.00 2.12 45.42
C HIS F 265 4.31 1.44 45.80
N GLU F 266 5.44 1.94 45.28
CA GLU F 266 6.72 1.25 45.40
C GLU F 266 7.20 1.16 46.85
N GLU F 267 6.66 1.98 47.75
CA GLU F 267 7.05 1.92 49.15
C GLU F 267 6.23 0.87 49.91
N GLN F 268 4.90 1.05 49.94
CA GLN F 268 4.05 0.24 50.80
C GLN F 268 2.86 -0.29 49.98
N ASN F 269 2.07 -1.14 50.65
CA ASN F 269 0.81 -1.69 50.13
C ASN F 269 1.02 -2.48 48.84
N VAL F 270 1.85 -3.52 48.94
CA VAL F 270 2.30 -4.27 47.78
C VAL F 270 1.19 -5.12 47.17
N ASP F 271 0.10 -5.36 47.90
CA ASP F 271 -1.04 -6.06 47.34
C ASP F 271 -1.75 -5.24 46.28
N SER F 272 -1.63 -3.91 46.33
CA SER F 272 -2.25 -3.02 45.37
C SER F 272 -1.57 -3.05 44.00
N TYR F 273 -0.48 -3.80 43.85
CA TYR F 273 0.18 -3.95 42.56
C TYR F 273 -0.72 -4.68 41.59
N THR F 274 -1.26 -5.81 42.01
CA THR F 274 -2.22 -6.53 41.22
C THR F 274 -3.51 -5.76 41.08
N GLU F 275 -3.85 -4.94 42.08
CA GLU F 275 -5.01 -4.07 41.97
C GLU F 275 -4.77 -2.96 40.96
N ALA F 276 -3.53 -2.48 40.86
CA ALA F 276 -3.21 -1.44 39.89
C ALA F 276 -3.29 -1.96 38.46
N VAL F 277 -2.97 -3.22 38.24
CA VAL F 277 -3.09 -3.77 36.90
C VAL F 277 -4.46 -4.36 36.65
N LYS F 278 -5.24 -4.63 37.71
CA LYS F 278 -6.61 -5.10 37.55
C LYS F 278 -7.47 -4.03 36.89
N GLU F 279 -7.23 -2.76 37.22
CA GLU F 279 -7.89 -1.67 36.53
C GLU F 279 -7.19 -1.32 35.22
N TYR F 280 -6.09 -1.97 34.88
CA TYR F 280 -5.44 -1.74 33.61
C TYR F 280 -5.55 -2.91 32.64
N ASP F 281 -5.50 -4.15 33.13
CA ASP F 281 -5.66 -5.28 32.22
C ASP F 281 -7.09 -5.38 31.70
N SER F 282 -8.05 -4.90 32.48
CA SER F 282 -9.44 -4.86 32.04
C SER F 282 -9.62 -3.88 30.90
N ILE F 283 -9.09 -2.66 31.06
CA ILE F 283 -9.24 -1.65 30.03
C ILE F 283 -8.33 -1.92 28.84
N SER F 284 -7.26 -2.69 29.01
CA SER F 284 -6.34 -2.97 27.92
C SER F 284 -5.65 -4.29 28.24
N ARG F 285 -5.94 -5.33 27.45
CA ARG F 285 -5.40 -6.66 27.71
C ARG F 285 -3.90 -6.67 27.44
N LEU F 286 -3.13 -6.77 28.51
CA LEU F 286 -1.68 -6.78 28.43
C LEU F 286 -1.19 -8.08 27.80
N ASP F 287 -0.02 -8.01 27.19
CA ASP F 287 0.56 -9.16 26.50
C ASP F 287 1.55 -9.87 27.41
N GLN F 288 2.10 -10.98 26.90
CA GLN F 288 2.98 -11.82 27.71
C GLN F 288 4.34 -11.18 27.92
N TRP F 289 4.73 -10.21 27.10
CA TRP F 289 5.94 -9.45 27.38
C TRP F 289 5.74 -8.55 28.59
N LEU F 290 4.70 -7.73 28.53
CA LEU F 290 4.39 -6.76 29.57
C LEU F 290 3.96 -7.42 30.86
N THR F 291 3.45 -8.65 30.78
CA THR F 291 3.08 -9.39 31.98
C THR F 291 4.31 -9.75 32.80
N THR F 292 5.32 -10.31 32.15
CA THR F 292 6.51 -10.77 32.85
C THR F 292 7.33 -9.61 33.39
N MET F 293 7.37 -8.49 32.67
CA MET F 293 8.15 -7.35 33.12
C MET F 293 7.55 -6.74 34.39
N LEU F 294 6.22 -6.71 34.48
CA LEU F 294 5.60 -6.31 35.73
C LEU F 294 5.79 -7.36 36.81
N LEU F 295 5.78 -8.64 36.43
CA LEU F 295 5.88 -9.71 37.41
C LEU F 295 7.29 -9.78 38.00
N ARG F 296 8.31 -9.45 37.20
CA ARG F 296 9.66 -9.40 37.74
C ARG F 296 9.84 -8.19 38.65
N ILE F 297 9.10 -7.12 38.39
CA ILE F 297 9.04 -6.02 39.37
C ILE F 297 8.29 -6.47 40.61
N LYS F 298 7.23 -7.27 40.42
CA LYS F 298 6.43 -7.77 41.52
C LYS F 298 7.22 -8.68 42.43
N LYS F 299 8.23 -9.37 41.88
CA LYS F 299 9.16 -10.10 42.73
C LYS F 299 10.03 -9.14 43.52
N THR F 300 10.55 -8.10 42.88
CA THR F 300 11.44 -7.17 43.56
C THR F 300 10.71 -6.29 44.55
N ILE F 301 9.42 -6.05 44.32
CA ILE F 301 8.68 -5.22 45.26
C ILE F 301 8.35 -6.00 46.53
N GLN F 302 8.41 -7.33 46.48
CA GLN F 302 8.26 -8.12 47.70
C GLN F 302 9.51 -8.07 48.56
N GLY F 303 10.65 -7.65 48.01
CA GLY F 303 11.79 -7.34 48.84
C GLY F 303 11.54 -6.16 49.75
N ASP F 304 10.70 -5.22 49.30
CA ASP F 304 10.24 -4.16 50.19
C ASP F 304 9.23 -4.69 51.19
N GLU F 305 8.53 -5.78 50.84
CA GLU F 305 7.58 -6.37 51.78
C GLU F 305 8.30 -7.11 52.91
N GLU F 306 9.36 -7.86 52.59
CA GLU F 306 10.11 -8.54 53.64
C GLU F 306 10.99 -7.59 54.43
N ASP F 307 11.29 -6.40 53.88
CA ASP F 307 11.95 -5.37 54.68
C ASP F 307 11.01 -4.81 55.73
N LEU F 308 9.72 -4.70 55.39
CA LEU F 308 8.73 -4.25 56.35
C LEU F 308 8.41 -5.33 57.38
N ARG F 309 8.48 -6.61 56.97
CA ARG F 309 8.27 -7.79 57.80
C ARG F 309 6.92 -7.83 58.50
N SER G 18 34.40 -2.04 13.46
CA SER G 18 33.08 -2.63 13.24
C SER G 18 33.13 -3.59 12.06
N GLY G 19 32.80 -4.86 12.31
CA GLY G 19 32.86 -5.86 11.27
C GLY G 19 34.30 -6.17 10.88
N LYS G 20 35.03 -6.81 11.79
CA LYS G 20 36.43 -7.23 11.62
C LYS G 20 37.35 -6.03 11.36
N GLU G 21 37.48 -5.19 12.39
CA GLU G 21 38.45 -4.10 12.49
C GLU G 21 38.28 -3.09 11.35
N ALA G 22 37.14 -2.39 11.42
CA ALA G 22 36.77 -1.31 10.50
C ALA G 22 36.70 -1.80 9.06
N GLU G 23 36.26 -3.06 8.90
CA GLU G 23 36.20 -3.78 7.63
C GLU G 23 37.56 -3.79 6.96
N ALA G 24 38.48 -4.50 7.65
CA ALA G 24 39.90 -4.62 7.30
C ALA G 24 40.57 -3.24 7.22
N MET G 25 40.24 -2.38 8.19
CA MET G 25 40.66 -0.99 8.27
C MET G 25 40.35 -0.26 6.96
N ALA G 26 39.06 -0.30 6.61
CA ALA G 26 38.53 0.12 5.31
C ALA G 26 39.28 -0.57 4.17
N LEU G 27 39.38 -1.91 4.29
CA LEU G 27 39.94 -2.80 3.26
C LEU G 27 41.38 -2.43 2.94
N LEU G 28 42.11 -1.99 3.97
CA LEU G 28 43.42 -1.36 3.88
C LEU G 28 43.41 -0.22 2.86
N ALA G 29 42.61 0.82 3.19
CA ALA G 29 42.34 1.98 2.33
C ALA G 29 41.79 1.58 0.96
N GLU G 30 41.06 0.46 0.92
CA GLU G 30 40.27 -0.02 -0.21
C GLU G 30 41.12 -0.14 -1.49
N ALA G 31 42.06 -1.09 -1.42
CA ALA G 31 42.96 -1.45 -2.51
C ALA G 31 43.78 -0.25 -2.99
N GLU G 32 44.62 0.23 -2.07
CA GLU G 32 45.63 1.29 -2.22
C GLU G 32 45.15 2.52 -2.99
N ARG G 33 43.90 2.92 -2.73
CA ARG G 33 43.28 4.15 -3.24
C ARG G 33 43.27 4.24 -4.76
N LYS G 34 42.96 3.11 -5.43
CA LYS G 34 42.89 2.89 -6.89
C LYS G 34 44.14 3.35 -7.64
N VAL G 35 45.29 3.45 -6.95
CA VAL G 35 46.52 3.88 -7.59
C VAL G 35 47.03 2.70 -8.42
N LYS G 36 48.02 2.96 -9.28
CA LYS G 36 48.49 2.13 -10.38
C LYS G 36 47.33 1.90 -11.34
N ASN G 37 46.61 2.96 -11.70
CA ASN G 37 45.56 2.95 -12.72
C ASN G 37 46.16 3.13 -14.12
N SER G 38 47.48 2.93 -14.23
CA SER G 38 48.29 3.19 -15.42
C SER G 38 48.11 4.63 -15.89
N GLN G 39 48.45 5.57 -14.98
CA GLN G 39 48.37 7.03 -15.07
C GLN G 39 46.91 7.52 -15.01
N SER G 40 45.94 6.60 -15.02
CA SER G 40 44.52 6.80 -15.28
C SER G 40 44.25 7.50 -16.61
N PHE G 41 45.20 7.48 -17.54
CA PHE G 41 45.13 8.14 -18.83
C PHE G 41 46.29 7.62 -19.68
N PHE G 42 45.99 7.09 -20.86
CA PHE G 42 47.03 6.47 -21.68
C PHE G 42 46.55 6.41 -23.12
N SER G 43 47.36 6.92 -24.05
CA SER G 43 46.98 6.97 -25.46
C SER G 43 48.00 6.28 -26.37
N GLY G 44 48.90 5.49 -25.80
CA GLY G 44 49.89 4.79 -26.62
C GLY G 44 49.34 3.57 -27.30
N LEU G 45 48.92 2.57 -26.51
CA LEU G 45 48.41 1.32 -27.05
C LEU G 45 47.00 1.49 -27.60
N PHE G 46 46.07 1.92 -26.76
CA PHE G 46 44.67 2.02 -27.13
C PHE G 46 44.29 3.48 -27.39
N GLY G 47 43.47 3.68 -28.42
CA GLY G 47 42.86 4.97 -28.68
C GLY G 47 41.36 4.86 -28.59
N GLY G 48 40.88 3.62 -28.52
CA GLY G 48 39.45 3.37 -28.43
C GLY G 48 39.06 2.45 -27.29
N SER G 49 39.73 2.59 -26.15
CA SER G 49 39.40 1.81 -24.97
C SER G 49 39.44 2.71 -23.74
N SER G 50 39.07 2.16 -22.59
CA SER G 50 38.98 2.94 -21.37
C SER G 50 39.23 2.06 -20.16
N LYS G 51 40.29 2.39 -19.41
CA LYS G 51 40.45 1.86 -18.06
C LYS G 51 39.67 2.67 -17.04
N ILE G 52 39.08 3.79 -17.46
CA ILE G 52 38.25 4.61 -16.58
C ILE G 52 37.01 3.83 -16.17
N GLU G 53 36.45 3.05 -17.11
CA GLU G 53 35.30 2.22 -16.82
C GLU G 53 35.65 1.12 -15.82
N GLU G 54 36.88 0.63 -15.85
CA GLU G 54 37.36 -0.26 -14.80
C GLU G 54 37.48 0.47 -13.47
N ALA G 55 37.84 1.75 -13.52
CA ALA G 55 38.00 2.55 -12.30
C ALA G 55 36.67 2.95 -11.69
N CYS G 56 35.54 2.63 -12.33
CA CYS G 56 34.24 2.94 -11.76
C CYS G 56 33.92 2.01 -10.59
N GLU G 57 33.84 0.70 -10.87
CA GLU G 57 33.34 -0.25 -9.88
C GLU G 57 34.33 -0.44 -8.74
N ILE G 58 35.63 -0.40 -9.04
CA ILE G 58 36.64 -0.61 -8.01
C ILE G 58 36.72 0.57 -7.05
N TYR G 59 36.17 1.71 -7.46
CA TYR G 59 36.16 2.90 -6.63
C TYR G 59 34.78 3.24 -6.11
N ALA G 60 33.74 2.65 -6.70
CA ALA G 60 32.42 2.67 -6.08
C ALA G 60 32.26 1.61 -5.02
N ARG G 61 32.90 0.45 -5.19
CA ARG G 61 33.01 -0.50 -4.10
C ARG G 61 33.85 0.06 -2.97
N ALA G 62 34.84 0.90 -3.31
CA ALA G 62 35.70 1.50 -2.31
C ALA G 62 34.94 2.43 -1.38
N ALA G 63 33.99 3.19 -1.93
CA ALA G 63 33.14 4.03 -1.09
C ALA G 63 32.20 3.18 -0.26
N ASN G 64 31.84 1.99 -0.75
CA ASN G 64 30.87 1.17 -0.06
C ASN G 64 31.44 0.56 1.20
N MET G 65 32.76 0.37 1.26
CA MET G 65 33.37 -0.29 2.41
C MET G 65 33.39 0.62 3.62
N PHE G 66 33.31 1.94 3.42
CA PHE G 66 33.29 2.85 4.56
C PHE G 66 31.98 2.76 5.34
N LYS G 67 30.87 2.51 4.64
CA LYS G 67 29.59 2.40 5.32
C LYS G 67 29.50 1.14 6.18
N MET G 68 30.27 0.11 5.85
CA MET G 68 30.41 -1.00 6.77
C MET G 68 31.21 -0.60 7.99
N ALA G 69 32.21 0.27 7.82
CA ALA G 69 33.00 0.77 8.93
C ALA G 69 32.42 2.02 9.56
N LYS G 70 31.27 2.49 9.05
CA LYS G 70 30.55 3.68 9.53
C LYS G 70 31.41 4.95 9.48
N ASN G 71 32.28 5.04 8.49
CA ASN G 71 33.06 6.25 8.26
C ASN G 71 32.40 7.01 7.11
N TRP G 72 31.31 7.72 7.44
CA TRP G 72 30.54 8.42 6.41
C TRP G 72 31.28 9.61 5.85
N SER G 73 32.20 10.20 6.62
CA SER G 73 32.94 11.36 6.13
C SER G 73 33.91 10.96 5.02
N ALA G 74 34.54 9.81 5.16
CA ALA G 74 35.40 9.30 4.11
C ALA G 74 34.64 8.50 3.07
N ALA G 75 33.36 8.22 3.30
CA ALA G 75 32.57 7.48 2.33
C ALA G 75 32.25 8.33 1.11
N GLY G 76 31.54 9.44 1.34
CA GLY G 76 31.07 10.26 0.23
C GLY G 76 32.17 10.99 -0.50
N SER G 77 33.33 11.16 0.15
CA SER G 77 34.49 11.70 -0.56
C SER G 77 34.94 10.79 -1.68
N ALA G 78 34.70 9.50 -1.54
CA ALA G 78 34.96 8.57 -2.62
C ALA G 78 33.79 8.42 -3.58
N PHE G 79 32.57 8.76 -3.16
CA PHE G 79 31.47 8.74 -4.11
C PHE G 79 31.59 9.88 -5.11
N CYS G 80 32.05 11.05 -4.66
CA CYS G 80 31.99 12.25 -5.49
C CYS G 80 32.96 12.18 -6.65
N GLN G 81 34.15 11.63 -6.42
CA GLN G 81 35.09 11.45 -7.52
C GLN G 81 34.63 10.31 -8.41
N ALA G 82 33.98 9.29 -7.83
CA ALA G 82 33.32 8.28 -8.63
C ALA G 82 32.16 8.89 -9.41
N ALA G 83 31.47 9.85 -8.81
CA ALA G 83 30.48 10.60 -9.56
C ALA G 83 31.13 11.53 -10.57
N GLN G 84 32.32 12.02 -10.26
CA GLN G 84 33.08 12.79 -11.25
C GLN G 84 33.57 11.89 -12.36
N LEU G 85 33.80 10.62 -12.03
CA LEU G 85 34.29 9.64 -12.99
C LEU G 85 33.32 9.49 -14.16
N HIS G 86 32.04 9.27 -13.87
CA HIS G 86 31.07 9.11 -14.94
C HIS G 86 30.85 10.42 -15.66
N LEU G 87 30.99 11.53 -14.94
CA LEU G 87 30.97 12.84 -15.57
C LEU G 87 32.19 13.02 -16.48
N GLN G 88 33.33 12.45 -16.06
CA GLN G 88 34.49 12.37 -16.95
C GLN G 88 34.19 11.46 -18.14
N LEU G 89 33.39 10.42 -17.95
CA LEU G 89 33.05 9.53 -19.07
C LEU G 89 31.80 10.02 -19.83
N GLN G 90 31.27 11.15 -19.37
CA GLN G 90 30.06 11.81 -19.86
C GLN G 90 28.86 10.88 -20.04
N SER G 91 28.72 9.92 -19.14
CA SER G 91 27.61 8.98 -19.25
C SER G 91 26.43 9.45 -18.42
N LYS G 92 25.34 9.75 -19.10
CA LYS G 92 24.13 10.22 -18.43
C LYS G 92 23.45 9.11 -17.65
N HIS G 93 22.95 9.44 -16.47
CA HIS G 93 22.24 8.49 -15.62
C HIS G 93 23.15 7.56 -14.81
N ASP G 94 24.46 7.76 -14.85
CA ASP G 94 25.33 6.90 -14.07
C ASP G 94 26.17 7.70 -13.08
N ALA G 95 26.28 9.01 -13.26
CA ALA G 95 26.91 9.86 -12.25
C ALA G 95 25.91 10.29 -11.20
N ALA G 96 24.65 10.49 -11.57
CA ALA G 96 23.69 11.13 -10.67
C ALA G 96 23.32 10.23 -9.51
N THR G 97 23.20 8.94 -9.76
CA THR G 97 22.76 8.01 -8.72
C THR G 97 23.82 7.71 -7.69
N CYS G 98 25.04 8.24 -7.84
CA CYS G 98 26.05 8.11 -6.80
C CYS G 98 26.49 9.44 -6.22
N PHE G 99 26.08 10.57 -6.81
CA PHE G 99 26.09 11.82 -6.04
C PHE G 99 25.17 11.70 -4.84
N VAL G 100 23.97 11.15 -5.04
CA VAL G 100 23.01 11.01 -3.96
C VAL G 100 23.49 9.98 -2.94
N ASP G 101 24.30 9.01 -3.38
CA ASP G 101 24.92 8.10 -2.43
C ASP G 101 25.99 8.79 -1.59
N ALA G 102 26.53 9.92 -2.06
CA ALA G 102 27.30 10.77 -1.17
C ALA G 102 26.37 11.67 -0.36
N GLY G 103 25.29 12.15 -0.98
CA GLY G 103 24.34 12.96 -0.27
C GLY G 103 23.61 12.21 0.82
N ASN G 104 23.37 10.92 0.61
CA ASN G 104 22.88 10.10 1.70
C ASN G 104 23.99 9.82 2.70
N ALA G 105 25.24 9.86 2.26
CA ALA G 105 26.35 9.56 3.16
C ALA G 105 26.63 10.72 4.10
N PHE G 106 26.71 11.94 3.57
CA PHE G 106 27.13 13.07 4.39
C PHE G 106 26.05 13.61 5.30
N LYS G 107 24.88 12.97 5.40
CA LYS G 107 23.87 13.44 6.34
C LYS G 107 24.30 13.19 7.78
N LYS G 108 24.93 12.06 8.03
CA LYS G 108 25.56 11.80 9.33
C LYS G 108 27.03 12.19 9.31
N ALA G 109 27.26 13.41 8.83
CA ALA G 109 28.57 14.01 8.61
C ALA G 109 28.33 15.50 8.43
N ASP G 110 29.31 16.21 7.88
CA ASP G 110 29.24 17.63 7.52
C ASP G 110 28.06 17.88 6.59
N PRO G 111 27.04 18.62 7.05
CA PRO G 111 25.84 18.77 6.24
C PRO G 111 25.99 19.77 5.11
N GLN G 112 26.96 20.67 5.19
CA GLN G 112 27.19 21.60 4.08
C GLN G 112 27.75 20.86 2.88
N GLU G 113 28.53 19.81 3.11
CA GLU G 113 28.94 18.94 2.02
C GLU G 113 27.78 18.04 1.58
N ALA G 114 26.80 17.80 2.45
CA ALA G 114 25.65 17.00 2.05
C ALA G 114 24.77 17.76 1.08
N ILE G 115 24.54 19.04 1.33
CA ILE G 115 23.50 19.76 0.61
C ILE G 115 23.96 20.12 -0.80
N ASN G 116 25.23 20.45 -0.98
CA ASN G 116 25.66 20.90 -2.30
C ASN G 116 25.93 19.72 -3.23
N CYS G 117 26.30 18.57 -2.68
CA CYS G 117 26.42 17.37 -3.50
C CYS G 117 25.06 16.90 -3.97
N LEU G 118 24.05 16.97 -3.10
CA LEU G 118 22.68 16.76 -3.55
C LEU G 118 22.25 17.85 -4.52
N MET G 119 22.72 19.08 -4.30
CA MET G 119 22.41 20.16 -5.23
C MET G 119 23.03 19.90 -6.59
N ARG G 120 24.27 19.37 -6.61
CA ARG G 120 24.87 18.96 -7.87
C ARG G 120 24.15 17.78 -8.49
N ALA G 121 23.47 16.96 -7.69
CA ALA G 121 22.71 15.85 -8.23
C ALA G 121 21.42 16.30 -8.90
N ILE G 122 20.92 17.48 -8.56
CA ILE G 122 19.63 17.91 -9.07
C ILE G 122 19.73 18.24 -10.56
N GLU G 123 20.75 19.02 -10.95
CA GLU G 123 20.82 19.54 -12.32
C GLU G 123 21.03 18.45 -13.36
N ILE G 124 21.50 17.27 -12.94
CA ILE G 124 21.49 16.14 -13.85
C ILE G 124 20.07 15.64 -14.05
N TYR G 125 19.29 15.56 -12.96
CA TYR G 125 17.92 15.10 -13.10
C TYR G 125 17.01 16.14 -13.74
N THR G 126 17.41 17.41 -13.77
CA THR G 126 16.58 18.44 -14.40
C THR G 126 16.45 18.19 -15.90
N ASP G 127 17.58 18.17 -16.60
CA ASP G 127 17.58 17.95 -18.04
C ASP G 127 17.55 16.47 -18.39
N MET G 128 17.21 15.60 -17.45
CA MET G 128 17.08 14.18 -17.73
C MET G 128 15.68 13.83 -18.20
N GLY G 129 14.65 14.42 -17.59
CA GLY G 129 13.29 14.09 -17.94
C GLY G 129 12.46 13.69 -16.74
N ARG G 130 13.05 13.83 -15.57
CA ARG G 130 12.33 13.49 -14.37
C ARG G 130 12.46 14.55 -13.30
N PHE G 131 11.34 15.17 -12.96
CA PHE G 131 11.32 16.14 -11.87
C PHE G 131 10.86 15.52 -10.56
N THR G 132 10.22 14.35 -10.61
CA THR G 132 9.81 13.66 -9.40
C THR G 132 11.01 13.34 -8.52
N ILE G 133 12.07 12.85 -9.16
CA ILE G 133 13.30 12.56 -8.47
C ILE G 133 13.90 13.86 -7.92
N ALA G 134 13.78 14.94 -8.68
CA ALA G 134 14.36 16.22 -8.28
C ALA G 134 13.58 16.83 -7.12
N ALA G 135 12.25 16.72 -7.17
CA ALA G 135 11.43 17.27 -6.10
C ALA G 135 11.59 16.45 -4.82
N LYS G 136 11.91 15.17 -4.95
CA LYS G 136 12.20 14.37 -3.78
C LYS G 136 13.48 14.84 -3.09
N HIS G 137 14.45 15.32 -3.86
CA HIS G 137 15.68 15.77 -3.23
C HIS G 137 15.63 17.23 -2.82
N HIS G 138 14.78 18.03 -3.45
CA HIS G 138 14.57 19.39 -2.96
C HIS G 138 13.92 19.40 -1.59
N ILE G 139 13.17 18.36 -1.23
CA ILE G 139 12.70 18.28 0.16
C ILE G 139 13.69 17.52 1.01
N SER G 140 14.57 16.73 0.41
CA SER G 140 15.62 16.08 1.18
C SER G 140 16.69 17.06 1.61
N ILE G 141 17.03 18.01 0.73
CA ILE G 141 17.94 19.08 1.10
C ILE G 141 17.28 20.00 2.13
N ALA G 142 15.96 20.12 2.08
CA ALA G 142 15.25 20.94 3.03
C ALA G 142 15.08 20.24 4.36
N GLU G 143 15.17 18.91 4.38
CA GLU G 143 15.22 18.18 5.64
C GLU G 143 16.48 18.53 6.42
N ILE G 144 17.58 18.79 5.72
CA ILE G 144 18.82 19.14 6.39
C ILE G 144 18.75 20.55 6.96
N TYR G 145 18.09 21.46 6.23
CA TYR G 145 17.93 22.82 6.71
C TYR G 145 17.01 22.91 7.93
N GLU G 146 16.17 21.92 8.17
CA GLU G 146 15.30 21.96 9.34
C GLU G 146 15.95 21.37 10.58
N THR G 147 16.89 20.46 10.41
CA THR G 147 17.39 19.67 11.53
C THR G 147 18.77 20.09 12.01
N GLU G 148 19.74 20.23 11.10
CA GLU G 148 21.12 20.43 11.48
C GLU G 148 21.61 21.83 11.19
N LEU G 149 21.56 22.26 9.93
CA LEU G 149 21.95 23.62 9.57
C LEU G 149 20.66 24.44 9.55
N VAL G 150 20.28 24.94 10.72
CA VAL G 150 18.97 25.55 10.90
C VAL G 150 18.94 26.91 10.21
N ASP G 151 18.38 26.93 9.00
CA ASP G 151 18.22 28.15 8.21
C ASP G 151 16.88 28.00 7.50
N ILE G 152 15.86 28.62 8.07
CA ILE G 152 14.48 28.30 7.70
C ILE G 152 14.13 28.89 6.35
N GLU G 153 14.50 30.14 6.11
CA GLU G 153 14.10 30.81 4.87
C GLU G 153 14.80 30.26 3.65
N LYS G 154 15.95 29.61 3.81
CA LYS G 154 16.51 28.86 2.69
C LYS G 154 15.71 27.62 2.39
N ALA G 155 15.16 26.97 3.43
CA ALA G 155 14.32 25.80 3.21
C ALA G 155 13.00 26.17 2.56
N ILE G 156 12.56 27.41 2.77
CA ILE G 156 11.35 27.91 2.15
C ILE G 156 11.47 27.89 0.63
N ALA G 157 12.59 28.37 0.11
CA ALA G 157 12.78 28.38 -1.33
C ALA G 157 12.98 26.99 -1.91
N HIS G 158 13.41 26.02 -1.10
CA HIS G 158 13.50 24.66 -1.63
C HIS G 158 12.14 23.98 -1.67
N TYR G 159 11.31 24.16 -0.64
CA TYR G 159 9.97 23.60 -0.70
C TYR G 159 9.13 24.27 -1.78
N GLU G 160 9.23 25.60 -1.89
CA GLU G 160 8.47 26.32 -2.89
C GLU G 160 8.89 25.94 -4.30
N GLN G 161 10.17 25.61 -4.49
CA GLN G 161 10.62 25.12 -5.78
C GLN G 161 10.11 23.71 -6.02
N SER G 162 10.08 22.89 -4.97
CA SER G 162 9.71 21.48 -5.13
C SER G 162 8.24 21.31 -5.44
N ALA G 163 7.39 22.14 -4.81
CA ALA G 163 5.96 22.09 -5.09
C ALA G 163 5.66 22.50 -6.51
N ASP G 164 6.50 23.35 -7.10
CA ASP G 164 6.36 23.67 -8.51
C ASP G 164 6.61 22.46 -9.39
N TYR G 165 7.44 21.52 -8.94
CA TYR G 165 7.67 20.33 -9.74
C TYR G 165 6.51 19.35 -9.63
N TYR G 166 5.95 19.21 -8.43
CA TYR G 166 4.81 18.30 -8.25
C TYR G 166 3.58 18.79 -9.00
N LYS G 167 3.35 20.10 -8.99
CA LYS G 167 2.23 20.64 -9.78
C LYS G 167 2.50 20.52 -11.27
N GLY G 168 3.77 20.58 -11.67
CA GLY G 168 4.11 20.32 -13.06
C GLY G 168 3.96 18.87 -13.47
N GLU G 169 3.96 17.96 -12.50
CA GLU G 169 3.78 16.54 -12.79
C GLU G 169 2.50 16.00 -12.19
N GLU G 170 1.48 16.87 -12.06
CA GLU G 170 0.07 16.54 -11.91
C GLU G 170 -0.27 15.97 -10.52
N SER G 171 0.73 15.69 -9.68
CA SER G 171 0.50 15.11 -8.37
C SER G 171 0.03 16.20 -7.42
N ASN G 172 -1.25 16.54 -7.52
CA ASN G 172 -1.80 17.63 -6.72
C ASN G 172 -1.97 17.21 -5.26
N SER G 173 -2.05 15.92 -4.99
CA SER G 173 -2.18 15.46 -3.61
C SER G 173 -0.85 15.55 -2.88
N SER G 174 0.21 14.99 -3.47
CA SER G 174 1.52 15.01 -2.84
C SER G 174 2.19 16.37 -2.93
N ALA G 175 1.67 17.29 -3.73
CA ALA G 175 2.18 18.65 -3.74
C ALA G 175 1.88 19.34 -2.42
N ASN G 176 0.73 19.03 -1.82
CA ASN G 176 0.27 19.76 -0.64
C ASN G 176 1.11 19.45 0.57
N LYS G 177 1.51 18.17 0.73
CA LYS G 177 2.37 17.77 1.85
C LYS G 177 3.70 18.52 1.80
N CYS G 178 4.19 18.82 0.60
CA CYS G 178 5.25 19.79 0.47
C CYS G 178 4.75 21.20 0.75
N LEU G 179 3.61 21.58 0.17
CA LEU G 179 3.19 22.97 0.15
C LEU G 179 2.63 23.43 1.49
N LEU G 180 2.26 22.51 2.37
CA LEU G 180 1.89 22.90 3.73
C LEU G 180 3.09 23.41 4.51
N LYS G 181 4.23 22.74 4.36
CA LYS G 181 5.37 23.07 5.21
C LYS G 181 5.99 24.39 4.79
N VAL G 182 5.92 24.75 3.51
CA VAL G 182 6.37 26.06 3.11
C VAL G 182 5.41 27.13 3.59
N ALA G 183 4.15 26.78 3.80
CA ALA G 183 3.24 27.70 4.48
C ALA G 183 3.37 27.59 5.98
N GLY G 184 3.79 26.42 6.47
CA GLY G 184 3.92 26.25 7.91
C GLY G 184 5.07 27.06 8.48
N TYR G 185 6.25 26.93 7.89
CA TYR G 185 7.40 27.68 8.38
C TYR G 185 7.31 29.16 8.06
N ALA G 186 6.54 29.55 7.04
CA ALA G 186 6.39 30.96 6.74
C ALA G 186 5.51 31.67 7.75
N ALA G 187 4.76 30.92 8.55
CA ALA G 187 3.85 31.54 9.51
C ALA G 187 4.61 32.20 10.64
N GLN G 188 5.54 31.48 11.27
CA GLN G 188 6.32 32.10 12.33
C GLN G 188 7.42 33.01 11.79
N LEU G 189 7.66 33.01 10.49
CA LEU G 189 8.59 33.94 9.88
C LEU G 189 7.92 35.22 9.43
N GLU G 190 6.67 35.45 9.87
CA GLU G 190 5.89 36.68 9.62
C GLU G 190 5.76 36.93 8.11
N GLN G 191 5.35 35.89 7.40
CA GLN G 191 5.08 35.96 5.97
C GLN G 191 3.66 35.47 5.72
N TYR G 192 2.74 36.07 6.48
CA TYR G 192 1.37 35.57 6.58
C TYR G 192 0.65 35.65 5.25
N GLN G 193 0.69 36.83 4.60
CA GLN G 193 -0.10 37.08 3.40
C GLN G 193 0.33 36.19 2.24
N LYS G 194 1.59 35.77 2.22
CA LYS G 194 1.96 34.61 1.41
C LYS G 194 1.22 33.37 1.87
N ALA G 195 1.48 32.94 3.12
CA ALA G 195 1.00 31.67 3.64
C ALA G 195 -0.51 31.60 3.77
N ILE G 196 -1.19 32.75 3.82
CA ILE G 196 -2.64 32.76 3.94
C ILE G 196 -3.29 32.33 2.64
N ASP G 197 -2.56 32.39 1.53
CA ASP G 197 -3.09 31.97 0.24
C ASP G 197 -2.92 30.49 0.01
N ILE G 198 -1.88 29.90 0.59
CA ILE G 198 -1.64 28.47 0.43
C ILE G 198 -2.71 27.67 1.16
N TYR G 199 -2.97 28.02 2.42
CA TYR G 199 -4.04 27.36 3.17
C TYR G 199 -5.40 27.59 2.54
N GLU G 200 -5.60 28.74 1.89
CA GLU G 200 -6.84 28.96 1.16
C GLU G 200 -6.91 28.08 -0.08
N GLN G 201 -5.82 28.04 -0.87
CA GLN G 201 -5.87 27.28 -2.10
C GLN G 201 -5.78 25.78 -1.86
N VAL G 202 -5.26 25.35 -0.70
CA VAL G 202 -5.40 23.95 -0.32
C VAL G 202 -6.84 23.65 0.04
N GLY G 203 -7.41 24.44 0.94
CA GLY G 203 -8.74 24.15 1.45
C GLY G 203 -9.84 24.32 0.42
N THR G 204 -9.68 25.28 -0.50
CA THR G 204 -10.63 25.39 -1.60
C THR G 204 -10.53 24.18 -2.51
N ASN G 205 -9.33 23.66 -2.70
CA ASN G 205 -9.13 22.45 -3.47
C ASN G 205 -9.21 21.20 -2.61
N ALA G 206 -9.63 21.32 -1.35
CA ALA G 206 -9.86 20.17 -0.50
C ALA G 206 -11.33 19.85 -0.32
N MET G 207 -12.19 20.87 -0.25
CA MET G 207 -13.62 20.65 -0.07
C MET G 207 -14.26 20.00 -1.29
N ASP G 208 -13.65 20.10 -2.46
CA ASP G 208 -14.26 19.60 -3.67
C ASP G 208 -14.10 18.08 -3.83
N SER G 209 -13.33 17.44 -2.96
CA SER G 209 -13.04 16.03 -3.12
C SER G 209 -13.65 15.22 -1.96
N PRO G 210 -14.00 13.94 -2.20
CA PRO G 210 -14.48 13.13 -1.07
C PRO G 210 -13.39 12.79 -0.09
N LEU G 211 -12.20 12.48 -0.60
CA LEU G 211 -10.99 12.53 0.21
C LEU G 211 -10.73 13.97 0.65
N LEU G 212 -10.02 14.11 1.78
CA LEU G 212 -9.55 15.38 2.33
C LEU G 212 -10.68 16.32 2.75
N LYS G 213 -11.94 15.90 2.69
CA LYS G 213 -13.05 16.80 2.98
C LYS G 213 -13.14 17.08 4.47
N TYR G 214 -12.98 16.04 5.28
CA TYR G 214 -13.02 16.23 6.72
C TYR G 214 -11.68 16.70 7.26
N SER G 215 -10.64 16.67 6.44
CA SER G 215 -9.37 17.31 6.76
C SER G 215 -9.38 18.79 6.46
N ALA G 216 -10.34 19.25 5.66
CA ALA G 216 -10.31 20.61 5.15
C ALA G 216 -10.58 21.64 6.23
N LYS G 217 -11.35 21.26 7.26
CA LYS G 217 -11.64 22.18 8.35
C LYS G 217 -10.41 22.48 9.18
N ASP G 218 -9.41 21.60 9.09
CA ASP G 218 -8.16 21.80 9.82
C ASP G 218 -7.29 22.86 9.14
N TYR G 219 -7.52 23.10 7.85
CA TYR G 219 -6.74 24.09 7.12
C TYR G 219 -7.30 25.49 7.31
N PHE G 220 -8.62 25.64 7.21
CA PHE G 220 -9.21 26.97 7.31
C PHE G 220 -9.06 27.55 8.70
N PHE G 221 -9.00 26.69 9.71
CA PHE G 221 -8.69 27.16 11.06
C PHE G 221 -7.28 27.71 11.12
N LYS G 222 -6.35 27.09 10.40
CA LYS G 222 -5.03 27.70 10.29
C LYS G 222 -5.08 28.94 9.41
N ALA G 223 -5.96 28.94 8.41
CA ALA G 223 -6.03 30.07 7.49
C ALA G 223 -6.60 31.31 8.17
N ALA G 224 -7.67 31.13 8.95
CA ALA G 224 -8.21 32.24 9.71
C ALA G 224 -7.25 32.68 10.79
N LEU G 225 -6.45 31.76 11.31
CA LEU G 225 -5.40 32.08 12.27
C LEU G 225 -4.31 32.94 11.64
N CYS G 226 -4.11 32.82 10.33
CA CYS G 226 -3.15 33.66 9.64
C CYS G 226 -3.67 35.07 9.36
N HIS G 227 -4.91 35.38 9.74
CA HIS G 227 -5.45 36.72 9.60
C HIS G 227 -5.18 37.59 10.81
N PHE G 228 -4.07 37.36 11.50
CA PHE G 228 -3.73 38.03 12.74
C PHE G 228 -2.34 38.63 12.65
N CYS G 229 -2.08 39.34 11.56
CA CYS G 229 -0.77 39.95 11.37
C CYS G 229 -0.51 41.02 12.42
N ILE G 230 -1.15 42.18 12.23
CA ILE G 230 -1.46 43.16 13.26
C ILE G 230 -2.91 43.52 12.94
N ASP G 231 -3.31 43.17 11.72
CA ASP G 231 -4.54 43.64 11.10
C ASP G 231 -5.52 42.47 11.00
N MET G 232 -6.79 42.82 10.78
CA MET G 232 -7.89 41.97 10.36
C MET G 232 -8.32 41.02 11.47
N LEU G 233 -7.76 41.17 12.68
CA LEU G 233 -8.42 40.64 13.86
C LEU G 233 -9.64 41.49 14.20
N ASN G 234 -9.62 42.77 13.82
CA ASN G 234 -10.82 43.57 13.90
C ASN G 234 -11.79 43.18 12.81
N ALA G 235 -11.28 42.87 11.62
CA ALA G 235 -12.09 42.34 10.53
C ALA G 235 -12.11 40.82 10.50
N LYS G 236 -11.95 40.19 11.67
CA LYS G 236 -12.15 38.75 11.83
C LYS G 236 -13.55 38.33 11.41
N LEU G 237 -14.54 39.19 11.63
CA LEU G 237 -15.88 38.96 11.12
C LEU G 237 -15.89 38.93 9.60
N ALA G 238 -15.14 39.83 8.97
CA ALA G 238 -14.97 39.79 7.53
C ALA G 238 -14.15 38.59 7.08
N VAL G 239 -13.31 38.05 7.96
CA VAL G 239 -12.63 36.80 7.66
C VAL G 239 -13.64 35.66 7.64
N GLN G 240 -14.37 35.50 8.74
CA GLN G 240 -15.15 34.29 8.93
C GLN G 240 -16.42 34.28 8.10
N LYS G 241 -16.98 35.46 7.77
CA LYS G 241 -18.04 35.51 6.77
C LYS G 241 -17.52 35.12 5.40
N TYR G 242 -16.26 35.46 5.09
CA TYR G 242 -15.64 34.93 3.88
C TYR G 242 -15.35 33.44 4.05
N GLU G 243 -15.15 32.99 5.29
CA GLU G 243 -15.01 31.56 5.56
C GLU G 243 -16.34 30.86 5.70
N GLU G 244 -17.41 31.61 6.02
CA GLU G 244 -18.76 31.09 5.88
C GLU G 244 -19.06 30.70 4.45
N LEU G 245 -18.56 31.49 3.50
CA LEU G 245 -19.05 31.57 2.13
C LEU G 245 -19.08 30.24 1.40
N PHE G 246 -17.92 29.65 1.15
CA PHE G 246 -18.00 28.40 0.42
C PHE G 246 -18.38 27.20 1.30
N PRO G 247 -17.56 26.78 2.30
CA PRO G 247 -17.69 25.38 2.72
C PRO G 247 -18.71 25.12 3.81
N ALA G 248 -19.80 25.89 3.83
CA ALA G 248 -20.88 25.80 4.83
C ALA G 248 -20.37 25.65 6.27
N PHE G 249 -19.58 26.64 6.72
CA PHE G 249 -18.87 26.64 8.01
C PHE G 249 -17.98 25.42 8.22
N SER G 250 -17.52 24.79 7.14
CA SER G 250 -16.86 23.47 7.17
C SER G 250 -17.69 22.49 7.99
N ASP G 251 -18.99 22.43 7.64
CA ASP G 251 -20.08 21.74 8.35
C ASP G 251 -20.11 22.06 9.86
N SER G 252 -19.67 23.28 10.22
CA SER G 252 -19.78 23.88 11.55
C SER G 252 -19.11 23.02 12.63
N ARG G 253 -17.81 22.80 12.45
CA ARG G 253 -17.02 22.18 13.50
C ARG G 253 -16.80 23.18 14.62
N GLU G 254 -16.75 22.68 15.86
CA GLU G 254 -16.49 23.51 17.03
C GLU G 254 -15.09 24.12 17.02
N CYS G 255 -14.20 23.63 16.17
CA CYS G 255 -12.91 24.28 15.98
C CYS G 255 -13.08 25.67 15.38
N LYS G 256 -14.08 25.86 14.51
CA LYS G 256 -14.41 27.21 14.06
C LYS G 256 -15.26 27.96 15.07
N LEU G 257 -16.03 27.24 15.89
CA LEU G 257 -16.77 27.88 16.97
C LEU G 257 -15.82 28.40 18.05
N MET G 258 -14.64 27.79 18.15
CA MET G 258 -13.56 28.36 18.95
C MET G 258 -13.21 29.76 18.48
N LYS G 259 -13.15 29.96 17.17
CA LYS G 259 -12.89 31.29 16.63
C LYS G 259 -14.09 32.21 16.80
N LYS G 260 -15.30 31.65 16.87
CA LYS G 260 -16.50 32.47 16.92
C LYS G 260 -16.63 33.17 18.27
N LEU G 261 -16.41 32.43 19.36
CA LEU G 261 -16.33 33.05 20.67
C LEU G 261 -15.06 33.88 20.83
N LEU G 262 -14.04 33.61 20.02
CA LEU G 262 -12.82 34.39 20.07
C LEU G 262 -13.00 35.77 19.44
N GLU G 263 -14.02 35.94 18.60
CA GLU G 263 -14.29 37.22 17.97
C GLU G 263 -14.74 38.26 19.00
N ALA G 264 -15.77 37.95 19.77
CA ALA G 264 -16.20 38.83 20.83
C ALA G 264 -15.18 38.91 21.96
N HIS G 265 -14.33 37.89 22.08
CA HIS G 265 -13.23 37.93 23.03
C HIS G 265 -12.21 39.02 22.69
N GLU G 266 -12.07 39.35 21.40
CA GLU G 266 -10.99 40.22 20.94
C GLU G 266 -11.10 41.64 21.49
N GLU G 267 -12.27 42.03 21.98
CA GLU G 267 -12.43 43.36 22.56
C GLU G 267 -12.06 43.38 24.03
N GLN G 268 -12.74 42.58 24.85
CA GLN G 268 -12.60 42.65 26.30
C GLN G 268 -12.38 41.26 26.87
N ASN G 269 -12.13 41.22 28.19
CA ASN G 269 -12.01 40.01 29.00
C ASN G 269 -10.89 39.10 28.50
N VAL G 270 -9.67 39.66 28.49
CA VAL G 270 -8.53 39.00 27.88
C VAL G 270 -8.06 37.78 28.67
N ASP G 271 -8.48 37.65 29.93
CA ASP G 271 -8.16 36.47 30.71
C ASP G 271 -8.88 35.23 30.19
N SER G 272 -10.01 35.42 29.50
CA SER G 272 -10.78 34.32 28.94
C SER G 272 -10.13 33.69 27.71
N TYR G 273 -9.00 34.23 27.26
CA TYR G 273 -8.26 33.64 26.15
C TYR G 273 -7.72 32.28 26.54
N THR G 274 -7.05 32.22 27.68
CA THR G 274 -6.59 30.95 28.21
C THR G 274 -7.75 30.06 28.63
N GLU G 275 -8.86 30.68 29.03
CA GLU G 275 -10.06 29.90 29.33
C GLU G 275 -10.66 29.32 28.06
N ALA G 276 -10.57 30.05 26.95
CA ALA G 276 -11.10 29.55 25.69
C ALA G 276 -10.30 28.37 25.17
N VAL G 277 -9.00 28.33 25.43
CA VAL G 277 -8.21 27.20 25.00
C VAL G 277 -8.17 26.11 26.06
N LYS G 278 -8.52 26.43 27.31
CA LYS G 278 -8.61 25.41 28.36
C LYS G 278 -9.71 24.41 28.05
N GLU G 279 -10.83 24.88 27.48
CA GLU G 279 -11.85 23.99 26.99
C GLU G 279 -11.55 23.43 25.62
N TYR G 280 -10.44 23.82 25.00
CA TYR G 280 -10.05 23.26 23.72
C TYR G 280 -8.80 22.39 23.80
N ASP G 281 -7.83 22.73 24.65
CA ASP G 281 -6.66 21.87 24.75
C ASP G 281 -7.00 20.56 25.46
N SER G 282 -8.01 20.59 26.32
CA SER G 282 -8.48 19.38 26.98
C SER G 282 -9.11 18.43 25.97
N ILE G 283 -10.01 18.95 25.14
CA ILE G 283 -10.69 18.10 24.17
C ILE G 283 -9.77 17.73 23.00
N SER G 284 -8.71 18.51 22.75
CA SER G 284 -7.80 18.22 21.65
C SER G 284 -6.45 18.84 22.00
N ARG G 285 -5.45 18.00 22.23
CA ARG G 285 -4.14 18.46 22.65
C ARG G 285 -3.46 19.21 21.51
N LEU G 286 -3.36 20.53 21.65
CA LEU G 286 -2.75 21.37 20.65
C LEU G 286 -1.24 21.11 20.57
N ASP G 287 -0.67 21.40 19.40
CA ASP G 287 0.74 21.16 19.17
C ASP G 287 1.52 22.46 19.37
N GLN G 288 2.85 22.35 19.24
CA GLN G 288 3.72 23.49 19.51
C GLN G 288 3.64 24.56 18.43
N TRP G 289 3.15 24.21 17.23
CA TRP G 289 2.90 25.23 16.22
C TRP G 289 1.71 26.08 16.62
N LEU G 290 0.58 25.42 16.90
CA LEU G 290 -0.66 26.08 17.22
C LEU G 290 -0.59 26.78 18.58
N THR G 291 0.30 26.33 19.46
CA THR G 291 0.49 27.00 20.75
C THR G 291 1.07 28.38 20.57
N THR G 292 2.15 28.48 19.77
CA THR G 292 2.83 29.75 19.60
C THR G 292 1.99 30.74 18.82
N MET G 293 1.22 30.27 17.85
CA MET G 293 0.40 31.17 17.04
C MET G 293 -0.71 31.80 17.87
N LEU G 294 -1.28 31.04 18.81
CA LEU G 294 -2.21 31.64 19.75
C LEU G 294 -1.50 32.54 20.74
N LEU G 295 -0.29 32.17 21.13
CA LEU G 295 0.44 32.95 22.13
C LEU G 295 0.89 34.29 21.57
N ARG G 296 1.22 34.32 20.27
CA ARG G 296 1.58 35.60 19.67
C ARG G 296 0.35 36.48 19.48
N ILE G 297 -0.83 35.87 19.32
CA ILE G 297 -2.07 36.63 19.40
C ILE G 297 -2.30 37.10 20.82
N LYS G 298 -1.98 36.25 21.79
CA LYS G 298 -2.15 36.57 23.21
C LYS G 298 -1.27 37.73 23.63
N LYS G 299 -0.12 37.91 22.98
CA LYS G 299 0.67 39.11 23.18
C LYS G 299 -0.04 40.33 22.61
N THR G 300 -0.59 40.20 21.39
CA THR G 300 -1.23 41.34 20.74
C THR G 300 -2.55 41.68 21.38
N ILE G 301 -3.21 40.71 21.99
CA ILE G 301 -4.49 41.01 22.63
C ILE G 301 -4.28 41.75 23.95
N GLN G 302 -3.07 41.68 24.52
CA GLN G 302 -2.75 42.50 25.69
C GLN G 302 -2.53 43.96 25.33
N GLY G 303 -2.31 44.26 24.05
CA GLY G 303 -2.34 45.65 23.61
C GLY G 303 -3.72 46.25 23.74
N ASP G 304 -4.76 45.43 23.60
CA ASP G 304 -6.11 45.87 23.91
C ASP G 304 -6.32 45.98 25.41
N GLU G 305 -5.54 45.22 26.20
CA GLU G 305 -5.65 45.32 27.65
C GLU G 305 -5.02 46.62 28.17
N GLU G 306 -3.85 46.99 27.63
CA GLU G 306 -3.23 48.24 28.05
C GLU G 306 -3.94 49.46 27.47
N ASP G 307 -4.70 49.29 26.40
CA ASP G 307 -5.56 50.37 25.91
C ASP G 307 -6.71 50.61 26.88
N LEU G 308 -7.23 49.55 27.49
CA LEU G 308 -8.28 49.69 28.49
C LEU G 308 -7.72 50.24 29.81
N ARG G 309 -6.47 49.90 30.12
CA ARG G 309 -5.73 50.35 31.31
C ARG G 309 -6.42 50.04 32.65
N SER H 18 12.25 32.05 -14.43
CA SER H 18 12.28 31.05 -13.36
C SER H 18 13.47 30.11 -13.56
N GLY H 19 14.36 30.08 -12.58
CA GLY H 19 15.56 29.26 -12.70
C GLY H 19 16.51 29.81 -13.72
N LYS H 20 17.12 30.97 -13.40
CA LYS H 20 18.10 31.67 -14.24
C LYS H 20 17.52 32.06 -15.60
N GLU H 21 16.54 32.98 -15.54
CA GLU H 21 15.96 33.69 -16.69
C GLU H 21 15.34 32.72 -17.69
N ALA H 22 14.24 32.09 -17.22
CA ALA H 22 13.41 31.17 -17.99
C ALA H 22 14.21 29.98 -18.50
N GLU H 23 15.17 29.54 -17.66
CA GLU H 23 16.12 28.48 -17.96
C GLU H 23 16.89 28.79 -19.25
N ALA H 24 17.67 29.87 -19.14
CA ALA H 24 18.45 30.46 -20.24
C ALA H 24 17.56 30.84 -21.41
N MET H 25 16.40 31.44 -21.08
CA MET H 25 15.34 31.80 -22.02
C MET H 25 14.94 30.60 -22.88
N ALA H 26 14.56 29.53 -22.17
CA ALA H 26 14.35 28.20 -22.73
C ALA H 26 15.57 27.73 -23.52
N LEU H 27 16.74 27.84 -22.86
CA LEU H 27 18.03 27.34 -23.35
C LEU H 27 18.39 27.98 -24.70
N LEU H 28 18.01 29.25 -24.84
CA LEU H 28 18.02 30.01 -26.10
C LEU H 28 17.30 29.22 -27.21
N ALA H 29 16.00 29.03 -27.00
CA ALA H 29 15.11 28.22 -27.84
C ALA H 29 15.62 26.79 -28.03
N GLU H 30 16.31 26.28 -27.00
CA GLU H 30 16.72 24.88 -26.84
C GLU H 30 17.54 24.39 -28.05
N ALA H 31 18.71 24.99 -28.18
CA ALA H 31 19.71 24.66 -29.22
C ALA H 31 19.13 24.83 -30.62
N GLU H 32 18.79 26.08 -30.92
CA GLU H 32 18.33 26.61 -32.22
C GLU H 32 17.27 25.75 -32.92
N ARG H 33 16.35 25.19 -32.12
CA ARG H 33 15.17 24.46 -32.59
C ARG H 33 15.52 23.26 -33.46
N LYS H 34 16.55 22.50 -33.04
CA LYS H 34 17.12 21.29 -33.69
C LYS H 34 17.45 21.48 -35.18
N VAL H 35 17.63 22.73 -35.62
CA VAL H 35 17.95 22.97 -37.02
C VAL H 35 19.42 22.61 -37.24
N LYS H 36 19.82 22.54 -38.51
CA LYS H 36 21.04 21.93 -39.02
C LYS H 36 21.05 20.46 -38.62
N ASN H 37 19.94 19.75 -38.86
CA ASN H 37 19.80 18.31 -38.70
C ASN H 37 20.28 17.58 -39.96
N SER H 38 21.02 18.30 -40.81
CA SER H 38 21.46 17.86 -42.14
C SER H 38 20.27 17.42 -42.98
N GLN H 39 19.34 18.37 -43.18
CA GLN H 39 18.06 18.30 -43.90
C GLN H 39 17.03 17.48 -43.12
N SER H 40 17.43 16.84 -42.02
CA SER H 40 16.75 15.77 -41.28
C SER H 40 16.40 14.58 -42.17
N PHE H 41 17.07 14.43 -43.32
CA PHE H 41 16.83 13.37 -44.29
C PHE H 41 17.98 13.40 -45.28
N PHE H 42 18.65 12.27 -45.47
CA PHE H 42 19.85 12.23 -46.31
C PHE H 42 20.10 10.80 -46.73
N SER H 43 20.27 10.58 -48.05
CA SER H 43 20.46 9.23 -48.58
C SER H 43 21.73 9.11 -49.42
N GLY H 44 22.63 10.09 -49.34
CA GLY H 44 23.85 10.03 -50.10
C GLY H 44 24.89 9.11 -49.50
N LEU H 45 25.36 9.45 -48.30
CA LEU H 45 26.39 8.67 -47.62
C LEU H 45 25.82 7.38 -47.06
N PHE H 46 24.83 7.49 -46.18
CA PHE H 46 24.28 6.34 -45.48
C PHE H 46 22.94 5.94 -46.07
N GLY H 47 22.71 4.64 -46.18
CA GLY H 47 21.42 4.11 -46.55
C GLY H 47 20.87 3.25 -45.43
N GLY H 48 21.73 2.98 -44.44
CA GLY H 48 21.36 2.16 -43.31
C GLY H 48 21.67 2.80 -41.97
N SER H 49 21.50 4.11 -41.86
CA SER H 49 21.72 4.83 -40.61
C SER H 49 20.61 5.85 -40.43
N SER H 50 20.61 6.52 -39.26
CA SER H 50 19.54 7.45 -38.93
C SER H 50 20.07 8.54 -38.01
N LYS H 51 20.02 9.78 -38.48
CA LYS H 51 20.16 10.93 -37.60
C LYS H 51 18.85 11.29 -36.91
N ILE H 52 17.75 10.63 -37.30
CA ILE H 52 16.46 10.84 -36.65
C ILE H 52 16.52 10.38 -35.21
N GLU H 53 17.22 9.28 -34.96
CA GLU H 53 17.40 8.78 -33.60
C GLU H 53 18.21 9.75 -32.76
N GLU H 54 19.16 10.47 -33.37
CA GLU H 54 19.84 11.56 -32.68
C GLU H 54 18.87 12.71 -32.41
N ALA H 55 17.91 12.94 -33.31
CA ALA H 55 16.94 14.00 -33.15
C ALA H 55 15.88 13.69 -32.10
N CYS H 56 15.88 12.49 -31.54
CA CYS H 56 14.92 12.16 -30.49
C CYS H 56 15.28 12.85 -29.18
N GLU H 57 16.46 12.55 -28.63
CA GLU H 57 16.80 12.99 -27.29
C GLU H 57 17.05 14.49 -27.24
N ILE H 58 17.63 15.05 -28.30
CA ILE H 58 17.93 16.48 -28.32
C ILE H 58 16.67 17.32 -28.44
N TYR H 59 15.57 16.70 -28.85
CA TYR H 59 14.30 17.39 -28.99
C TYR H 59 13.30 16.97 -27.93
N ALA H 60 13.55 15.85 -27.25
CA ALA H 60 12.83 15.52 -26.03
C ALA H 60 13.38 16.25 -24.82
N ARG H 61 14.70 16.46 -24.78
CA ARG H 61 15.27 17.36 -23.80
C ARG H 61 14.79 18.78 -24.03
N ALA H 62 14.57 19.14 -25.29
CA ALA H 62 14.12 20.48 -25.64
C ALA H 62 12.74 20.77 -25.07
N ALA H 63 11.85 19.79 -25.10
CA ALA H 63 10.55 19.96 -24.48
C ALA H 63 10.66 20.02 -22.97
N ASN H 64 11.69 19.37 -22.41
CA ASN H 64 11.81 19.29 -20.97
C ASN H 64 12.21 20.63 -20.36
N MET H 65 12.91 21.47 -21.14
CA MET H 65 13.40 22.73 -20.61
C MET H 65 12.28 23.74 -20.41
N PHE H 66 11.15 23.57 -21.11
CA PHE H 66 10.04 24.49 -20.92
C PHE H 66 9.36 24.29 -19.58
N LYS H 67 9.33 23.06 -19.07
CA LYS H 67 8.71 22.81 -17.78
C LYS H 67 9.53 23.39 -16.64
N MET H 68 10.83 23.57 -16.82
CA MET H 68 11.59 24.35 -15.87
C MET H 68 11.22 25.82 -15.95
N ALA H 69 10.93 26.32 -17.15
CA ALA H 69 10.51 27.70 -17.34
C ALA H 69 9.00 27.88 -17.21
N LYS H 70 8.27 26.78 -16.94
CA LYS H 70 6.81 26.78 -16.78
C LYS H 70 6.07 27.29 -18.00
N ASN H 71 6.62 27.04 -19.19
CA ASN H 71 5.96 27.38 -20.45
C ASN H 71 5.35 26.09 -20.99
N TRP H 72 4.19 25.71 -20.42
CA TRP H 72 3.56 24.45 -20.80
C TRP H 72 2.99 24.49 -22.20
N SER H 73 2.63 25.67 -22.70
CA SER H 73 2.07 25.78 -24.03
C SER H 73 3.11 25.48 -25.10
N ALA H 74 4.33 25.94 -24.88
CA ALA H 74 5.43 25.62 -25.79
C ALA H 74 6.10 24.31 -25.45
N ALA H 75 5.75 23.69 -24.32
CA ALA H 75 6.36 22.43 -23.94
C ALA H 75 5.82 21.30 -24.80
N GLY H 76 4.50 21.07 -24.75
CA GLY H 76 3.91 19.94 -25.43
C GLY H 76 3.92 20.05 -26.93
N SER H 77 4.06 21.27 -27.46
CA SER H 77 4.27 21.45 -28.89
C SER H 77 5.56 20.80 -29.36
N ALA H 78 6.56 20.73 -28.48
CA ALA H 78 7.77 20.01 -28.79
C ALA H 78 7.68 18.53 -28.44
N PHE H 79 6.78 18.12 -27.55
CA PHE H 79 6.61 16.70 -27.32
C PHE H 79 5.95 16.01 -28.50
N CYS H 80 5.00 16.69 -29.15
CA CYS H 80 4.16 16.04 -30.15
C CYS H 80 4.95 15.70 -31.40
N GLN H 81 5.83 16.61 -31.83
CA GLN H 81 6.69 16.30 -32.95
C GLN H 81 7.75 15.28 -32.57
N ALA H 82 8.20 15.31 -31.31
CA ALA H 82 9.03 14.24 -30.80
C ALA H 82 8.25 12.94 -30.74
N ALA H 83 6.97 13.02 -30.42
CA ALA H 83 6.12 11.84 -30.52
C ALA H 83 5.86 11.47 -31.96
N GLN H 84 5.83 12.45 -32.86
CA GLN H 84 5.74 12.17 -34.28
C GLN H 84 7.04 11.55 -34.79
N LEU H 85 8.15 11.86 -34.12
CA LEU H 85 9.46 11.40 -34.56
C LEU H 85 9.61 9.89 -34.39
N HIS H 86 9.12 9.34 -33.28
CA HIS H 86 9.16 7.90 -33.12
C HIS H 86 8.14 7.23 -34.01
N LEU H 87 7.03 7.93 -34.25
CA LEU H 87 6.06 7.46 -35.23
C LEU H 87 6.66 7.49 -36.63
N GLN H 88 7.49 8.49 -36.91
CA GLN H 88 8.29 8.50 -38.14
C GLN H 88 9.29 7.35 -38.14
N LEU H 89 9.82 6.98 -36.97
CA LEU H 89 10.76 5.85 -36.91
C LEU H 89 10.04 4.51 -36.72
N GLN H 90 8.72 4.59 -36.67
CA GLN H 90 7.77 3.48 -36.44
C GLN H 90 8.16 2.58 -35.26
N SER H 91 8.64 3.18 -34.19
CA SER H 91 8.71 2.52 -32.88
C SER H 91 7.48 2.97 -32.09
N LYS H 92 6.61 2.01 -31.74
CA LYS H 92 5.27 2.35 -31.30
C LYS H 92 5.26 2.91 -29.88
N HIS H 93 5.69 2.09 -28.93
CA HIS H 93 5.69 2.46 -27.51
C HIS H 93 6.55 3.68 -27.17
N ASP H 94 7.61 3.89 -27.92
CA ASP H 94 8.49 5.01 -27.66
C ASP H 94 7.88 6.34 -28.07
N ALA H 95 6.83 6.30 -28.90
CA ALA H 95 6.07 7.50 -29.20
C ALA H 95 4.97 7.76 -28.16
N ALA H 96 4.40 6.69 -27.61
CA ALA H 96 3.20 6.83 -26.79
C ALA H 96 3.50 7.49 -25.46
N THR H 97 4.66 7.19 -24.87
CA THR H 97 4.98 7.70 -23.55
C THR H 97 5.38 9.16 -23.57
N CYS H 98 5.47 9.80 -24.72
CA CYS H 98 5.70 11.23 -24.78
C CYS H 98 4.57 12.01 -25.43
N PHE H 99 3.58 11.32 -26.03
CA PHE H 99 2.29 11.98 -26.23
C PHE H 99 1.67 12.36 -24.89
N VAL H 100 1.73 11.45 -23.93
CA VAL H 100 1.15 11.72 -22.61
C VAL H 100 1.95 12.79 -21.88
N ASP H 101 3.24 12.91 -22.18
CA ASP H 101 4.02 14.00 -21.64
C ASP H 101 3.63 15.34 -22.24
N ALA H 102 3.00 15.34 -23.43
CA ALA H 102 2.31 16.54 -23.89
C ALA H 102 0.94 16.64 -23.26
N GLY H 103 0.26 15.50 -23.10
CA GLY H 103 -1.04 15.51 -22.47
C GLY H 103 -0.99 15.90 -21.02
N ASN H 104 0.10 15.55 -20.33
CA ASN H 104 0.30 16.08 -19.00
C ASN H 104 0.72 17.54 -19.06
N ALA H 105 1.31 17.97 -20.18
CA ALA H 105 1.77 19.34 -20.29
C ALA H 105 0.62 20.30 -20.55
N PHE H 106 -0.26 19.97 -21.49
CA PHE H 106 -1.30 20.91 -21.88
C PHE H 106 -2.47 20.98 -20.92
N LYS H 107 -2.41 20.32 -19.76
CA LYS H 107 -3.50 20.46 -18.80
C LYS H 107 -3.51 21.86 -18.18
N LYS H 108 -2.33 22.42 -17.91
CA LYS H 108 -2.22 23.81 -17.51
C LYS H 108 -1.96 24.71 -18.70
N ALA H 109 -2.79 24.51 -19.73
CA ALA H 109 -2.72 25.16 -21.03
C ALA H 109 -4.06 24.92 -21.69
N ASP H 110 -4.12 25.10 -23.01
CA ASP H 110 -5.28 24.82 -23.87
C ASP H 110 -5.72 23.36 -23.69
N PRO H 111 -6.90 23.14 -23.12
CA PRO H 111 -7.30 21.76 -22.82
C PRO H 111 -7.79 20.99 -24.03
N GLN H 112 -8.21 21.67 -25.09
CA GLN H 112 -8.60 20.97 -26.31
C GLN H 112 -7.40 20.34 -26.98
N GLU H 113 -6.22 20.97 -26.85
CA GLU H 113 -5.00 20.33 -27.29
C GLU H 113 -4.57 19.24 -26.31
N ALA H 114 -5.01 19.32 -25.05
CA ALA H 114 -4.67 18.28 -24.10
C ALA H 114 -5.42 16.99 -24.41
N ILE H 115 -6.69 17.09 -24.75
CA ILE H 115 -7.54 15.90 -24.79
C ILE H 115 -7.27 15.08 -26.03
N ASN H 116 -6.99 15.73 -27.16
CA ASN H 116 -6.83 14.97 -28.39
C ASN H 116 -5.44 14.36 -28.50
N CYS H 117 -4.44 14.99 -27.88
CA CYS H 117 -3.12 14.37 -27.82
C CYS H 117 -3.13 13.14 -26.92
N LEU H 118 -3.85 13.22 -25.80
CA LEU H 118 -4.10 12.03 -25.01
C LEU H 118 -4.95 11.03 -25.77
N MET H 119 -5.89 11.53 -26.59
CA MET H 119 -6.68 10.63 -27.41
C MET H 119 -5.83 9.94 -28.45
N ARG H 120 -4.87 10.65 -29.03
CA ARG H 120 -3.91 10.02 -29.93
C ARG H 120 -2.99 9.04 -29.19
N ALA H 121 -2.80 9.25 -27.89
CA ALA H 121 -1.98 8.31 -27.13
C ALA H 121 -2.71 7.01 -26.83
N ILE H 122 -4.04 7.01 -26.89
CA ILE H 122 -4.79 5.83 -26.51
C ILE H 122 -4.62 4.72 -27.55
N GLU H 123 -4.77 5.06 -28.84
CA GLU H 123 -4.82 4.04 -29.88
C GLU H 123 -3.50 3.31 -30.05
N ILE H 124 -2.40 3.88 -29.57
CA ILE H 124 -1.16 3.13 -29.49
C ILE H 124 -1.25 2.09 -28.39
N TYR H 125 -1.80 2.47 -27.23
CA TYR H 125 -1.93 1.51 -26.15
C TYR H 125 -3.02 0.48 -26.39
N THR H 126 -3.95 0.74 -27.31
CA THR H 126 -5.00 -0.24 -27.59
C THR H 126 -4.42 -1.50 -28.20
N ASP H 127 -3.75 -1.37 -29.34
CA ASP H 127 -3.15 -2.51 -30.00
C ASP H 127 -1.78 -2.86 -29.45
N MET H 128 -1.42 -2.35 -28.28
CA MET H 128 -0.17 -2.69 -27.63
C MET H 128 -0.30 -3.94 -26.78
N GLY H 129 -1.41 -4.06 -26.04
CA GLY H 129 -1.58 -5.18 -25.14
C GLY H 129 -1.90 -4.76 -23.73
N ARG H 130 -2.16 -3.46 -23.54
CA ARG H 130 -2.40 -2.90 -22.22
C ARG H 130 -3.62 -2.00 -22.29
N PHE H 131 -4.71 -2.40 -21.65
CA PHE H 131 -5.86 -1.51 -21.51
C PHE H 131 -5.88 -0.78 -20.18
N THR H 132 -5.10 -1.25 -19.20
CA THR H 132 -5.01 -0.56 -17.92
C THR H 132 -4.48 0.85 -18.10
N ILE H 133 -3.44 1.00 -18.92
CA ILE H 133 -2.90 2.32 -19.23
C ILE H 133 -3.92 3.13 -20.02
N ALA H 134 -4.71 2.47 -20.86
CA ALA H 134 -5.70 3.18 -21.66
C ALA H 134 -6.86 3.64 -20.80
N ALA H 135 -7.30 2.79 -19.87
CA ALA H 135 -8.41 3.15 -19.01
C ALA H 135 -8.00 4.22 -18.01
N LYS H 136 -6.72 4.28 -17.68
CA LYS H 136 -6.23 5.37 -16.84
C LYS H 136 -6.31 6.70 -17.57
N HIS H 137 -6.12 6.71 -18.88
CA HIS H 137 -6.18 7.97 -19.58
C HIS H 137 -7.58 8.31 -20.06
N HIS H 138 -8.45 7.32 -20.22
CA HIS H 138 -9.86 7.62 -20.48
C HIS H 138 -10.52 8.29 -19.30
N ILE H 139 -10.02 8.10 -18.08
CA ILE H 139 -10.53 8.91 -16.97
C ILE H 139 -9.70 10.17 -16.81
N SER H 140 -8.49 10.20 -17.34
CA SER H 140 -7.70 11.43 -17.30
C SER H 140 -8.25 12.46 -18.28
N ILE H 141 -8.69 11.99 -19.46
CA ILE H 141 -9.35 12.89 -20.40
C ILE H 141 -10.70 13.32 -19.85
N ALA H 142 -11.33 12.46 -19.04
CA ALA H 142 -12.61 12.82 -18.45
C ALA H 142 -12.44 13.75 -17.26
N GLU H 143 -11.25 13.78 -16.67
CA GLU H 143 -10.95 14.78 -15.65
C GLU H 143 -10.95 16.18 -16.24
N ILE H 144 -10.54 16.31 -17.50
CA ILE H 144 -10.52 17.61 -18.15
C ILE H 144 -11.94 18.06 -18.49
N TYR H 145 -12.78 17.11 -18.89
CA TYR H 145 -14.17 17.43 -19.19
C TYR H 145 -14.98 17.84 -17.95
N GLU H 146 -14.53 17.48 -16.76
CA GLU H 146 -15.24 17.87 -15.55
C GLU H 146 -14.82 19.23 -15.03
N THR H 147 -13.58 19.65 -15.32
CA THR H 147 -13.00 20.82 -14.65
C THR H 147 -12.93 22.05 -15.53
N GLU H 148 -12.42 21.92 -16.76
CA GLU H 148 -12.13 23.08 -17.58
C GLU H 148 -13.07 23.19 -18.77
N LEU H 149 -13.12 22.18 -19.63
CA LEU H 149 -14.04 22.16 -20.76
C LEU H 149 -15.26 21.39 -20.29
N VAL H 150 -16.20 22.10 -19.65
CA VAL H 150 -17.30 21.45 -18.97
C VAL H 150 -18.29 20.93 -20.00
N ASP H 151 -18.21 19.64 -20.29
CA ASP H 151 -19.11 18.96 -21.21
C ASP H 151 -19.33 17.58 -20.61
N ILE H 152 -20.45 17.42 -19.91
CA ILE H 152 -20.63 16.29 -19.02
C ILE H 152 -20.89 15.01 -19.80
N GLU H 153 -21.77 15.09 -20.81
CA GLU H 153 -22.17 13.88 -21.54
C GLU H 153 -21.06 13.32 -22.41
N LYS H 154 -20.07 14.14 -22.78
CA LYS H 154 -18.88 13.58 -23.40
C LYS H 154 -18.04 12.81 -22.40
N ALA H 155 -18.00 13.27 -21.15
CA ALA H 155 -17.25 12.55 -20.12
C ALA H 155 -17.93 11.24 -19.76
N ILE H 156 -19.26 11.18 -19.95
CA ILE H 156 -20.01 9.96 -19.72
C ILE H 156 -19.52 8.83 -20.61
N ALA H 157 -19.32 9.12 -21.89
CA ALA H 157 -18.86 8.09 -22.82
C ALA H 157 -17.40 7.71 -22.58
N HIS H 158 -16.61 8.58 -21.96
CA HIS H 158 -15.24 8.19 -21.63
C HIS H 158 -15.20 7.30 -20.40
N TYR H 159 -15.99 7.61 -19.36
CA TYR H 159 -16.03 6.73 -18.21
C TYR H 159 -16.65 5.39 -18.55
N GLU H 160 -17.73 5.41 -19.33
CA GLU H 160 -18.39 4.17 -19.72
C GLU H 160 -17.49 3.29 -20.59
N GLN H 161 -16.63 3.92 -21.40
CA GLN H 161 -15.66 3.15 -22.16
C GLN H 161 -14.56 2.61 -21.25
N SER H 162 -14.16 3.39 -20.25
CA SER H 162 -13.05 3.00 -19.39
C SER H 162 -13.42 1.85 -18.48
N ALA H 163 -14.65 1.86 -17.97
CA ALA H 163 -15.12 0.76 -17.12
C ALA H 163 -15.20 -0.54 -17.90
N ASP H 164 -15.42 -0.46 -19.20
CA ASP H 164 -15.37 -1.66 -20.04
C ASP H 164 -13.97 -2.23 -20.08
N TYR H 165 -12.94 -1.40 -19.94
CA TYR H 165 -11.59 -1.92 -19.94
C TYR H 165 -11.24 -2.58 -18.61
N TYR H 166 -11.68 -1.99 -17.50
CA TYR H 166 -11.41 -2.57 -16.20
C TYR H 166 -12.12 -3.89 -16.01
N LYS H 167 -13.36 -3.99 -16.50
CA LYS H 167 -14.06 -5.27 -16.43
C LYS H 167 -13.42 -6.29 -17.36
N GLY H 168 -12.85 -5.83 -18.47
CA GLY H 168 -12.10 -6.72 -19.33
C GLY H 168 -10.79 -7.20 -18.74
N GLU H 169 -10.26 -6.46 -17.75
CA GLU H 169 -9.02 -6.83 -17.10
C GLU H 169 -9.25 -7.17 -15.63
N GLU H 170 -10.45 -7.65 -15.30
CA GLU H 170 -10.78 -8.40 -14.09
C GLU H 170 -10.81 -7.54 -12.83
N SER H 171 -10.40 -6.27 -12.92
CA SER H 171 -10.36 -5.39 -11.76
C SER H 171 -11.76 -4.89 -11.46
N ASN H 172 -12.56 -5.75 -10.81
CA ASN H 172 -13.94 -5.41 -10.54
C ASN H 172 -14.06 -4.37 -9.43
N SER H 173 -13.05 -4.25 -8.58
CA SER H 173 -13.07 -3.25 -7.53
C SER H 173 -12.83 -1.85 -8.08
N SER H 174 -11.75 -1.70 -8.85
CA SER H 174 -11.40 -0.40 -9.40
C SER H 174 -12.29 0.00 -10.57
N ALA H 175 -13.07 -0.94 -11.11
CA ALA H 175 -14.05 -0.59 -12.13
C ALA H 175 -15.14 0.29 -11.55
N ASN H 176 -15.50 0.05 -10.29
CA ASN H 176 -16.66 0.73 -9.70
C ASN H 176 -16.39 2.20 -9.45
N LYS H 177 -15.16 2.53 -9.01
CA LYS H 177 -14.78 3.92 -8.80
C LYS H 177 -14.86 4.72 -10.08
N CYS H 178 -14.60 4.07 -11.21
CA CYS H 178 -14.97 4.65 -12.49
C CYS H 178 -16.48 4.61 -12.69
N LEU H 179 -17.10 3.47 -12.42
CA LEU H 179 -18.48 3.24 -12.84
C LEU H 179 -19.48 3.96 -11.95
N LEU H 180 -19.08 4.41 -10.76
CA LEU H 180 -19.95 5.27 -9.97
C LEU H 180 -20.11 6.63 -10.61
N LYS H 181 -19.03 7.20 -11.13
CA LYS H 181 -19.09 8.57 -11.61
C LYS H 181 -19.87 8.67 -12.91
N VAL H 182 -19.85 7.62 -13.74
CA VAL H 182 -20.70 7.62 -14.92
C VAL H 182 -22.15 7.45 -14.52
N ALA H 183 -22.43 6.83 -13.37
CA ALA H 183 -23.79 6.84 -12.85
C ALA H 183 -24.06 8.11 -12.07
N GLY H 184 -23.00 8.71 -11.51
CA GLY H 184 -23.20 9.93 -10.73
C GLY H 184 -23.60 11.10 -11.59
N TYR H 185 -22.84 11.36 -12.66
CA TYR H 185 -23.17 12.47 -13.54
C TYR H 185 -24.40 12.20 -14.38
N ALA H 186 -24.75 10.95 -14.61
CA ALA H 186 -25.96 10.66 -15.37
C ALA H 186 -27.23 10.94 -14.56
N ALA H 187 -27.11 11.09 -13.25
CA ALA H 187 -28.27 11.31 -12.42
C ALA H 187 -28.86 12.69 -12.64
N GLN H 188 -28.04 13.73 -12.59
CA GLN H 188 -28.54 15.07 -12.85
C GLN H 188 -28.75 15.34 -14.33
N LEU H 189 -28.28 14.46 -15.20
CA LEU H 189 -28.54 14.58 -16.62
C LEU H 189 -29.80 13.85 -17.04
N GLU H 190 -30.64 13.45 -16.07
CA GLU H 190 -31.94 12.81 -16.28
C GLU H 190 -31.80 11.54 -17.14
N GLN H 191 -30.86 10.70 -16.74
CA GLN H 191 -30.63 9.40 -17.36
C GLN H 191 -30.71 8.32 -16.30
N TYR H 192 -31.81 8.38 -15.55
CA TYR H 192 -31.97 7.61 -14.32
C TYR H 192 -31.97 6.12 -14.60
N GLN H 193 -32.78 5.67 -15.56
CA GLN H 193 -32.99 4.24 -15.80
C GLN H 193 -31.72 3.56 -16.29
N LYS H 194 -30.83 4.30 -16.93
CA LYS H 194 -29.45 3.85 -17.06
C LYS H 194 -28.80 3.73 -15.69
N ALA H 195 -28.67 4.85 -14.98
CA ALA H 195 -27.91 4.93 -13.74
C ALA H 195 -28.51 4.10 -12.61
N ILE H 196 -29.80 3.77 -12.70
CA ILE H 196 -30.43 2.98 -11.65
C ILE H 196 -29.96 1.54 -11.71
N ASP H 197 -29.39 1.12 -12.83
CA ASP H 197 -28.90 -0.25 -12.96
C ASP H 197 -27.47 -0.37 -12.47
N ILE H 198 -26.69 0.70 -12.58
CA ILE H 198 -25.30 0.68 -12.12
C ILE H 198 -25.26 0.57 -10.60
N TYR H 199 -26.01 1.42 -9.91
CA TYR H 199 -26.09 1.34 -8.46
C TYR H 199 -26.67 0.02 -7.99
N GLU H 200 -27.56 -0.57 -8.77
CA GLU H 200 -28.04 -1.90 -8.43
C GLU H 200 -26.97 -2.95 -8.63
N GLN H 201 -26.28 -2.92 -9.78
CA GLN H 201 -25.29 -3.95 -10.03
C GLN H 201 -24.02 -3.74 -9.22
N VAL H 202 -23.76 -2.52 -8.74
CA VAL H 202 -22.70 -2.35 -7.75
C VAL H 202 -23.12 -2.96 -6.43
N GLY H 203 -24.31 -2.57 -5.93
CA GLY H 203 -24.73 -2.99 -4.61
C GLY H 203 -25.04 -4.47 -4.51
N THR H 204 -25.54 -5.07 -5.59
CA THR H 204 -25.72 -6.51 -5.60
C THR H 204 -24.38 -7.22 -5.56
N ASN H 205 -23.38 -6.64 -6.22
CA ASN H 205 -22.03 -7.16 -6.19
C ASN H 205 -21.22 -6.57 -5.04
N ALA H 206 -21.85 -5.83 -4.13
CA ALA H 206 -21.18 -5.33 -2.95
C ALA H 206 -21.55 -6.11 -1.69
N MET H 207 -22.82 -6.53 -1.58
CA MET H 207 -23.25 -7.28 -0.41
C MET H 207 -22.60 -8.66 -0.30
N ASP H 208 -22.12 -9.20 -1.41
CA ASP H 208 -21.59 -10.56 -1.39
C ASP H 208 -20.17 -10.62 -0.85
N SER H 209 -19.53 -9.49 -0.58
CA SER H 209 -18.15 -9.48 -0.16
C SER H 209 -18.02 -8.97 1.27
N PRO H 210 -16.98 -9.40 2.01
CA PRO H 210 -16.79 -8.84 3.35
C PRO H 210 -16.32 -7.41 3.32
N LEU H 211 -15.43 -7.08 2.38
CA LEU H 211 -15.21 -5.71 1.98
C LEU H 211 -16.47 -5.15 1.34
N LEU H 212 -16.63 -3.82 1.39
CA LEU H 212 -17.69 -3.06 0.75
C LEU H 212 -19.08 -3.38 1.28
N LYS H 213 -19.21 -4.22 2.30
CA LYS H 213 -20.53 -4.64 2.76
C LYS H 213 -21.22 -3.51 3.51
N TYR H 214 -20.49 -2.80 4.35
CA TYR H 214 -21.08 -1.68 5.07
C TYR H 214 -21.08 -0.42 4.23
N SER H 215 -20.40 -0.43 3.09
CA SER H 215 -20.54 0.62 2.09
C SER H 215 -21.74 0.41 1.20
N ALA H 216 -22.31 -0.79 1.19
CA ALA H 216 -23.33 -1.12 0.21
C ALA H 216 -24.64 -0.41 0.49
N LYS H 217 -24.91 -0.08 1.74
CA LYS H 217 -26.13 0.64 2.09
C LYS H 217 -26.13 2.06 1.55
N ASP H 218 -24.94 2.61 1.29
CA ASP H 218 -24.86 3.94 0.70
C ASP H 218 -25.30 3.92 -0.75
N TYR H 219 -25.11 2.79 -1.43
CA TYR H 219 -25.45 2.72 -2.85
C TYR H 219 -26.94 2.57 -3.06
N PHE H 220 -27.60 1.69 -2.30
CA PHE H 220 -29.02 1.45 -2.50
C PHE H 220 -29.85 2.66 -2.12
N PHE H 221 -29.37 3.47 -1.19
CA PHE H 221 -30.02 4.73 -0.91
C PHE H 221 -29.94 5.67 -2.09
N LYS H 222 -28.83 5.66 -2.82
CA LYS H 222 -28.78 6.38 -4.07
C LYS H 222 -29.62 5.70 -5.13
N ALA H 223 -29.71 4.37 -5.08
CA ALA H 223 -30.46 3.63 -6.09
C ALA H 223 -31.96 3.86 -5.94
N ALA H 224 -32.46 3.81 -4.71
CA ALA H 224 -33.86 4.12 -4.48
C ALA H 224 -34.16 5.58 -4.76
N LEU H 225 -33.17 6.45 -4.56
CA LEU H 225 -33.29 7.86 -4.91
C LEU H 225 -33.42 8.05 -6.41
N CYS H 226 -32.86 7.14 -7.20
CA CYS H 226 -33.01 7.20 -8.65
C CYS H 226 -34.36 6.71 -9.14
N HIS H 227 -35.25 6.28 -8.25
CA HIS H 227 -36.59 5.87 -8.62
C HIS H 227 -37.59 7.02 -8.57
N PHE H 228 -37.12 8.23 -8.84
CA PHE H 228 -37.92 9.44 -8.72
C PHE H 228 -37.84 10.24 -10.01
N CYS H 229 -38.05 9.57 -11.14
CA CYS H 229 -38.00 10.23 -12.43
C CYS H 229 -39.11 11.25 -12.57
N ILE H 230 -40.33 10.74 -12.80
CA ILE H 230 -41.59 11.41 -12.51
C ILE H 230 -42.40 10.28 -11.88
N ASP H 231 -41.93 9.06 -12.10
CA ASP H 231 -42.66 7.84 -11.84
C ASP H 231 -42.02 7.12 -10.65
N MET H 232 -42.78 6.17 -10.09
CA MET H 232 -42.37 5.14 -9.14
C MET H 232 -42.02 5.73 -7.78
N LEU H 233 -42.27 7.03 -7.57
CA LEU H 233 -42.41 7.55 -6.22
C LEU H 233 -43.74 7.10 -5.63
N ASN H 234 -44.73 6.85 -6.48
CA ASN H 234 -45.96 6.20 -6.02
C ASN H 234 -45.70 4.74 -5.76
N ALA H 235 -44.88 4.10 -6.59
CA ALA H 235 -44.45 2.72 -6.38
C ALA H 235 -43.13 2.65 -5.63
N LYS H 236 -42.85 3.65 -4.79
CA LYS H 236 -41.72 3.60 -3.86
C LYS H 236 -41.81 2.39 -2.94
N LEU H 237 -43.03 2.00 -2.55
CA LEU H 237 -43.22 0.77 -1.81
C LEU H 237 -42.77 -0.44 -2.62
N ALA H 238 -43.07 -0.45 -3.92
CA ALA H 238 -42.57 -1.50 -4.80
C ALA H 238 -41.06 -1.38 -5.00
N VAL H 239 -40.50 -0.19 -4.83
CA VAL H 239 -39.05 -0.05 -4.84
C VAL H 239 -38.46 -0.72 -3.60
N GLN H 240 -38.94 -0.30 -2.43
CA GLN H 240 -38.25 -0.67 -1.19
C GLN H 240 -38.53 -2.11 -0.79
N LYS H 241 -39.69 -2.66 -1.16
CA LYS H 241 -39.89 -4.10 -1.02
C LYS H 241 -38.94 -4.88 -1.92
N TYR H 242 -38.65 -4.35 -3.11
CA TYR H 242 -37.60 -4.93 -3.92
C TYR H 242 -36.23 -4.67 -3.30
N GLU H 243 -36.11 -3.59 -2.53
CA GLU H 243 -34.87 -3.34 -1.78
C GLU H 243 -34.86 -4.05 -0.45
N GLU H 244 -36.02 -4.43 0.07
CA GLU H 244 -36.09 -5.37 1.17
C GLU H 244 -35.47 -6.70 0.79
N LEU H 245 -35.69 -7.14 -0.46
CA LEU H 245 -35.57 -8.51 -0.91
C LEU H 245 -34.22 -9.15 -0.63
N PHE H 246 -33.17 -8.66 -1.26
CA PHE H 246 -31.90 -9.32 -0.98
C PHE H 246 -31.27 -8.89 0.34
N PRO H 247 -30.85 -7.61 0.54
CA PRO H 247 -29.81 -7.41 1.54
C PRO H 247 -30.30 -7.19 2.96
N ALA H 248 -31.43 -7.80 3.33
CA ALA H 248 -32.07 -7.68 4.65
C ALA H 248 -32.14 -6.24 5.16
N PHE H 249 -32.79 -5.37 4.38
CA PHE H 249 -32.87 -3.91 4.61
C PHE H 249 -31.51 -3.22 4.71
N SER H 250 -30.46 -3.82 4.12
CA SER H 250 -29.06 -3.45 4.34
C SER H 250 -28.77 -3.34 5.84
N ASP H 251 -29.14 -4.40 6.56
CA ASP H 251 -29.19 -4.52 8.03
C ASP H 251 -29.91 -3.34 8.71
N SER H 252 -30.89 -2.76 8.01
CA SER H 252 -31.83 -1.75 8.50
C SER H 252 -31.12 -0.51 9.06
N ARG H 253 -30.34 0.12 8.20
CA ARG H 253 -29.77 1.43 8.53
C ARG H 253 -30.87 2.48 8.50
N GLU H 254 -30.75 3.47 9.40
CA GLU H 254 -31.70 4.59 9.43
C GLU H 254 -31.67 5.45 8.18
N CYS H 255 -30.64 5.31 7.35
CA CYS H 255 -30.62 5.96 6.05
C CYS H 255 -31.73 5.43 5.15
N LYS H 256 -32.05 4.14 5.27
CA LYS H 256 -33.23 3.63 4.58
C LYS H 256 -34.51 3.93 5.34
N LEU H 257 -34.43 4.08 6.66
CA LEU H 257 -35.60 4.50 7.44
C LEU H 257 -35.96 5.94 7.12
N MET H 258 -34.99 6.74 6.68
CA MET H 258 -35.27 8.05 6.10
C MET H 258 -36.21 7.94 4.91
N LYS H 259 -35.98 6.94 4.06
CA LYS H 259 -36.88 6.71 2.93
C LYS H 259 -38.22 6.15 3.39
N LYS H 260 -38.23 5.44 4.52
CA LYS H 260 -39.46 4.78 4.95
C LYS H 260 -40.50 5.79 5.43
N LEU H 261 -40.07 6.75 6.25
CA LEU H 261 -40.94 7.86 6.59
C LEU H 261 -41.20 8.78 5.41
N LEU H 262 -40.32 8.76 4.41
CA LEU H 262 -40.51 9.57 3.22
C LEU H 262 -41.61 9.01 2.33
N GLU H 263 -41.93 7.72 2.48
CA GLU H 263 -42.99 7.10 1.69
C GLU H 263 -44.35 7.67 2.03
N ALA H 264 -44.71 7.65 3.31
CA ALA H 264 -45.97 8.25 3.75
C ALA H 264 -45.93 9.77 3.63
N HIS H 265 -44.73 10.35 3.62
CA HIS H 265 -44.59 11.78 3.37
C HIS H 265 -45.02 12.15 1.96
N GLU H 266 -44.89 11.24 0.99
CA GLU H 266 -45.07 11.56 -0.42
C GLU H 266 -46.51 11.98 -0.75
N GLU H 267 -47.47 11.65 0.11
CA GLU H 267 -48.85 12.06 -0.11
C GLU H 267 -49.13 13.46 0.43
N GLN H 268 -48.94 13.65 1.73
CA GLN H 268 -49.35 14.90 2.39
C GLN H 268 -48.22 15.44 3.24
N ASN H 269 -48.45 16.64 3.80
CA ASN H 269 -47.57 17.31 4.76
C ASN H 269 -46.18 17.56 4.17
N VAL H 270 -46.17 18.32 3.07
CA VAL H 270 -44.95 18.52 2.28
C VAL H 270 -43.93 19.39 3.00
N ASP H 271 -44.35 20.13 4.03
CA ASP H 271 -43.40 20.90 4.83
C ASP H 271 -42.48 20.01 5.64
N SER H 272 -42.91 18.78 5.94
CA SER H 272 -42.11 17.83 6.70
C SER H 272 -40.95 17.24 5.90
N TYR H 273 -40.83 17.59 4.61
CA TYR H 273 -39.70 17.14 3.81
C TYR H 273 -38.41 17.74 4.33
N THR H 274 -38.40 19.05 4.53
CA THR H 274 -37.26 19.72 5.12
C THR H 274 -37.09 19.32 6.57
N GLU H 275 -38.18 18.96 7.25
CA GLU H 275 -38.09 18.45 8.60
C GLU H 275 -37.47 17.05 8.61
N ALA H 276 -37.75 16.26 7.59
CA ALA H 276 -37.18 14.92 7.50
C ALA H 276 -35.68 14.95 7.27
N VAL H 277 -35.20 15.96 6.53
CA VAL H 277 -33.76 16.06 6.34
C VAL H 277 -33.10 16.90 7.42
N LYS H 278 -33.87 17.67 8.18
CA LYS H 278 -33.32 18.41 9.32
C LYS H 278 -32.81 17.47 10.38
N GLU H 279 -33.52 16.36 10.60
CA GLU H 279 -33.02 15.31 11.47
C GLU H 279 -32.03 14.40 10.80
N TYR H 280 -31.74 14.60 9.51
CA TYR H 280 -30.74 13.81 8.82
C TYR H 280 -29.49 14.60 8.45
N ASP H 281 -29.63 15.88 8.09
CA ASP H 281 -28.43 16.65 7.78
C ASP H 281 -27.64 16.96 9.03
N SER H 282 -28.31 17.03 10.18
CA SER H 282 -27.63 17.22 11.44
C SER H 282 -26.79 16.01 11.80
N ILE H 283 -27.37 14.81 11.70
CA ILE H 283 -26.64 13.60 12.05
C ILE H 283 -25.62 13.23 10.97
N SER H 284 -25.79 13.71 9.74
CA SER H 284 -24.86 13.38 8.66
C SER H 284 -24.95 14.50 7.64
N ARG H 285 -23.87 15.27 7.50
CA ARG H 285 -23.86 16.42 6.61
C ARG H 285 -23.91 15.95 5.16
N LEU H 286 -25.06 16.17 4.51
CA LEU H 286 -25.25 15.77 3.13
C LEU H 286 -24.40 16.62 2.20
N ASP H 287 -24.08 16.07 1.04
CA ASP H 287 -23.24 16.73 0.07
C ASP H 287 -24.10 17.41 -0.99
N GLN H 288 -23.44 18.12 -1.91
CA GLN H 288 -24.14 18.90 -2.92
C GLN H 288 -24.79 18.02 -3.98
N TRP H 289 -24.35 16.77 -4.13
CA TRP H 289 -25.07 15.85 -5.02
C TRP H 289 -26.40 15.47 -4.39
N LEU H 290 -26.36 14.97 -3.17
CA LEU H 290 -27.54 14.49 -2.46
C LEU H 290 -28.49 15.63 -2.12
N THR H 291 -27.99 16.85 -2.04
CA THR H 291 -28.85 18.01 -1.79
C THR H 291 -29.76 18.26 -2.97
N THR H 292 -29.20 18.30 -4.17
CA THR H 292 -29.97 18.62 -5.36
C THR H 292 -30.96 17.52 -5.71
N MET H 293 -30.59 16.26 -5.48
CA MET H 293 -31.48 15.16 -5.81
C MET H 293 -32.70 15.16 -4.91
N LEU H 294 -32.54 15.53 -3.64
CA LEU H 294 -33.70 15.72 -2.79
C LEU H 294 -34.48 16.95 -3.18
N LEU H 295 -33.77 18.01 -3.61
CA LEU H 295 -34.43 19.26 -3.94
C LEU H 295 -35.25 19.13 -5.22
N ARG H 296 -34.79 18.31 -6.16
CA ARG H 296 -35.59 18.09 -7.36
C ARG H 296 -36.80 17.22 -7.06
N ILE H 297 -36.70 16.35 -6.05
CA ILE H 297 -37.89 15.68 -5.54
C ILE H 297 -38.80 16.68 -4.83
N LYS H 298 -38.19 17.62 -4.12
CA LYS H 298 -38.94 18.64 -3.38
C LYS H 298 -39.70 19.56 -4.33
N LYS H 299 -39.20 19.74 -5.55
CA LYS H 299 -39.99 20.42 -6.57
C LYS H 299 -41.17 19.57 -7.00
N THR H 300 -40.94 18.27 -7.24
CA THR H 300 -42.02 17.40 -7.71
C THR H 300 -43.04 17.12 -6.63
N ILE H 301 -42.63 17.16 -5.36
CA ILE H 301 -43.59 16.90 -4.30
C ILE H 301 -44.51 18.09 -4.10
N GLN H 302 -44.13 19.29 -4.58
CA GLN H 302 -45.03 20.43 -4.55
C GLN H 302 -46.11 20.33 -5.62
N GLY H 303 -45.92 19.46 -6.62
CA GLY H 303 -47.02 19.14 -7.52
C GLY H 303 -48.14 18.41 -6.81
N ASP H 304 -47.81 17.63 -5.77
CA ASP H 304 -48.83 17.07 -4.91
C ASP H 304 -49.44 18.14 -4.00
N GLU H 305 -48.67 19.21 -3.72
CA GLU H 305 -49.22 20.30 -2.91
C GLU H 305 -50.22 21.12 -3.70
N GLU H 306 -49.93 21.43 -4.96
CA GLU H 306 -50.89 22.19 -5.78
C GLU H 306 -52.07 21.34 -6.22
N ASP H 307 -51.93 20.00 -6.19
CA ASP H 307 -53.08 19.13 -6.41
C ASP H 307 -54.03 19.20 -5.23
N LEU H 308 -53.48 19.35 -4.02
CA LEU H 308 -54.32 19.50 -2.82
C LEU H 308 -54.93 20.89 -2.76
N ARG H 309 -54.21 21.90 -3.27
CA ARG H 309 -54.65 23.30 -3.35
C ARG H 309 -55.03 23.91 -2.00
#